data_6L07
#
_entry.id   6L07
#
_cell.length_a   218.191
_cell.length_b   218.191
_cell.length_c   143.798
_cell.angle_alpha   90.000
_cell.angle_beta   90.000
_cell.angle_gamma   120.000
#
_symmetry.space_group_name_H-M   'P 63'
#
loop_
_entity.id
_entity.type
_entity.pdbx_description
1 polymer 'Phosphatidylserine decarboxylase beta chain'
2 polymer 'Phosphatidylserine decarboxylase alpha chain'
3 polymer 'Phosphatidylserine decarboxylase alpha chain'
4 non-polymer 1,2-dioleoyl-sn-glycero-3-phosphoethanolamine
#
loop_
_entity_poly.entity_id
_entity_poly.type
_entity_poly.pdbx_seq_one_letter_code
_entity_poly.pdbx_strand_id
1 'polypeptide(L)'
;MGSSHHHHHHSQDPMLNSFKLSLQYILPKLWLTRLAGWGASKRAGWLTKLVIDLFVKYYKVDMKEAQKPDTASYRTFNEF
FVRPLRDEVRPIDTDPNVLVMPADGVISQLGKIEEDKILQAKGHNYSLEALLAGNYLMADLFRNGTFVTTYLSPRDYHRV
HMPCNGILREMIYVPGDLFSVNHLTAQNVPNLFARNERVICLFDTEFGPMAQILVGATIVGSIETVWAGTITPPREGIIK
RWTWPAGENDGSVALLKGQEMGRFKLG
;
A,B,C,D,E,F,G,H
2 'polypeptide(L)' (PPI)TVINLFAPGKVNLVEQLESLSVTKIGQPLAVSTET I,J,K,L,M
3 'polypeptide(L)' (PYR)TVINLFAPGKVNLVEQLESLSVTKIGQPLAVSTET N,O,P
#
# COMPACT_ATOMS: atom_id res chain seq x y z
N ASP A 13 36.49 32.58 3.43
CA ASP A 13 35.67 31.37 3.39
C ASP A 13 36.20 30.31 2.42
N PRO A 14 36.52 30.67 1.16
CA PRO A 14 37.03 29.64 0.24
C PRO A 14 38.33 29.03 0.68
N MET A 15 39.20 29.78 1.35
CA MET A 15 40.43 29.23 1.89
C MET A 15 40.36 28.97 3.39
N LEU A 16 39.32 29.46 4.08
CA LEU A 16 38.94 28.86 5.35
C LEU A 16 38.69 27.38 5.15
N ASN A 17 37.97 27.03 4.09
CA ASN A 17 37.89 25.64 3.65
C ASN A 17 39.29 25.09 3.39
N SER A 18 40.08 25.79 2.57
CA SER A 18 41.37 25.28 2.15
C SER A 18 42.39 25.24 3.29
N PHE A 19 41.91 25.33 4.54
CA PHE A 19 42.66 24.78 5.66
C PHE A 19 41.81 23.83 6.48
N LYS A 20 40.52 23.68 6.15
CA LYS A 20 39.73 22.61 6.73
C LYS A 20 40.05 21.26 6.09
N LEU A 21 40.20 21.23 4.77
CA LEU A 21 40.65 20.01 4.12
C LEU A 21 42.15 19.78 4.29
N SER A 22 42.91 20.82 4.61
CA SER A 22 44.27 20.62 5.07
C SER A 22 44.27 19.83 6.38
N LEU A 23 43.37 20.21 7.30
CA LEU A 23 43.17 19.44 8.52
C LEU A 23 42.84 17.98 8.23
N GLN A 24 42.24 17.70 7.07
CA GLN A 24 41.80 16.35 6.76
C GLN A 24 42.97 15.40 6.55
N TYR A 25 43.92 15.75 5.68
CA TYR A 25 44.94 14.78 5.31
C TYR A 25 46.10 14.70 6.30
N ILE A 26 46.17 15.58 7.29
CA ILE A 26 47.25 15.49 8.27
C ILE A 26 46.88 14.54 9.41
N LEU A 27 45.70 14.70 9.99
CA LEU A 27 45.36 13.95 11.19
C LEU A 27 45.41 12.45 10.90
N PRO A 28 45.93 11.64 11.83
CA PRO A 28 46.06 10.20 11.55
C PRO A 28 44.70 9.55 11.45
N LYS A 29 44.13 9.61 10.25
CA LYS A 29 42.75 9.17 10.03
C LYS A 29 42.52 7.75 10.53
N LEU A 30 43.48 6.85 10.28
CA LEU A 30 43.32 5.46 10.69
C LEU A 30 43.28 5.34 12.22
N TRP A 31 44.24 5.96 12.90
CA TRP A 31 44.38 5.78 14.33
C TRP A 31 43.15 6.30 15.09
N LEU A 32 42.60 7.42 14.64
CA LEU A 32 41.38 7.94 15.26
C LEU A 32 40.22 6.98 15.04
N THR A 33 40.09 6.48 13.81
CA THR A 33 39.05 5.49 13.49
C THR A 33 39.11 4.30 14.44
N ARG A 34 40.29 3.69 14.58
CA ARG A 34 40.41 2.54 15.46
C ARG A 34 40.18 2.93 16.92
N LEU A 35 40.57 4.16 17.29
CA LEU A 35 40.31 4.63 18.64
C LEU A 35 38.82 4.82 18.88
N ALA A 36 38.13 5.49 17.95
CA ALA A 36 36.69 5.67 18.08
C ALA A 36 35.96 4.34 17.98
N GLY A 37 36.51 3.38 17.24
CA GLY A 37 35.90 2.06 17.19
C GLY A 37 35.98 1.32 18.51
N TRP A 38 37.13 1.42 19.18
CA TRP A 38 37.28 0.83 20.51
C TRP A 38 36.30 1.46 21.50
N GLY A 39 36.07 2.77 21.38
CA GLY A 39 35.19 3.44 22.32
C GLY A 39 33.73 3.10 22.14
N ALA A 40 33.27 3.05 20.89
CA ALA A 40 31.86 2.79 20.63
C ALA A 40 31.49 1.32 20.77
N SER A 41 32.46 0.43 20.75
CA SER A 41 32.22 -1.00 20.85
C SER A 41 32.37 -1.52 22.27
N LYS A 42 32.52 -0.63 23.25
CA LYS A 42 32.69 -1.02 24.64
C LYS A 42 31.42 -0.79 25.44
N ARG A 43 31.28 -1.59 26.49
CA ARG A 43 30.09 -1.63 27.35
C ARG A 43 30.12 -0.44 28.29
N ALA A 44 29.34 0.59 27.98
CA ALA A 44 29.23 1.76 28.84
C ALA A 44 27.76 2.11 29.01
N GLY A 45 27.32 2.23 30.26
CA GLY A 45 25.93 2.50 30.52
C GLY A 45 25.53 3.94 30.27
N TRP A 46 25.59 4.75 31.32
CA TRP A 46 25.29 6.17 31.22
C TRP A 46 26.19 6.87 30.20
N LEU A 47 27.46 6.45 30.12
CA LEU A 47 28.39 7.03 29.16
C LEU A 47 27.82 6.98 27.74
N THR A 48 27.56 5.77 27.24
CA THR A 48 26.98 5.65 25.91
C THR A 48 25.65 6.37 25.83
N LYS A 49 24.77 6.17 26.83
CA LYS A 49 23.49 6.88 26.82
C LYS A 49 23.70 8.39 26.79
N LEU A 50 24.66 8.90 27.56
CA LEU A 50 24.97 10.32 27.48
C LEU A 50 25.52 10.67 26.11
N VAL A 51 26.48 9.89 25.61
CA VAL A 51 27.02 10.11 24.27
C VAL A 51 25.91 9.99 23.22
N ILE A 52 25.06 8.98 23.35
CA ILE A 52 23.96 8.80 22.40
C ILE A 52 23.01 9.99 22.46
N ASP A 53 22.65 10.43 23.67
CA ASP A 53 21.73 11.56 23.82
C ASP A 53 22.31 12.80 23.15
N LEU A 54 23.59 13.10 23.37
CA LEU A 54 24.21 14.25 22.75
C LEU A 54 24.23 14.11 21.22
N PHE A 55 24.63 12.93 20.73
CA PHE A 55 24.56 12.64 19.31
C PHE A 55 23.15 12.90 18.77
N VAL A 56 22.15 12.29 19.41
CA VAL A 56 20.76 12.50 19.00
C VAL A 56 20.41 13.98 18.97
N LYS A 57 20.94 14.73 19.94
CA LYS A 57 20.66 16.16 20.02
C LYS A 57 21.43 16.96 18.97
N TYR A 58 22.66 16.56 18.64
CA TYR A 58 23.45 17.32 17.68
C TYR A 58 22.94 17.11 16.26
N TYR A 59 22.94 15.86 15.80
CA TYR A 59 22.58 15.54 14.42
C TYR A 59 21.09 15.39 14.21
N LYS A 60 20.28 15.59 15.25
CA LYS A 60 18.81 15.59 15.14
C LYS A 60 18.28 14.27 14.60
N VAL A 61 18.64 13.19 15.28
CA VAL A 61 18.15 11.87 14.91
C VAL A 61 16.66 11.77 15.21
N ASP A 62 15.92 11.13 14.31
CA ASP A 62 14.49 10.89 14.50
C ASP A 62 14.33 9.54 15.20
N MET A 63 14.41 9.57 16.53
CA MET A 63 14.32 8.34 17.31
C MET A 63 12.95 7.68 17.21
N LYS A 64 11.92 8.41 16.77
CA LYS A 64 10.60 7.83 16.62
C LYS A 64 10.61 6.64 15.67
N GLU A 65 11.37 6.76 14.58
CA GLU A 65 11.39 5.69 13.57
C GLU A 65 12.13 4.45 14.06
N ALA A 66 12.94 4.58 15.12
CA ALA A 66 13.72 3.44 15.60
C ALA A 66 12.82 2.37 16.21
N GLN A 67 13.28 1.12 16.10
CA GLN A 67 12.52 0.02 16.69
C GLN A 67 12.51 0.10 18.22
N LYS A 68 13.56 0.67 18.80
CA LYS A 68 13.64 0.86 20.26
C LYS A 68 14.07 2.30 20.51
N PRO A 69 13.12 3.19 20.80
CA PRO A 69 13.42 4.63 20.86
C PRO A 69 13.85 5.17 22.21
N ASP A 70 14.12 4.32 23.20
CA ASP A 70 14.68 4.77 24.47
C ASP A 70 16.20 4.66 24.36
N THR A 71 16.88 5.81 24.42
CA THR A 71 18.33 5.82 24.23
C THR A 71 19.07 4.92 25.21
N ALA A 72 18.43 4.57 26.33
CA ALA A 72 19.05 3.64 27.28
C ALA A 72 18.93 2.19 26.85
N SER A 73 17.96 1.86 25.99
CA SER A 73 17.73 0.48 25.59
C SER A 73 18.82 -0.09 24.69
N TYR A 74 19.96 0.58 24.52
CA TYR A 74 21.03 0.10 23.67
C TYR A 74 22.31 -0.01 24.50
N ARG A 75 22.97 -1.16 24.41
CA ARG A 75 24.13 -1.47 25.23
C ARG A 75 25.33 -0.62 24.82
N THR A 76 26.02 -1.03 23.75
CA THR A 76 27.17 -0.29 23.27
C THR A 76 26.69 0.89 22.42
N PHE A 77 27.63 1.56 21.76
CA PHE A 77 27.27 2.65 20.86
C PHE A 77 27.09 2.18 19.42
N ASN A 78 27.85 1.17 18.99
CA ASN A 78 27.67 0.62 17.66
C ASN A 78 26.30 -0.01 17.50
N GLU A 79 25.73 -0.53 18.59
CA GLU A 79 24.37 -1.07 18.54
C GLU A 79 23.37 0.04 18.21
N PHE A 80 23.50 1.20 18.87
CA PHE A 80 22.67 2.35 18.51
C PHE A 80 22.95 2.80 17.09
N PHE A 81 24.16 2.54 16.58
CA PHE A 81 24.49 2.94 15.22
C PHE A 81 23.81 2.02 14.20
N VAL A 82 23.82 0.72 14.44
CA VAL A 82 23.25 -0.26 13.52
C VAL A 82 21.79 -0.52 13.91
N ARG A 83 21.13 0.49 14.46
CA ARG A 83 19.79 0.34 15.01
C ARG A 83 18.82 -0.21 13.95
N PRO A 84 18.24 -1.39 14.17
CA PRO A 84 17.14 -1.81 13.29
C PRO A 84 15.95 -0.89 13.47
N LEU A 85 15.28 -0.60 12.36
CA LEU A 85 14.19 0.38 12.36
C LEU A 85 12.85 -0.31 12.62
N ARG A 86 11.84 0.52 12.87
CA ARG A 86 10.46 0.05 12.81
C ARG A 86 10.18 -0.30 11.36
N ASP A 87 10.22 -1.60 11.04
CA ASP A 87 9.96 -2.07 9.68
C ASP A 87 8.68 -1.49 9.10
N GLU A 88 7.76 -1.01 9.93
CA GLU A 88 6.54 -0.35 9.48
C GLU A 88 6.80 1.02 8.86
N VAL A 89 8.03 1.54 8.93
CA VAL A 89 8.30 2.90 8.48
C VAL A 89 8.97 2.94 7.10
N ARG A 90 9.56 1.84 6.64
CA ARG A 90 10.23 1.80 5.34
C ARG A 90 9.50 0.83 4.41
N PRO A 91 8.62 1.33 3.53
CA PRO A 91 7.81 0.42 2.71
C PRO A 91 8.40 0.13 1.34
N ILE A 92 8.92 -1.09 1.16
CA ILE A 92 9.44 -1.48 -0.14
C ILE A 92 8.35 -1.37 -1.19
N ASP A 93 8.67 -0.72 -2.31
CA ASP A 93 7.67 -0.44 -3.34
C ASP A 93 7.09 -1.73 -3.90
N THR A 94 5.85 -1.64 -4.39
CA THR A 94 5.13 -2.81 -4.87
C THR A 94 5.61 -3.24 -6.26
N ASP A 95 5.61 -2.30 -7.21
CA ASP A 95 5.90 -2.51 -8.63
C ASP A 95 7.19 -3.29 -8.82
N PRO A 96 7.12 -4.56 -9.26
CA PRO A 96 8.35 -5.31 -9.53
C PRO A 96 9.13 -4.79 -10.72
N ASN A 97 8.58 -3.84 -11.48
CA ASN A 97 9.31 -3.19 -12.56
C ASN A 97 9.92 -1.86 -12.12
N VAL A 98 9.93 -1.56 -10.82
CA VAL A 98 10.67 -0.43 -10.30
C VAL A 98 11.74 -0.95 -9.35
N LEU A 99 12.92 -0.33 -9.39
CA LEU A 99 14.00 -0.61 -8.45
C LEU A 99 13.95 0.42 -7.34
N VAL A 100 14.03 -0.04 -6.11
CA VAL A 100 13.75 0.77 -4.93
C VAL A 100 15.07 1.31 -4.38
N MET A 101 14.99 2.42 -3.64
CA MET A 101 16.20 3.08 -3.18
C MET A 101 16.97 2.17 -2.21
N PRO A 102 18.30 2.23 -2.19
CA PRO A 102 19.06 1.22 -1.44
C PRO A 102 19.24 1.54 0.04
N ALA A 103 19.43 2.82 0.39
CA ALA A 103 19.71 3.17 1.77
C ALA A 103 19.27 4.59 2.05
N ASP A 104 19.05 4.90 3.33
CA ASP A 104 18.58 6.22 3.73
C ASP A 104 19.71 7.24 3.63
N GLY A 105 19.35 8.46 3.26
CA GLY A 105 20.29 9.55 3.19
C GLY A 105 19.83 10.59 2.18
N VAL A 106 20.80 11.16 1.47
CA VAL A 106 20.54 12.12 0.40
C VAL A 106 21.40 11.76 -0.80
N ILE A 107 20.85 11.94 -2.00
CA ILE A 107 21.54 11.54 -3.22
C ILE A 107 22.71 12.48 -3.46
N SER A 108 23.91 11.91 -3.59
CA SER A 108 25.09 12.69 -3.94
C SER A 108 25.05 13.06 -5.41
N GLN A 109 25.33 12.09 -6.28
CA GLN A 109 25.25 12.28 -7.73
C GLN A 109 24.67 11.05 -8.38
N LEU A 110 24.04 11.23 -9.53
CA LEU A 110 23.42 10.14 -10.27
C LEU A 110 23.35 10.51 -11.74
N GLY A 111 22.97 9.54 -12.56
CA GLY A 111 22.83 9.75 -13.97
C GLY A 111 23.48 8.62 -14.74
N LYS A 112 23.76 8.88 -16.00
CA LYS A 112 24.39 7.89 -16.86
C LYS A 112 25.90 7.95 -16.70
N ILE A 113 26.51 6.76 -16.63
CA ILE A 113 27.97 6.64 -16.72
C ILE A 113 28.38 6.79 -18.17
N GLU A 114 29.12 7.87 -18.47
CA GLU A 114 29.47 8.22 -19.85
C GLU A 114 30.83 7.63 -20.18
N GLU A 115 30.83 6.42 -20.72
CA GLU A 115 32.04 5.74 -21.17
C GLU A 115 33.09 5.69 -20.07
N ASP A 116 32.77 4.97 -19.00
CA ASP A 116 33.70 4.56 -17.95
C ASP A 116 34.06 5.71 -16.99
N LYS A 117 33.56 6.94 -17.23
CA LYS A 117 33.88 8.10 -16.40
C LYS A 117 32.64 8.53 -15.61
N ILE A 118 32.67 8.33 -14.29
CA ILE A 118 31.55 8.66 -13.41
C ILE A 118 31.79 10.05 -12.81
N LEU A 119 30.76 10.89 -12.82
CA LEU A 119 30.83 12.19 -12.16
C LEU A 119 30.90 12.01 -10.65
N GLN A 120 32.01 12.47 -10.05
CA GLN A 120 32.11 12.52 -8.59
C GLN A 120 31.41 13.76 -8.06
N ALA A 121 32.03 14.92 -8.27
CA ALA A 121 31.41 16.22 -8.07
C ALA A 121 31.76 17.08 -9.28
N LYS A 122 31.29 18.32 -9.27
CA LYS A 122 31.54 19.21 -10.40
C LYS A 122 33.04 19.44 -10.56
N GLY A 123 33.58 19.02 -11.70
CA GLY A 123 34.99 19.16 -12.00
C GLY A 123 35.86 17.99 -11.61
N HIS A 124 35.27 16.87 -11.17
CA HIS A 124 36.01 15.70 -10.78
C HIS A 124 35.26 14.44 -11.20
N ASN A 125 35.95 13.52 -11.85
CA ASN A 125 35.38 12.23 -12.21
C ASN A 125 36.42 11.14 -11.96
N TYR A 126 35.95 9.90 -11.89
CA TYR A 126 36.82 8.77 -11.58
C TYR A 126 36.51 7.61 -12.51
N SER A 127 37.51 6.76 -12.73
CA SER A 127 37.38 5.67 -13.68
C SER A 127 36.56 4.53 -13.12
N LEU A 128 35.78 3.88 -13.99
CA LEU A 128 35.08 2.67 -13.61
C LEU A 128 36.07 1.57 -13.22
N GLU A 129 37.28 1.60 -13.77
CA GLU A 129 38.29 0.61 -13.43
C GLU A 129 38.90 0.86 -12.06
N ALA A 130 39.37 2.10 -11.82
CA ALA A 130 40.03 2.42 -10.56
C ALA A 130 39.09 2.26 -9.38
N LEU A 131 37.78 2.46 -9.60
CA LEU A 131 36.81 2.19 -8.55
C LEU A 131 36.75 0.68 -8.27
N LEU A 132 36.63 -0.12 -9.32
CA LEU A 132 36.60 -1.57 -9.20
C LEU A 132 37.98 -2.20 -9.06
N ALA A 133 39.00 -1.40 -8.75
CA ALA A 133 40.35 -1.90 -8.45
C ALA A 133 40.94 -2.70 -9.61
N GLY A 134 40.79 -2.17 -10.82
CA GLY A 134 41.41 -2.76 -11.98
C GLY A 134 40.71 -3.99 -12.55
N ASN A 135 39.60 -4.41 -11.98
CA ASN A 135 38.84 -5.55 -12.50
C ASN A 135 38.16 -5.08 -13.79
N TYR A 136 38.94 -5.00 -14.87
CA TYR A 136 38.44 -4.46 -16.12
C TYR A 136 37.33 -5.30 -16.72
N LEU A 137 37.27 -6.59 -16.38
CA LEU A 137 36.13 -7.40 -16.78
C LEU A 137 34.84 -6.88 -16.16
N MET A 138 34.85 -6.69 -14.83
CA MET A 138 33.70 -6.10 -14.16
C MET A 138 33.45 -4.68 -14.65
N ALA A 139 34.52 -3.94 -14.93
CA ALA A 139 34.36 -2.59 -15.46
C ALA A 139 33.72 -2.61 -16.84
N ASP A 140 34.17 -3.51 -17.72
CA ASP A 140 33.62 -3.62 -19.05
C ASP A 140 32.13 -3.95 -19.03
N LEU A 141 31.62 -4.49 -17.92
CA LEU A 141 30.20 -4.81 -17.83
C LEU A 141 29.34 -3.56 -17.77
N PHE A 142 29.85 -2.47 -17.20
CA PHE A 142 29.05 -1.30 -16.89
C PHE A 142 29.42 -0.07 -17.71
N ARG A 143 30.19 -0.23 -18.78
CA ARG A 143 30.53 0.91 -19.61
C ARG A 143 29.26 1.43 -20.30
N ASN A 144 29.02 2.74 -20.16
CA ASN A 144 27.86 3.41 -20.76
C ASN A 144 26.54 2.89 -20.19
N GLY A 145 26.53 2.60 -18.89
CA GLY A 145 25.32 2.22 -18.20
C GLY A 145 24.69 3.36 -17.40
N THR A 146 24.35 3.10 -16.14
CA THR A 146 23.84 4.13 -15.24
C THR A 146 24.42 3.91 -13.85
N PHE A 147 24.30 4.92 -13.00
CA PHE A 147 24.84 4.87 -11.64
C PHE A 147 24.02 5.74 -10.71
N VAL A 148 24.30 5.62 -9.41
CA VAL A 148 23.72 6.49 -8.39
C VAL A 148 24.58 6.36 -7.14
N THR A 149 24.73 7.47 -6.42
CA THR A 149 25.60 7.53 -5.25
C THR A 149 24.84 8.22 -4.11
N THR A 150 24.83 7.58 -2.94
CA THR A 150 24.04 8.03 -1.81
C THR A 150 24.94 8.32 -0.62
N TYR A 151 24.85 9.54 -0.09
CA TYR A 151 25.58 9.95 1.10
C TYR A 151 24.75 9.68 2.34
N LEU A 152 25.33 8.96 3.30
CA LEU A 152 24.63 8.55 4.53
C LEU A 152 25.10 9.42 5.69
N SER A 153 24.37 10.52 5.92
CA SER A 153 24.65 11.40 7.03
C SER A 153 24.56 10.62 8.36
N PRO A 154 25.27 11.07 9.41
CA PRO A 154 25.15 10.39 10.70
C PRO A 154 23.73 10.31 11.22
N ARG A 155 22.88 11.27 10.90
CA ARG A 155 21.48 11.24 11.34
C ARG A 155 20.74 10.03 10.77
N ASP A 156 21.11 9.61 9.56
CA ASP A 156 20.31 8.64 8.82
C ASP A 156 20.51 7.22 9.35
N TYR A 157 19.64 6.33 8.86
CA TYR A 157 19.81 4.89 9.00
C TYR A 157 21.17 4.48 8.44
N HIS A 158 21.69 3.35 8.92
CA HIS A 158 23.05 2.95 8.54
C HIS A 158 23.18 1.50 8.10
N ARG A 159 22.08 0.82 7.78
CA ARG A 159 22.15 -0.46 7.11
C ARG A 159 21.78 -0.30 5.64
N VAL A 160 22.33 -1.19 4.81
CA VAL A 160 22.19 -1.09 3.36
C VAL A 160 21.26 -2.20 2.90
N HIS A 161 20.32 -1.84 2.02
CA HIS A 161 19.31 -2.78 1.53
C HIS A 161 19.36 -2.85 0.01
N MET A 162 18.80 -3.95 -0.53
CA MET A 162 18.84 -4.22 -1.95
C MET A 162 17.79 -3.39 -2.69
N PRO A 163 18.11 -2.94 -3.91
CA PRO A 163 17.10 -2.26 -4.73
C PRO A 163 16.17 -3.22 -5.47
N CYS A 164 16.58 -4.48 -5.62
CA CYS A 164 15.81 -5.46 -6.35
C CYS A 164 16.30 -6.84 -5.94
N ASN A 165 15.60 -7.87 -6.40
CA ASN A 165 16.06 -9.24 -6.17
C ASN A 165 17.44 -9.43 -6.77
N GLY A 166 18.30 -10.13 -6.05
CA GLY A 166 19.67 -10.30 -6.47
C GLY A 166 20.18 -11.68 -6.13
N ILE A 167 21.12 -12.15 -6.96
CA ILE A 167 21.84 -13.39 -6.73
C ILE A 167 23.32 -13.04 -6.66
N LEU A 168 23.94 -13.32 -5.52
CA LEU A 168 25.34 -12.95 -5.32
C LEU A 168 26.24 -13.76 -6.24
N ARG A 169 27.18 -13.07 -6.90
CA ARG A 169 28.17 -13.71 -7.76
C ARG A 169 29.59 -13.43 -7.31
N GLU A 170 29.92 -12.16 -7.07
CA GLU A 170 31.26 -11.78 -6.64
C GLU A 170 31.18 -10.80 -5.48
N MET A 171 32.23 -10.79 -4.66
CA MET A 171 32.43 -9.77 -3.65
C MET A 171 33.92 -9.48 -3.55
N ILE A 172 34.27 -8.21 -3.49
CA ILE A 172 35.67 -7.78 -3.50
C ILE A 172 35.85 -6.73 -2.42
N TYR A 173 36.75 -6.99 -1.47
CA TYR A 173 37.17 -6.00 -0.49
C TYR A 173 38.40 -5.28 -1.03
N VAL A 174 38.42 -3.96 -0.88
CA VAL A 174 39.49 -3.10 -1.39
C VAL A 174 40.02 -2.28 -0.22
N PRO A 175 41.31 -2.28 0.05
CA PRO A 175 41.87 -1.40 1.09
C PRO A 175 42.01 0.02 0.58
N GLY A 176 42.16 0.93 1.54
CA GLY A 176 42.36 2.32 1.18
C GLY A 176 42.31 3.22 2.40
N ASP A 177 42.42 4.52 2.12
CA ASP A 177 42.44 5.53 3.16
C ASP A 177 41.07 5.64 3.83
N LEU A 178 40.96 6.59 4.77
CA LEU A 178 39.72 6.86 5.47
C LEU A 178 39.56 8.38 5.52
N PHE A 179 39.31 8.99 4.36
CA PHE A 179 38.91 10.38 4.33
C PHE A 179 37.44 10.50 4.71
N SER A 180 37.07 11.67 5.22
CA SER A 180 35.66 12.01 5.35
C SER A 180 35.03 12.07 3.95
N VAL A 181 33.85 11.45 3.82
CA VAL A 181 33.15 11.42 2.54
C VAL A 181 32.07 12.51 2.46
N ASN A 182 32.06 13.43 3.43
CA ASN A 182 31.19 14.59 3.37
C ASN A 182 31.42 15.41 2.10
N HIS A 183 30.45 16.25 1.79
CA HIS A 183 30.45 16.99 0.52
C HIS A 183 31.66 17.91 0.41
N LEU A 184 32.10 18.50 1.52
CA LEU A 184 33.26 19.38 1.49
C LEU A 184 34.49 18.66 0.92
N THR A 185 34.72 17.43 1.36
CA THR A 185 35.79 16.63 0.77
C THR A 185 35.41 16.09 -0.59
N ALA A 186 34.10 15.93 -0.86
CA ALA A 186 33.68 15.35 -2.13
C ALA A 186 33.96 16.29 -3.29
N GLN A 187 34.06 17.60 -3.03
CA GLN A 187 34.30 18.58 -4.07
C GLN A 187 35.78 18.96 -4.17
N ASN A 188 36.67 18.27 -3.46
CA ASN A 188 38.09 18.62 -3.49
C ASN A 188 39.04 17.42 -3.49
N VAL A 189 38.66 16.27 -2.95
CA VAL A 189 39.53 15.10 -2.90
C VAL A 189 39.26 14.27 -4.16
N PRO A 190 40.22 14.16 -5.08
CA PRO A 190 39.97 13.43 -6.33
C PRO A 190 39.93 11.93 -6.11
N ASN A 191 39.02 11.27 -6.82
CA ASN A 191 38.83 9.82 -6.75
C ASN A 191 38.68 9.34 -5.31
N LEU A 192 37.88 10.09 -4.54
CA LEU A 192 37.69 9.76 -3.13
C LEU A 192 37.16 8.34 -2.96
N PHE A 193 36.13 7.99 -3.72
CA PHE A 193 35.55 6.66 -3.63
C PHE A 193 36.45 5.58 -4.22
N ALA A 194 37.40 5.97 -5.07
CA ALA A 194 38.36 5.02 -5.62
C ALA A 194 39.58 4.83 -4.74
N ARG A 195 39.80 5.71 -3.76
CA ARG A 195 40.91 5.57 -2.83
C ARG A 195 40.47 5.02 -1.48
N ASN A 196 39.39 5.55 -0.92
CA ASN A 196 38.95 5.13 0.41
C ASN A 196 38.58 3.65 0.45
N GLU A 197 38.74 3.05 1.62
CA GLU A 197 38.40 1.65 1.82
C GLU A 197 36.95 1.39 1.42
N ARG A 198 36.73 0.26 0.75
CA ARG A 198 35.42 -0.03 0.20
C ARG A 198 35.25 -1.53 -0.02
N VAL A 199 33.99 -1.95 -0.17
CA VAL A 199 33.64 -3.33 -0.45
C VAL A 199 32.65 -3.34 -1.61
N ILE A 200 32.91 -4.17 -2.60
CA ILE A 200 32.12 -4.23 -3.83
C ILE A 200 31.29 -5.50 -3.82
N CYS A 201 30.02 -5.39 -4.15
CA CYS A 201 29.11 -6.52 -4.25
C CYS A 201 28.52 -6.57 -5.66
N LEU A 202 28.61 -7.74 -6.29
CA LEU A 202 28.14 -7.92 -7.66
C LEU A 202 27.05 -8.97 -7.68
N PHE A 203 25.88 -8.59 -8.20
CA PHE A 203 24.73 -9.49 -8.31
C PHE A 203 24.34 -9.68 -9.76
N ASP A 204 23.66 -10.79 -10.03
CA ASP A 204 22.81 -10.93 -11.19
C ASP A 204 21.39 -10.56 -10.78
N THR A 205 20.69 -9.87 -11.66
CA THR A 205 19.31 -9.50 -11.38
C THR A 205 18.53 -9.44 -12.69
N GLU A 206 17.21 -9.29 -12.56
CA GLU A 206 16.31 -9.33 -13.71
C GLU A 206 16.54 -8.15 -14.66
N PHE A 207 17.48 -7.28 -14.31
CA PHE A 207 17.81 -6.10 -15.11
C PHE A 207 19.31 -6.07 -15.37
N GLY A 208 19.81 -7.14 -15.99
CA GLY A 208 21.22 -7.30 -16.23
C GLY A 208 21.99 -7.49 -14.94
N PRO A 209 23.29 -7.24 -14.96
CA PRO A 209 24.07 -7.27 -13.73
C PRO A 209 23.91 -5.98 -12.94
N MET A 210 24.22 -6.05 -11.66
CA MET A 210 24.09 -4.90 -10.78
C MET A 210 25.16 -4.96 -9.71
N ALA A 211 25.81 -3.83 -9.47
CA ALA A 211 26.83 -3.70 -8.45
C ALA A 211 26.36 -2.74 -7.36
N GLN A 212 26.61 -3.12 -6.11
CA GLN A 212 26.31 -2.27 -4.97
C GLN A 212 27.56 -2.21 -4.09
N ILE A 213 28.11 -1.02 -3.91
CA ILE A 213 29.43 -0.83 -3.30
C ILE A 213 29.26 -0.05 -2.00
N LEU A 214 29.88 -0.54 -0.94
CA LEU A 214 29.88 0.11 0.35
C LEU A 214 31.25 0.73 0.60
N VAL A 215 31.28 2.00 0.99
CA VAL A 215 32.52 2.75 1.18
C VAL A 215 32.50 3.39 2.56
N GLY A 216 33.61 3.27 3.29
CA GLY A 216 33.65 3.77 4.64
C GLY A 216 34.05 5.23 4.73
N ALA A 217 33.77 5.80 5.91
CA ALA A 217 34.06 7.18 6.24
C ALA A 217 35.32 7.26 7.10
N THR A 218 35.63 8.45 7.64
CA THR A 218 36.94 8.62 8.26
C THR A 218 37.01 8.02 9.65
N ILE A 219 35.89 7.91 10.38
CA ILE A 219 35.81 6.98 11.49
C ILE A 219 34.76 5.91 11.30
N VAL A 220 33.75 6.14 10.46
CA VAL A 220 32.81 5.06 10.11
C VAL A 220 33.54 4.19 9.09
N GLY A 221 34.52 3.41 9.57
CA GLY A 221 35.37 2.62 8.71
C GLY A 221 35.12 1.13 8.72
N SER A 222 34.03 0.67 9.30
CA SER A 222 33.69 -0.74 9.31
C SER A 222 32.58 -1.04 8.32
N ILE A 223 32.71 -2.16 7.62
CA ILE A 223 31.75 -2.59 6.62
C ILE A 223 31.46 -4.07 6.84
N GLU A 224 30.19 -4.42 7.01
CA GLU A 224 29.79 -5.81 7.18
C GLU A 224 28.62 -6.10 6.26
N THR A 225 28.67 -7.24 5.60
CA THR A 225 27.56 -7.77 4.82
C THR A 225 26.85 -8.85 5.64
N VAL A 226 25.59 -9.09 5.29
CA VAL A 226 24.80 -10.04 6.06
C VAL A 226 25.26 -11.47 5.81
N TRP A 227 25.84 -11.74 4.64
CA TRP A 227 26.23 -13.10 4.28
C TRP A 227 27.64 -13.46 4.71
N ALA A 228 28.44 -12.49 5.15
CA ALA A 228 29.79 -12.77 5.62
C ALA A 228 30.14 -12.06 6.92
N GLY A 229 29.20 -11.32 7.51
CA GLY A 229 29.50 -10.62 8.74
C GLY A 229 30.48 -9.47 8.52
N THR A 230 31.22 -9.14 9.57
CA THR A 230 32.16 -8.03 9.50
C THR A 230 33.35 -8.39 8.60
N ILE A 231 33.64 -7.52 7.65
CA ILE A 231 34.73 -7.73 6.70
C ILE A 231 35.96 -6.88 7.05
N THR A 232 35.74 -5.64 7.48
CA THR A 232 36.81 -4.77 7.91
C THR A 232 36.23 -3.90 9.02
N PRO A 233 36.96 -3.72 10.14
CA PRO A 233 38.26 -4.33 10.48
C PRO A 233 38.16 -5.84 10.67
N PRO A 234 39.28 -6.57 10.61
CA PRO A 234 40.67 -6.15 10.41
C PRO A 234 40.95 -5.55 9.04
N ARG A 235 41.90 -4.62 8.99
CA ARG A 235 42.29 -3.94 7.75
C ARG A 235 43.60 -4.55 7.27
N GLU A 236 43.50 -5.74 6.67
CA GLU A 236 44.69 -6.48 6.27
C GLU A 236 45.40 -5.85 5.08
N GLY A 237 44.87 -4.79 4.49
CA GLY A 237 45.61 -4.00 3.53
C GLY A 237 45.79 -4.62 2.15
N ILE A 238 45.10 -5.71 1.84
CA ILE A 238 45.17 -6.31 0.51
C ILE A 238 43.76 -6.50 -0.03
N ILE A 239 43.64 -7.24 -1.14
CA ILE A 239 42.36 -7.43 -1.83
C ILE A 239 41.92 -8.87 -1.66
N LYS A 240 40.69 -9.04 -1.17
CA LYS A 240 40.06 -10.35 -1.04
C LYS A 240 38.91 -10.45 -2.03
N ARG A 241 38.74 -11.63 -2.63
CA ARG A 241 37.71 -11.82 -3.64
C ARG A 241 37.21 -13.25 -3.58
N TRP A 242 35.88 -13.40 -3.52
CA TRP A 242 35.25 -14.71 -3.56
C TRP A 242 34.26 -14.79 -4.73
N THR A 243 33.90 -16.02 -5.08
CA THR A 243 33.01 -16.31 -6.19
C THR A 243 31.88 -17.24 -5.77
N TRP A 244 30.70 -17.03 -6.37
CA TRP A 244 29.47 -17.78 -6.09
C TRP A 244 28.93 -18.47 -7.34
N PRO A 245 27.95 -19.42 -7.21
CA PRO A 245 27.39 -20.04 -8.42
C PRO A 245 26.41 -19.13 -9.15
N ALA A 246 25.72 -19.66 -10.16
CA ALA A 246 24.78 -18.89 -10.98
C ALA A 246 23.41 -18.72 -10.35
N GLY A 247 23.21 -19.23 -9.13
CA GLY A 247 21.91 -19.15 -8.49
C GLY A 247 21.09 -20.42 -8.70
N GLU A 248 20.32 -20.81 -7.69
CA GLU A 248 19.63 -22.11 -7.66
C GLU A 248 20.61 -23.24 -7.98
N ASN A 249 21.68 -23.25 -7.20
CA ASN A 249 22.75 -24.23 -7.31
C ASN A 249 23.25 -24.48 -5.89
N ASP A 250 24.08 -25.52 -5.75
CA ASP A 250 24.66 -25.80 -4.44
C ASP A 250 25.57 -24.66 -4.01
N GLY A 251 25.31 -24.14 -2.81
CA GLY A 251 26.08 -23.03 -2.30
C GLY A 251 25.71 -21.69 -2.91
N SER A 252 24.52 -21.56 -3.48
CA SER A 252 24.09 -20.31 -4.09
C SER A 252 23.47 -19.39 -3.04
N VAL A 253 23.75 -18.10 -3.16
CA VAL A 253 23.26 -17.08 -2.24
C VAL A 253 22.41 -16.09 -3.02
N ALA A 254 21.23 -15.78 -2.50
CA ALA A 254 20.34 -14.82 -3.13
C ALA A 254 19.57 -14.07 -2.05
N LEU A 255 19.05 -12.90 -2.43
CA LEU A 255 18.29 -12.06 -1.51
C LEU A 255 17.39 -11.15 -2.33
N LEU A 256 16.30 -10.71 -1.70
CA LEU A 256 15.17 -10.13 -2.40
C LEU A 256 15.16 -8.61 -2.32
N LYS A 257 14.27 -8.01 -3.10
CA LYS A 257 14.10 -6.57 -3.19
C LYS A 257 13.73 -5.96 -1.85
N GLY A 258 14.67 -5.29 -1.20
CA GLY A 258 14.45 -4.68 0.09
C GLY A 258 15.10 -5.37 1.26
N GLN A 259 15.73 -6.52 1.06
CA GLN A 259 16.41 -7.21 2.14
C GLN A 259 17.64 -6.43 2.58
N GLU A 260 18.01 -6.60 3.85
CA GLU A 260 19.25 -6.04 4.34
C GLU A 260 20.43 -6.83 3.78
N MET A 261 21.35 -6.14 3.12
CA MET A 261 22.54 -6.78 2.59
C MET A 261 23.82 -6.40 3.36
N GLY A 262 23.75 -5.41 4.22
CA GLY A 262 24.92 -4.99 4.97
C GLY A 262 24.65 -3.70 5.72
N ARG A 263 25.69 -3.23 6.40
CA ARG A 263 25.57 -2.02 7.19
C ARG A 263 26.95 -1.45 7.47
N PHE A 264 26.97 -0.18 7.88
CA PHE A 264 28.19 0.51 8.27
C PHE A 264 28.31 0.56 9.79
N LYS A 265 29.54 0.77 10.25
CA LYS A 265 29.85 0.63 11.67
C LYS A 265 31.11 1.42 11.99
N LEU A 266 31.23 1.83 13.24
CA LEU A 266 32.43 2.52 13.69
C LEU A 266 33.55 1.52 13.96
N GLY A 267 34.76 1.90 13.57
CA GLY A 267 35.92 1.04 13.79
C GLY A 267 36.94 1.07 12.68
N THR B 2 28.75 5.99 2.61
CA THR B 2 28.27 6.30 1.27
C THR B 2 28.18 5.00 0.45
N VAL B 3 27.09 4.86 -0.31
CA VAL B 3 26.85 3.68 -1.14
C VAL B 3 26.86 4.11 -2.59
N ILE B 4 27.20 3.16 -3.47
CA ILE B 4 27.36 3.40 -4.89
C ILE B 4 26.77 2.21 -5.65
N ASN B 5 26.00 2.50 -6.69
CA ASN B 5 25.32 1.47 -7.49
C ASN B 5 25.71 1.58 -8.95
N LEU B 6 25.81 0.44 -9.62
CA LEU B 6 26.09 0.35 -11.05
C LEU B 6 25.04 -0.54 -11.71
N PHE B 7 24.76 -0.25 -12.99
CA PHE B 7 23.74 -0.99 -13.72
C PHE B 7 24.19 -1.22 -15.16
N ALA B 8 23.57 -2.21 -15.79
CA ALA B 8 23.80 -2.48 -17.19
C ALA B 8 23.29 -1.32 -18.05
N PRO B 9 23.82 -1.17 -19.27
CA PRO B 9 23.54 0.06 -20.04
C PRO B 9 22.07 0.32 -20.32
N GLY B 10 21.35 -0.65 -20.90
CA GLY B 10 20.01 -0.41 -21.38
C GLY B 10 18.85 -0.97 -20.58
N LYS B 11 19.10 -1.58 -19.43
CA LYS B 11 18.04 -2.29 -18.70
C LYS B 11 17.25 -1.41 -17.73
N VAL B 12 17.74 -0.22 -17.41
CA VAL B 12 17.21 0.53 -16.26
C VAL B 12 17.27 2.02 -16.55
N ASN B 13 16.18 2.72 -16.22
CA ASN B 13 16.10 4.17 -16.25
C ASN B 13 15.75 4.68 -14.85
N LEU B 14 16.55 5.60 -14.33
CA LEU B 14 16.27 6.16 -13.02
C LEU B 14 15.21 7.25 -13.12
N VAL B 15 14.78 7.73 -11.95
CA VAL B 15 13.68 8.69 -11.90
C VAL B 15 14.16 10.05 -12.39
N GLU B 16 13.37 10.67 -13.28
CA GLU B 16 13.78 11.94 -13.87
C GLU B 16 13.72 13.08 -12.87
N GLN B 17 12.82 12.99 -11.88
CA GLN B 17 12.72 14.04 -10.87
C GLN B 17 13.86 14.02 -9.86
N LEU B 18 14.67 12.96 -9.86
CA LEU B 18 15.79 12.85 -8.93
C LEU B 18 17.00 13.64 -9.43
N GLU B 19 17.68 14.29 -8.51
CA GLU B 19 18.93 14.99 -8.80
C GLU B 19 19.77 14.97 -7.54
N SER B 20 20.83 15.78 -7.52
CA SER B 20 21.64 15.91 -6.32
C SER B 20 20.82 16.53 -5.20
N LEU B 21 21.20 16.20 -3.96
CA LEU B 21 20.58 16.69 -2.73
C LEU B 21 19.13 16.22 -2.56
N SER B 22 18.65 15.31 -3.42
CA SER B 22 17.33 14.75 -3.22
C SER B 22 17.30 13.88 -1.96
N VAL B 23 16.11 13.68 -1.42
CA VAL B 23 15.93 12.96 -0.17
C VAL B 23 15.82 11.47 -0.48
N THR B 24 16.71 10.68 0.11
CA THR B 24 16.82 9.25 -0.19
C THR B 24 16.29 8.45 1.00
N LYS B 25 15.11 7.87 0.85
CA LYS B 25 14.55 6.95 1.82
C LYS B 25 14.36 5.59 1.18
N ILE B 26 14.53 4.54 1.99
CA ILE B 26 14.73 3.19 1.46
C ILE B 26 13.58 2.76 0.57
N GLY B 27 12.36 2.78 1.11
CA GLY B 27 11.22 2.21 0.41
C GLY B 27 10.75 2.95 -0.83
N GLN B 28 11.39 4.07 -1.18
CA GLN B 28 10.90 4.87 -2.29
C GLN B 28 11.53 4.40 -3.62
N PRO B 29 10.86 4.65 -4.75
CA PRO B 29 11.38 4.18 -6.03
C PRO B 29 12.66 4.89 -6.44
N LEU B 30 13.45 4.22 -7.28
CA LEU B 30 14.74 4.75 -7.70
C LEU B 30 14.94 4.58 -9.20
N ALA B 31 14.40 3.49 -9.77
CA ALA B 31 14.62 3.21 -11.18
C ALA B 31 13.59 2.21 -11.67
N VAL B 32 13.18 2.35 -12.92
CA VAL B 32 12.13 1.54 -13.53
C VAL B 32 12.68 0.79 -14.72
N SER B 33 12.30 -0.48 -14.85
CA SER B 33 12.75 -1.31 -15.96
C SER B 33 12.20 -0.78 -17.29
N THR B 34 12.94 -1.06 -18.36
CA THR B 34 12.57 -0.60 -19.69
C THR B 34 11.66 -1.57 -20.43
N GLU B 35 11.42 -2.75 -19.89
CA GLU B 35 10.58 -3.75 -20.55
C GLU B 35 9.13 -3.26 -20.68
N ASP C 13 61.04 -10.70 -54.98
CA ASP C 13 59.83 -11.36 -54.50
C ASP C 13 59.18 -10.64 -53.30
N PRO C 14 59.95 -10.30 -52.25
CA PRO C 14 59.31 -9.62 -51.12
C PRO C 14 58.75 -8.25 -51.49
N MET C 15 59.55 -7.40 -52.11
CA MET C 15 59.09 -6.09 -52.56
C MET C 15 58.43 -6.15 -53.94
N LEU C 16 58.51 -7.30 -54.63
CA LEU C 16 57.68 -7.50 -55.80
C LEU C 16 56.21 -7.41 -55.46
N ASN C 17 55.84 -7.81 -54.23
CA ASN C 17 54.48 -7.63 -53.77
C ASN C 17 54.08 -6.16 -53.76
N SER C 18 55.04 -5.26 -53.53
CA SER C 18 54.74 -3.84 -53.56
C SER C 18 54.24 -3.39 -54.92
N PHE C 19 54.49 -4.16 -55.98
CA PHE C 19 53.78 -3.95 -57.24
C PHE C 19 52.33 -4.38 -57.12
N LYS C 20 52.11 -5.62 -56.70
CA LYS C 20 50.75 -6.12 -56.47
C LYS C 20 50.01 -5.27 -55.45
N LEU C 21 50.75 -4.62 -54.55
CA LEU C 21 50.14 -3.69 -53.60
C LEU C 21 49.92 -2.32 -54.25
N SER C 22 50.95 -1.76 -54.88
CA SER C 22 50.76 -0.51 -55.62
C SER C 22 49.67 -0.65 -56.67
N LEU C 23 49.51 -1.84 -57.24
CA LEU C 23 48.36 -2.10 -58.09
C LEU C 23 47.07 -1.83 -57.33
N GLN C 24 46.94 -2.40 -56.13
CA GLN C 24 45.72 -2.26 -55.33
C GLN C 24 45.34 -0.79 -55.12
N TYR C 25 46.33 0.09 -55.01
CA TYR C 25 46.04 1.51 -54.85
C TYR C 25 45.74 2.17 -56.19
N ILE C 26 46.55 1.88 -57.21
CA ILE C 26 46.44 2.59 -58.48
C ILE C 26 45.18 2.19 -59.24
N LEU C 27 44.67 0.96 -59.00
CA LEU C 27 43.57 0.66 -59.90
C LEU C 27 42.25 1.13 -59.33
N PRO C 28 41.33 1.57 -60.20
CA PRO C 28 40.01 1.98 -59.71
C PRO C 28 39.21 0.78 -59.24
N LYS C 29 39.34 0.45 -57.95
CA LYS C 29 38.67 -0.72 -57.40
C LYS C 29 37.16 -0.66 -57.62
N LEU C 30 36.58 0.54 -57.58
CA LEU C 30 35.14 0.68 -57.75
C LEU C 30 34.71 0.35 -59.17
N TRP C 31 35.45 0.86 -60.16
CA TRP C 31 34.99 0.77 -61.55
C TRP C 31 34.83 -0.68 -61.99
N LEU C 32 35.76 -1.55 -61.60
CA LEU C 32 35.67 -2.95 -62.02
C LEU C 32 34.46 -3.65 -61.40
N THR C 33 34.18 -3.37 -60.13
CA THR C 33 33.04 -4.00 -59.48
C THR C 33 31.72 -3.59 -60.13
N ARG C 34 31.63 -2.34 -60.62
CA ARG C 34 30.47 -1.95 -61.40
C ARG C 34 30.45 -2.65 -62.75
N LEU C 35 31.63 -2.92 -63.32
CA LEU C 35 31.70 -3.57 -64.62
C LEU C 35 31.55 -5.09 -64.50
N ALA C 36 32.19 -5.69 -63.50
CA ALA C 36 32.09 -7.14 -63.32
C ALA C 36 30.67 -7.55 -62.93
N GLY C 37 30.00 -6.73 -62.12
CA GLY C 37 28.61 -7.01 -61.79
C GLY C 37 27.70 -6.87 -63.00
N TRP C 38 27.97 -5.86 -63.83
CA TRP C 38 27.22 -5.72 -65.08
C TRP C 38 27.46 -6.89 -66.02
N GLY C 39 28.66 -7.45 -66.01
CA GLY C 39 28.99 -8.58 -66.85
C GLY C 39 28.42 -9.89 -66.34
N ALA C 40 28.43 -10.05 -65.02
CA ALA C 40 27.89 -11.27 -64.41
C ALA C 40 26.37 -11.27 -64.35
N SER C 41 25.73 -10.11 -64.49
CA SER C 41 24.28 -10.03 -64.37
C SER C 41 23.58 -10.37 -65.69
N LYS C 42 24.24 -10.11 -66.82
CA LYS C 42 23.61 -10.35 -68.12
C LYS C 42 23.42 -11.84 -68.37
N ARG C 43 22.27 -12.20 -68.92
CA ARG C 43 21.98 -13.59 -69.27
C ARG C 43 22.49 -13.90 -70.67
N ALA C 44 23.82 -13.99 -70.76
CA ALA C 44 24.47 -14.45 -71.98
C ALA C 44 24.46 -15.97 -72.03
N GLY C 45 24.44 -16.51 -73.23
CA GLY C 45 24.32 -17.95 -73.41
C GLY C 45 25.60 -18.71 -73.11
N TRP C 46 26.10 -19.41 -74.14
CA TRP C 46 27.33 -20.17 -74.09
C TRP C 46 28.48 -19.42 -73.43
N LEU C 47 28.48 -18.08 -73.58
CA LEU C 47 29.57 -17.27 -73.07
C LEU C 47 29.66 -17.35 -71.55
N THR C 48 28.52 -17.16 -70.86
CA THR C 48 28.52 -17.24 -69.40
C THR C 48 28.98 -18.60 -68.92
N LYS C 49 28.58 -19.66 -69.62
CA LYS C 49 29.05 -20.99 -69.25
C LYS C 49 30.56 -21.11 -69.41
N LEU C 50 31.11 -20.49 -70.47
CA LEU C 50 32.56 -20.53 -70.68
C LEU C 50 33.31 -19.94 -69.50
N VAL C 51 32.86 -18.78 -69.02
CA VAL C 51 33.50 -18.15 -67.87
C VAL C 51 33.35 -19.03 -66.63
N ILE C 52 32.18 -19.66 -66.48
CA ILE C 52 31.96 -20.56 -65.36
C ILE C 52 32.97 -21.71 -65.40
N ASP C 53 33.05 -22.41 -66.53
CA ASP C 53 34.01 -23.49 -66.67
C ASP C 53 35.44 -22.99 -66.47
N LEU C 54 35.75 -21.82 -67.03
CA LEU C 54 37.08 -21.23 -66.83
C LEU C 54 37.32 -20.94 -65.36
N PHE C 55 36.33 -20.36 -64.68
CA PHE C 55 36.45 -20.10 -63.25
C PHE C 55 36.61 -21.41 -62.48
N VAL C 56 35.78 -22.41 -62.80
CA VAL C 56 35.91 -23.72 -62.15
C VAL C 56 37.27 -24.33 -62.47
N LYS C 57 37.75 -24.16 -63.70
CA LYS C 57 39.06 -24.69 -64.06
C LYS C 57 40.17 -24.01 -63.27
N TYR C 58 40.11 -22.69 -63.15
CA TYR C 58 41.21 -21.96 -62.55
C TYR C 58 41.22 -22.06 -61.03
N TYR C 59 40.05 -22.03 -60.40
CA TYR C 59 39.95 -22.00 -58.95
C TYR C 59 39.73 -23.38 -58.34
N LYS C 60 39.76 -24.44 -59.16
CA LYS C 60 39.61 -25.82 -58.68
C LYS C 60 38.30 -26.01 -57.91
N VAL C 61 37.23 -25.41 -58.44
CA VAL C 61 35.93 -25.50 -57.80
C VAL C 61 35.41 -26.93 -57.85
N ASP C 62 34.78 -27.37 -56.76
CA ASP C 62 34.25 -28.73 -56.65
C ASP C 62 32.74 -28.65 -56.90
N MET C 63 32.36 -28.80 -58.17
CA MET C 63 30.96 -28.69 -58.56
C MET C 63 30.12 -29.87 -58.10
N LYS C 64 30.71 -30.90 -57.51
CA LYS C 64 29.95 -32.09 -57.15
C LYS C 64 29.07 -31.87 -55.92
N GLU C 65 29.39 -30.90 -55.08
CA GLU C 65 28.59 -30.63 -53.89
C GLU C 65 27.33 -29.84 -54.18
N ALA C 66 27.13 -29.39 -55.41
CA ALA C 66 26.00 -28.53 -55.75
C ALA C 66 24.74 -29.35 -56.03
N GLN C 67 23.59 -28.73 -55.77
CA GLN C 67 22.32 -29.33 -56.16
C GLN C 67 22.21 -29.45 -57.67
N LYS C 68 22.90 -28.57 -58.40
CA LYS C 68 22.93 -28.58 -59.87
C LYS C 68 24.38 -28.59 -60.31
N PRO C 69 25.00 -29.76 -60.42
CA PRO C 69 26.43 -29.81 -60.77
C PRO C 69 26.73 -29.50 -62.23
N ASP C 70 25.73 -29.46 -63.11
CA ASP C 70 25.96 -29.14 -64.51
C ASP C 70 26.13 -27.64 -64.66
N THR C 71 27.24 -27.22 -65.27
CA THR C 71 27.57 -25.81 -65.35
C THR C 71 26.68 -25.04 -66.34
N ALA C 72 25.98 -25.75 -67.22
CA ALA C 72 25.15 -25.08 -68.22
C ALA C 72 23.77 -24.68 -67.68
N SER C 73 23.41 -25.13 -66.49
CA SER C 73 22.09 -24.88 -65.93
C SER C 73 22.01 -23.59 -65.11
N TYR C 74 23.02 -22.72 -65.22
CA TYR C 74 23.03 -21.45 -64.51
C TYR C 74 22.95 -20.33 -65.54
N ARG C 75 21.89 -19.51 -65.44
CA ARG C 75 21.66 -18.47 -66.44
C ARG C 75 22.79 -17.44 -66.45
N THR C 76 23.01 -16.76 -65.34
CA THR C 76 24.04 -15.75 -65.22
C THR C 76 25.20 -16.28 -64.38
N PHE C 77 26.31 -15.54 -64.40
CA PHE C 77 27.47 -15.94 -63.60
C PHE C 77 27.19 -15.80 -62.12
N ASN C 78 26.55 -14.69 -61.72
CA ASN C 78 26.22 -14.49 -60.31
C ASN C 78 25.37 -15.64 -59.78
N GLU C 79 24.40 -16.10 -60.58
CA GLU C 79 23.62 -17.27 -60.20
C GLU C 79 24.51 -18.48 -59.94
N PHE C 80 25.50 -18.70 -60.81
CA PHE C 80 26.48 -19.75 -60.57
C PHE C 80 27.32 -19.45 -59.33
N PHE C 81 27.68 -18.18 -59.14
CA PHE C 81 28.53 -17.80 -58.01
C PHE C 81 27.82 -18.03 -56.68
N VAL C 82 26.49 -17.96 -56.67
CA VAL C 82 25.71 -18.14 -55.45
C VAL C 82 25.02 -19.50 -55.49
N ARG C 83 25.68 -20.48 -56.10
CA ARG C 83 25.11 -21.79 -56.31
C ARG C 83 24.63 -22.39 -54.97
N PRO C 84 23.56 -23.19 -54.98
CA PRO C 84 23.12 -23.87 -53.75
C PRO C 84 23.73 -25.24 -53.58
N LEU C 85 24.28 -25.53 -52.41
CA LEU C 85 24.86 -26.83 -52.13
C LEU C 85 23.76 -27.88 -51.96
N ARG C 86 24.17 -29.14 -51.92
CA ARG C 86 23.26 -30.21 -51.57
C ARG C 86 23.03 -30.21 -50.06
N ASP C 87 21.76 -30.37 -49.68
CA ASP C 87 21.38 -30.19 -48.28
C ASP C 87 22.10 -31.14 -47.35
N GLU C 88 22.49 -32.31 -47.85
CA GLU C 88 23.10 -33.33 -46.98
C GLU C 88 24.58 -33.12 -46.76
N VAL C 89 25.26 -32.35 -47.61
CA VAL C 89 26.71 -32.25 -47.54
C VAL C 89 27.19 -31.35 -46.40
N ARG C 90 26.31 -30.51 -45.85
CA ARG C 90 26.66 -29.60 -44.75
C ARG C 90 25.76 -29.92 -43.57
N PRO C 91 26.10 -30.94 -42.78
CA PRO C 91 25.26 -31.32 -41.62
C PRO C 91 25.44 -30.34 -40.47
N ILE C 92 24.34 -29.73 -40.04
CA ILE C 92 24.37 -28.80 -38.93
C ILE C 92 24.53 -29.57 -37.62
N ASP C 93 25.52 -29.19 -36.83
CA ASP C 93 25.74 -29.86 -35.55
C ASP C 93 24.52 -29.71 -34.65
N THR C 94 24.15 -30.80 -33.98
CA THR C 94 22.87 -30.87 -33.28
C THR C 94 22.93 -30.36 -31.85
N ASP C 95 24.09 -30.43 -31.20
CA ASP C 95 24.24 -30.01 -29.81
C ASP C 95 23.90 -28.52 -29.68
N PRO C 96 22.81 -28.18 -28.97
CA PRO C 96 22.44 -26.76 -28.86
C PRO C 96 23.45 -25.93 -28.07
N ASN C 97 24.25 -26.55 -27.20
CA ASN C 97 25.24 -25.83 -26.42
C ASN C 97 26.50 -25.49 -27.20
N VAL C 98 26.60 -25.91 -28.46
CA VAL C 98 27.76 -25.60 -29.28
C VAL C 98 27.34 -24.65 -30.39
N LEU C 99 28.30 -23.88 -30.89
CA LEU C 99 28.10 -22.97 -32.01
C LEU C 99 28.78 -23.53 -33.25
N VAL C 100 28.18 -23.26 -34.40
CA VAL C 100 28.56 -23.87 -35.66
C VAL C 100 29.25 -22.83 -36.54
N MET C 101 30.06 -23.30 -37.48
CA MET C 101 30.85 -22.39 -38.31
C MET C 101 29.92 -21.59 -39.24
N PRO C 102 30.23 -20.31 -39.50
CA PRO C 102 29.24 -19.47 -40.18
C PRO C 102 29.22 -19.64 -41.69
N ALA C 103 30.37 -19.85 -42.32
CA ALA C 103 30.41 -19.95 -43.77
C ALA C 103 31.67 -20.70 -44.20
N ASP C 104 31.58 -21.37 -45.34
CA ASP C 104 32.71 -22.11 -45.87
C ASP C 104 33.87 -21.17 -46.21
N GLY C 105 35.09 -21.65 -45.97
CA GLY C 105 36.27 -20.88 -46.25
C GLY C 105 37.45 -21.34 -45.42
N VAL C 106 38.29 -20.40 -45.00
CA VAL C 106 39.42 -20.68 -44.12
C VAL C 106 39.47 -19.61 -43.04
N ILE C 107 40.04 -19.97 -41.89
CA ILE C 107 40.13 -19.05 -40.76
C ILE C 107 41.26 -18.06 -41.04
N SER C 108 40.91 -16.77 -41.07
CA SER C 108 41.93 -15.74 -41.15
C SER C 108 42.65 -15.65 -39.81
N GLN C 109 41.94 -15.17 -38.79
CA GLN C 109 42.46 -15.12 -37.43
C GLN C 109 41.33 -15.39 -36.45
N LEU C 110 41.70 -15.81 -35.24
CA LEU C 110 40.73 -16.08 -34.19
C LEU C 110 41.42 -15.97 -32.84
N GLY C 111 40.61 -15.97 -31.79
CA GLY C 111 41.09 -15.88 -30.43
C GLY C 111 40.22 -14.94 -29.64
N LYS C 112 40.70 -14.55 -28.46
CA LYS C 112 40.03 -13.55 -27.64
C LYS C 112 40.49 -12.17 -28.07
N ILE C 113 39.53 -11.26 -28.25
CA ILE C 113 39.89 -9.89 -28.59
C ILE C 113 40.66 -9.26 -27.44
N GLU C 114 41.75 -8.57 -27.78
CA GLU C 114 42.67 -8.04 -26.77
C GLU C 114 42.20 -6.67 -26.29
N GLU C 115 41.04 -6.68 -25.63
CA GLU C 115 40.49 -5.49 -24.99
C GLU C 115 40.27 -4.37 -26.00
N ASP C 116 39.17 -4.45 -26.76
CA ASP C 116 38.77 -3.52 -27.80
C ASP C 116 39.69 -3.53 -29.02
N LYS C 117 40.74 -4.34 -29.03
CA LYS C 117 41.67 -4.43 -30.15
C LYS C 117 41.60 -5.82 -30.76
N ILE C 118 41.40 -5.88 -32.07
CA ILE C 118 41.26 -7.14 -32.80
C ILE C 118 42.50 -7.36 -33.66
N LEU C 119 42.99 -8.59 -33.66
CA LEU C 119 44.14 -8.96 -34.49
C LEU C 119 43.70 -9.20 -35.92
N GLN C 120 44.21 -8.38 -36.85
CA GLN C 120 43.97 -8.58 -38.27
C GLN C 120 44.97 -9.59 -38.83
N ALA C 121 46.25 -9.20 -38.87
CA ALA C 121 47.35 -10.10 -39.15
C ALA C 121 48.50 -9.70 -38.25
N LYS C 122 49.42 -10.64 -38.02
CA LYS C 122 50.56 -10.41 -37.14
C LYS C 122 51.29 -9.14 -37.55
N GLY C 123 51.24 -8.12 -36.70
CA GLY C 123 51.82 -6.81 -37.00
C GLY C 123 50.80 -5.73 -37.28
N HIS C 124 49.51 -6.07 -37.34
CA HIS C 124 48.46 -5.09 -37.59
C HIS C 124 47.24 -5.47 -36.76
N ASN C 125 46.76 -4.54 -35.96
CA ASN C 125 45.51 -4.69 -35.23
C ASN C 125 44.66 -3.45 -35.45
N TYR C 126 43.35 -3.59 -35.22
CA TYR C 126 42.43 -2.48 -35.44
C TYR C 126 41.42 -2.41 -34.30
N SER C 127 40.88 -1.21 -34.10
CA SER C 127 39.98 -0.95 -32.99
C SER C 127 38.59 -1.53 -33.26
N LEU C 128 37.94 -1.97 -32.18
CA LEU C 128 36.58 -2.49 -32.29
C LEU C 128 35.62 -1.39 -32.75
N GLU C 129 35.92 -0.14 -32.45
CA GLU C 129 35.06 0.96 -32.89
C GLU C 129 35.20 1.22 -34.38
N ALA C 130 36.45 1.26 -34.88
CA ALA C 130 36.68 1.51 -36.29
C ALA C 130 35.96 0.50 -37.17
N LEU C 131 35.89 -0.76 -36.71
CA LEU C 131 35.10 -1.76 -37.41
C LEU C 131 33.61 -1.42 -37.34
N LEU C 132 33.08 -1.29 -36.13
CA LEU C 132 31.67 -1.00 -35.95
C LEU C 132 31.28 0.45 -36.29
N ALA C 133 32.18 1.20 -36.94
CA ALA C 133 31.88 2.51 -37.53
C ALA C 133 31.41 3.52 -36.47
N GLY C 134 32.23 3.71 -35.44
CA GLY C 134 31.97 4.72 -34.44
C GLY C 134 30.80 4.45 -33.53
N ASN C 135 30.23 3.24 -33.56
CA ASN C 135 29.14 2.87 -32.66
C ASN C 135 29.78 2.37 -31.37
N TYR C 136 30.20 3.32 -30.53
CA TYR C 136 30.88 2.98 -29.29
C TYR C 136 29.97 2.21 -28.34
N LEU C 137 28.65 2.34 -28.50
CA LEU C 137 27.73 1.54 -27.70
C LEU C 137 27.84 0.07 -28.05
N MET C 138 27.73 -0.26 -29.33
CA MET C 138 27.83 -1.66 -29.76
C MET C 138 29.22 -2.21 -29.52
N ALA C 139 30.23 -1.34 -29.49
CA ALA C 139 31.60 -1.81 -29.24
C ALA C 139 31.75 -2.33 -27.82
N ASP C 140 31.08 -1.70 -26.85
CA ASP C 140 31.18 -2.14 -25.46
C ASP C 140 30.54 -3.51 -25.25
N LEU C 141 29.64 -3.94 -26.13
CA LEU C 141 29.07 -5.27 -26.02
C LEU C 141 30.12 -6.36 -26.21
N PHE C 142 31.15 -6.08 -27.01
CA PHE C 142 32.14 -7.08 -27.38
C PHE C 142 33.54 -6.71 -26.91
N ARG C 143 33.66 -5.88 -25.88
CA ARG C 143 34.96 -5.55 -25.32
C ARG C 143 35.45 -6.72 -24.47
N ASN C 144 36.68 -7.17 -24.77
CA ASN C 144 37.34 -8.30 -24.12
C ASN C 144 36.67 -9.64 -24.42
N GLY C 145 35.82 -9.70 -25.44
CA GLY C 145 35.15 -10.94 -25.82
C GLY C 145 35.98 -11.90 -26.65
N THR C 146 35.38 -12.46 -27.69
CA THR C 146 36.07 -13.34 -28.62
C THR C 146 35.60 -13.05 -30.03
N PHE C 147 36.46 -13.38 -31.00
CA PHE C 147 36.19 -13.04 -32.39
C PHE C 147 36.61 -14.20 -33.30
N VAL C 148 36.29 -14.04 -34.58
CA VAL C 148 36.69 -14.99 -35.62
C VAL C 148 36.48 -14.35 -36.99
N THR C 149 37.51 -14.40 -37.83
CA THR C 149 37.47 -13.83 -39.17
C THR C 149 37.68 -14.95 -40.19
N THR C 150 36.77 -15.04 -41.16
CA THR C 150 36.76 -16.12 -42.15
C THR C 150 36.96 -15.54 -43.54
N TYR C 151 37.98 -16.03 -44.25
CA TYR C 151 38.20 -15.67 -45.64
C TYR C 151 37.44 -16.64 -46.54
N LEU C 152 36.58 -16.10 -47.41
CA LEU C 152 35.80 -16.92 -48.33
C LEU C 152 36.44 -16.79 -49.72
N SER C 153 37.46 -17.61 -49.96
CA SER C 153 38.16 -17.66 -51.24
C SER C 153 37.16 -17.94 -52.36
N PRO C 154 37.41 -17.47 -53.59
CA PRO C 154 36.47 -17.73 -54.70
C PRO C 154 36.10 -19.19 -54.87
N ARG C 155 37.04 -20.11 -54.61
CA ARG C 155 36.74 -21.53 -54.69
C ARG C 155 35.67 -21.93 -53.68
N ASP C 156 35.58 -21.23 -52.56
CA ASP C 156 34.68 -21.60 -51.48
C ASP C 156 33.22 -21.31 -51.86
N TYR C 157 32.32 -21.64 -50.96
CA TYR C 157 30.88 -21.44 -51.12
C TYR C 157 30.51 -20.12 -50.44
N HIS C 158 29.82 -19.24 -51.18
CA HIS C 158 29.75 -17.82 -50.83
C HIS C 158 28.42 -17.42 -50.21
N ARG C 159 27.85 -18.25 -49.35
CA ARG C 159 26.72 -17.84 -48.53
C ARG C 159 27.08 -18.05 -47.06
N VAL C 160 26.56 -17.18 -46.21
CA VAL C 160 26.87 -17.19 -44.79
C VAL C 160 25.67 -17.77 -44.04
N HIS C 161 25.96 -18.55 -43.01
CA HIS C 161 24.92 -19.20 -42.23
C HIS C 161 25.11 -18.89 -40.75
N MET C 162 24.05 -19.11 -39.99
CA MET C 162 24.05 -18.75 -38.58
C MET C 162 24.98 -19.67 -37.78
N PRO C 163 25.75 -19.12 -36.85
CA PRO C 163 26.50 -19.97 -35.91
C PRO C 163 25.64 -20.54 -34.79
N CYS C 164 24.43 -20.03 -34.60
CA CYS C 164 23.55 -20.45 -33.51
C CYS C 164 22.18 -19.83 -33.73
N ASN C 165 21.19 -20.32 -32.98
CA ASN C 165 19.88 -19.69 -32.96
C ASN C 165 20.01 -18.24 -32.55
N GLY C 166 19.49 -17.32 -33.37
CA GLY C 166 19.63 -15.91 -33.11
C GLY C 166 18.33 -15.17 -33.36
N ILE C 167 18.26 -13.97 -32.79
CA ILE C 167 17.15 -13.05 -32.98
C ILE C 167 17.72 -11.72 -33.44
N LEU C 168 17.25 -11.23 -34.58
CA LEU C 168 17.81 -10.03 -35.17
C LEU C 168 17.40 -8.79 -34.39
N ARG C 169 18.36 -7.89 -34.15
CA ARG C 169 18.10 -6.64 -33.44
C ARG C 169 18.60 -5.43 -34.22
N GLU C 170 19.82 -5.49 -34.73
CA GLU C 170 20.43 -4.36 -35.41
C GLU C 170 21.13 -4.81 -36.68
N MET C 171 21.10 -3.94 -37.69
CA MET C 171 21.88 -4.11 -38.91
C MET C 171 22.37 -2.74 -39.37
N ILE C 172 23.59 -2.69 -39.89
CA ILE C 172 24.25 -1.44 -40.27
C ILE C 172 24.99 -1.65 -41.57
N TYR C 173 24.78 -0.73 -42.53
CA TYR C 173 25.54 -0.70 -43.77
C TYR C 173 26.63 0.35 -43.66
N VAL C 174 27.88 -0.05 -43.88
CA VAL C 174 29.04 0.82 -43.77
C VAL C 174 29.66 0.96 -45.16
N PRO C 175 29.68 2.14 -45.76
CA PRO C 175 30.39 2.31 -47.03
C PRO C 175 31.89 2.42 -46.81
N GLY C 176 32.63 2.33 -47.91
CA GLY C 176 34.06 2.44 -47.84
C GLY C 176 34.70 1.95 -49.13
N ASP C 177 36.02 1.82 -49.07
CA ASP C 177 36.78 1.38 -50.23
C ASP C 177 36.57 -0.12 -50.45
N LEU C 178 37.24 -0.67 -51.48
CA LEU C 178 37.05 -2.06 -51.88
C LEU C 178 38.41 -2.65 -52.27
N PHE C 179 39.26 -2.89 -51.27
CA PHE C 179 40.51 -3.58 -51.54
C PHE C 179 40.26 -5.07 -51.64
N SER C 180 41.20 -5.76 -52.29
CA SER C 180 41.19 -7.22 -52.23
C SER C 180 41.35 -7.66 -50.78
N VAL C 181 40.68 -8.74 -50.42
CA VAL C 181 40.74 -9.25 -49.07
C VAL C 181 41.52 -10.55 -48.99
N ASN C 182 42.23 -10.90 -50.05
CA ASN C 182 43.14 -12.04 -50.02
C ASN C 182 44.16 -11.86 -48.89
N HIS C 183 44.81 -12.96 -48.55
CA HIS C 183 45.66 -12.95 -47.38
C HIS C 183 46.94 -12.13 -47.56
N LEU C 184 47.13 -11.46 -48.69
CA LEU C 184 48.26 -10.55 -48.82
C LEU C 184 47.89 -9.13 -48.44
N THR C 185 46.78 -8.62 -48.98
CA THR C 185 46.30 -7.29 -48.58
C THR C 185 45.90 -7.27 -47.10
N ALA C 186 45.51 -8.42 -46.55
CA ALA C 186 45.17 -8.51 -45.14
C ALA C 186 46.37 -8.26 -44.24
N GLN C 187 47.59 -8.37 -44.77
CA GLN C 187 48.80 -8.22 -43.98
C GLN C 187 49.55 -6.92 -44.28
N ASN C 188 48.92 -5.97 -44.98
CA ASN C 188 49.60 -4.73 -45.32
C ASN C 188 48.67 -3.53 -45.22
N VAL C 189 47.43 -3.65 -45.68
CA VAL C 189 46.48 -2.56 -45.66
C VAL C 189 45.95 -2.39 -44.24
N PRO C 190 46.31 -1.30 -43.55
CA PRO C 190 45.87 -1.15 -42.15
C PRO C 190 44.37 -0.88 -42.08
N ASN C 191 43.72 -1.55 -41.14
CA ASN C 191 42.27 -1.48 -40.96
C ASN C 191 41.54 -1.82 -42.26
N LEU C 192 41.96 -2.94 -42.86
CA LEU C 192 41.36 -3.36 -44.12
C LEU C 192 39.87 -3.62 -43.96
N PHE C 193 39.51 -4.50 -43.03
CA PHE C 193 38.10 -4.80 -42.79
C PHE C 193 37.34 -3.62 -42.21
N ALA C 194 38.06 -2.62 -41.70
CA ALA C 194 37.42 -1.41 -41.18
C ALA C 194 37.31 -0.32 -42.23
N ARG C 195 38.11 -0.37 -43.29
CA ARG C 195 37.98 0.58 -44.40
C ARG C 195 37.05 0.07 -45.49
N ASN C 196 37.03 -1.24 -45.72
CA ASN C 196 36.25 -1.79 -46.82
C ASN C 196 34.76 -1.76 -46.51
N GLU C 197 33.97 -1.55 -47.56
CA GLU C 197 32.52 -1.62 -47.48
C GLU C 197 32.08 -2.94 -46.86
N ARG C 198 31.07 -2.87 -45.99
CA ARG C 198 30.69 -4.04 -45.21
C ARG C 198 29.28 -3.83 -44.65
N VAL C 199 28.71 -4.94 -44.17
CA VAL C 199 27.38 -4.93 -43.55
C VAL C 199 27.51 -5.65 -42.21
N ILE C 200 26.88 -5.08 -41.18
CA ILE C 200 27.01 -5.55 -39.81
C ILE C 200 25.64 -6.04 -39.33
N CYS C 201 25.62 -7.23 -38.73
CA CYS C 201 24.40 -7.81 -38.19
C CYS C 201 24.60 -8.18 -36.73
N LEU C 202 23.66 -7.77 -35.88
CA LEU C 202 23.68 -8.08 -34.46
C LEU C 202 22.53 -9.02 -34.12
N PHE C 203 22.76 -9.92 -33.16
CA PHE C 203 21.78 -10.93 -32.82
C PHE C 203 21.65 -11.08 -31.31
N ASP C 204 20.42 -11.40 -30.89
CA ASP C 204 20.16 -11.92 -29.55
C ASP C 204 20.17 -13.44 -29.62
N THR C 205 20.99 -14.08 -28.80
CA THR C 205 21.06 -15.53 -28.75
C THR C 205 21.22 -15.99 -27.31
N GLU C 206 21.00 -17.29 -27.10
CA GLU C 206 21.14 -17.88 -25.76
C GLU C 206 22.55 -17.75 -25.21
N PHE C 207 23.52 -17.35 -26.02
CA PHE C 207 24.89 -17.12 -25.61
C PHE C 207 25.24 -15.63 -25.62
N GLY C 208 24.29 -14.79 -25.23
CA GLY C 208 24.50 -13.36 -25.15
C GLY C 208 24.23 -12.66 -26.47
N PRO C 209 24.91 -11.53 -26.70
CA PRO C 209 24.81 -10.86 -27.99
C PRO C 209 25.86 -11.35 -28.97
N MET C 210 25.45 -11.49 -30.23
CA MET C 210 26.30 -12.04 -31.28
C MET C 210 26.29 -11.12 -32.48
N ALA C 211 27.48 -10.74 -32.96
CA ALA C 211 27.63 -9.91 -34.13
C ALA C 211 28.25 -10.72 -35.24
N GLN C 212 27.59 -10.73 -36.40
CA GLN C 212 28.10 -11.40 -37.60
C GLN C 212 28.24 -10.35 -38.70
N ILE C 213 29.46 -10.18 -39.21
CA ILE C 213 29.80 -9.08 -40.08
C ILE C 213 30.20 -9.64 -41.44
N LEU C 214 29.63 -9.09 -42.51
CA LEU C 214 29.96 -9.47 -43.88
C LEU C 214 30.71 -8.31 -44.52
N VAL C 215 31.91 -8.59 -45.03
CA VAL C 215 32.81 -7.57 -45.57
C VAL C 215 33.03 -7.83 -47.04
N GLY C 216 32.74 -6.83 -47.87
CA GLY C 216 32.97 -6.94 -49.29
C GLY C 216 34.44 -7.00 -49.64
N ALA C 217 34.70 -7.29 -50.92
CA ALA C 217 36.05 -7.40 -51.44
C ALA C 217 36.17 -6.52 -52.68
N THR C 218 37.35 -6.57 -53.31
CA THR C 218 37.63 -5.68 -54.43
C THR C 218 36.73 -5.99 -55.63
N ILE C 219 36.25 -7.22 -55.76
CA ILE C 219 35.39 -7.62 -56.87
C ILE C 219 34.05 -8.14 -56.36
N VAL C 220 34.07 -8.93 -55.30
CA VAL C 220 32.84 -9.40 -54.66
C VAL C 220 32.37 -8.32 -53.70
N GLY C 221 31.82 -7.23 -54.25
CA GLY C 221 31.41 -6.10 -53.43
C GLY C 221 29.96 -6.14 -53.02
N SER C 222 29.12 -6.85 -53.78
CA SER C 222 27.70 -6.89 -53.49
C SER C 222 27.45 -7.74 -52.25
N ILE C 223 26.63 -7.21 -51.34
CA ILE C 223 26.25 -7.88 -50.10
C ILE C 223 24.74 -7.86 -49.99
N GLU C 224 24.14 -9.02 -49.70
CA GLU C 224 22.70 -9.11 -49.51
C GLU C 224 22.39 -10.11 -48.41
N THR C 225 21.25 -9.89 -47.76
CA THR C 225 20.79 -10.69 -46.63
C THR C 225 19.41 -11.27 -46.92
N VAL C 226 19.03 -12.27 -46.13
CA VAL C 226 17.83 -13.05 -46.38
C VAL C 226 16.59 -12.28 -45.96
N TRP C 227 16.77 -11.07 -45.41
CA TRP C 227 15.64 -10.32 -44.92
C TRP C 227 15.34 -9.05 -45.70
N ALA C 228 16.37 -8.37 -46.24
CA ALA C 228 16.16 -7.11 -46.94
C ALA C 228 16.42 -7.17 -48.43
N GLY C 229 17.31 -8.05 -48.88
CA GLY C 229 17.71 -8.10 -50.26
C GLY C 229 19.08 -7.51 -50.48
N THR C 230 19.32 -7.08 -51.72
CA THR C 230 20.62 -6.52 -52.08
C THR C 230 20.82 -5.19 -51.35
N ILE C 231 21.75 -5.16 -50.41
CA ILE C 231 22.05 -3.94 -49.66
C ILE C 231 22.92 -3.01 -50.49
N THR C 232 24.09 -3.48 -50.89
CA THR C 232 24.92 -2.81 -51.87
C THR C 232 25.11 -3.74 -53.06
N PRO C 233 24.97 -3.25 -54.31
CA PRO C 233 24.67 -1.88 -54.70
C PRO C 233 23.18 -1.56 -54.56
N PRO C 234 22.80 -0.27 -54.61
CA PRO C 234 23.63 0.92 -54.82
C PRO C 234 24.50 1.29 -53.62
N ARG C 235 25.76 1.62 -53.89
CA ARG C 235 26.64 2.20 -52.87
C ARG C 235 26.30 3.68 -52.76
N GLU C 236 25.45 4.01 -51.79
CA GLU C 236 24.91 5.36 -51.68
C GLU C 236 25.81 6.29 -50.89
N GLY C 237 26.97 5.83 -50.45
CA GLY C 237 27.96 6.68 -49.80
C GLY C 237 27.65 7.08 -48.38
N ILE C 238 26.51 6.67 -47.83
CA ILE C 238 26.15 7.04 -46.47
C ILE C 238 25.99 5.79 -45.62
N ILE C 239 25.64 5.97 -44.34
CA ILE C 239 25.43 4.87 -43.42
C ILE C 239 23.93 4.68 -43.20
N LYS C 240 23.50 3.43 -43.11
CA LYS C 240 22.10 3.08 -42.94
C LYS C 240 21.95 2.15 -41.75
N ARG C 241 20.91 2.40 -40.94
CA ARG C 241 20.67 1.61 -39.74
C ARG C 241 19.18 1.32 -39.61
N TRP C 242 18.86 0.12 -39.13
CA TRP C 242 17.49 -0.29 -38.86
C TRP C 242 17.46 -1.13 -37.60
N THR C 243 16.33 -1.09 -36.90
CA THR C 243 16.15 -1.75 -35.62
C THR C 243 15.02 -2.78 -35.70
N TRP C 244 14.96 -3.65 -34.69
CA TRP C 244 14.04 -4.77 -34.68
C TRP C 244 13.59 -5.06 -33.26
N PRO C 245 12.39 -5.66 -33.07
CA PRO C 245 11.95 -6.05 -31.72
C PRO C 245 12.84 -7.11 -31.08
N ALA C 246 12.51 -7.50 -29.85
CA ALA C 246 13.37 -8.36 -29.03
C ALA C 246 12.83 -9.79 -28.92
N GLY C 247 12.28 -10.31 -30.01
CA GLY C 247 11.75 -11.65 -30.00
C GLY C 247 10.39 -11.73 -29.34
N GLU C 248 9.47 -12.46 -29.97
CA GLU C 248 8.08 -12.60 -29.48
C GLU C 248 7.39 -11.23 -29.42
N ASN C 249 7.28 -10.60 -30.58
CA ASN C 249 6.59 -9.33 -30.73
C ASN C 249 6.06 -9.23 -32.15
N ASP C 250 5.18 -8.26 -32.37
CA ASP C 250 4.73 -7.93 -33.72
C ASP C 250 5.91 -7.32 -34.48
N GLY C 251 6.45 -8.08 -35.43
CA GLY C 251 7.65 -7.68 -36.14
C GLY C 251 8.91 -8.40 -35.70
N SER C 252 8.84 -9.17 -34.61
CA SER C 252 10.01 -9.91 -34.15
C SER C 252 10.44 -10.93 -35.19
N VAL C 253 11.74 -10.93 -35.51
CA VAL C 253 12.31 -11.82 -36.50
C VAL C 253 13.45 -12.60 -35.86
N ALA C 254 13.38 -13.92 -35.97
CA ALA C 254 14.43 -14.82 -35.50
C ALA C 254 14.73 -15.85 -36.57
N LEU C 255 15.77 -16.65 -36.33
CA LEU C 255 16.14 -17.71 -37.24
C LEU C 255 16.98 -18.73 -36.48
N LEU C 256 17.24 -19.85 -37.14
CA LEU C 256 17.69 -21.06 -36.47
C LEU C 256 19.18 -21.32 -36.72
N LYS C 257 19.77 -22.08 -35.79
CA LYS C 257 21.18 -22.48 -35.85
C LYS C 257 21.45 -23.28 -37.11
N GLY C 258 22.21 -22.70 -38.05
CA GLY C 258 22.47 -23.34 -39.32
C GLY C 258 21.65 -22.81 -40.48
N GLN C 259 20.76 -21.85 -40.23
CA GLN C 259 19.97 -21.24 -41.29
C GLN C 259 20.80 -20.26 -42.09
N GLU C 260 20.36 -20.00 -43.32
CA GLU C 260 21.05 -19.04 -44.18
C GLU C 260 20.68 -17.62 -43.79
N MET C 261 21.68 -16.75 -43.67
CA MET C 261 21.47 -15.36 -43.29
C MET C 261 21.92 -14.35 -44.33
N GLY C 262 22.86 -14.71 -45.20
CA GLY C 262 23.30 -13.77 -46.21
C GLY C 262 24.21 -14.47 -47.21
N ARG C 263 24.67 -13.68 -48.18
CA ARG C 263 25.54 -14.19 -49.23
C ARG C 263 26.30 -13.03 -49.85
N PHE C 264 27.34 -13.37 -50.61
CA PHE C 264 28.14 -12.41 -51.34
C PHE C 264 27.87 -12.54 -52.84
N LYS C 265 28.20 -11.50 -53.58
CA LYS C 265 27.83 -11.43 -54.99
C LYS C 265 28.73 -10.43 -55.69
N LEU C 266 28.80 -10.54 -57.01
CA LEU C 266 29.58 -9.61 -57.83
C LEU C 266 28.73 -8.38 -58.16
N GLY C 267 29.31 -7.20 -57.98
CA GLY C 267 28.61 -5.96 -58.27
C GLY C 267 28.84 -4.85 -57.26
N THR D 2 34.37 -12.38 -47.07
CA THR D 2 34.95 -12.30 -45.74
C THR D 2 33.89 -12.00 -44.68
N VAL D 3 33.81 -12.85 -43.66
CA VAL D 3 32.86 -12.67 -42.57
C VAL D 3 33.62 -12.62 -41.25
N ILE D 4 33.00 -11.98 -40.27
CA ILE D 4 33.59 -11.74 -38.96
C ILE D 4 32.51 -11.87 -37.91
N ASN D 5 32.74 -12.70 -36.91
CA ASN D 5 31.78 -12.93 -35.83
C ASN D 5 32.37 -12.48 -34.50
N LEU D 6 31.51 -11.92 -33.65
CA LEU D 6 31.91 -11.43 -32.33
C LEU D 6 30.99 -12.01 -31.27
N PHE D 7 31.52 -12.14 -30.05
CA PHE D 7 30.78 -12.73 -28.94
C PHE D 7 31.12 -12.00 -27.65
N ALA D 8 30.14 -11.96 -26.75
CA ALA D 8 30.38 -11.43 -25.41
C ALA D 8 31.44 -12.28 -24.71
N PRO D 9 32.26 -11.67 -23.82
CA PRO D 9 33.44 -12.36 -23.28
C PRO D 9 33.18 -13.68 -22.58
N GLY D 10 32.38 -13.66 -21.52
CA GLY D 10 32.19 -14.86 -20.73
C GLY D 10 31.23 -15.88 -21.29
N LYS D 11 30.59 -15.61 -22.43
CA LYS D 11 29.48 -16.43 -22.88
C LYS D 11 29.87 -17.57 -23.81
N VAL D 12 31.15 -17.73 -24.16
CA VAL D 12 31.52 -18.78 -25.12
C VAL D 12 33.01 -19.07 -25.03
N ASN D 13 33.35 -20.34 -25.24
CA ASN D 13 34.72 -20.78 -25.51
C ASN D 13 34.76 -21.36 -26.92
N LEU D 14 35.78 -20.99 -27.69
CA LEU D 14 35.91 -21.57 -29.02
C LEU D 14 36.64 -22.90 -28.94
N VAL D 15 36.66 -23.62 -30.07
CA VAL D 15 37.32 -24.92 -30.12
C VAL D 15 38.82 -24.72 -30.09
N GLU D 16 39.50 -25.48 -29.22
CA GLU D 16 40.94 -25.30 -29.05
C GLU D 16 41.72 -25.73 -30.29
N GLN D 17 41.20 -26.67 -31.07
CA GLN D 17 41.93 -27.18 -32.23
C GLN D 17 41.99 -26.17 -33.37
N LEU D 18 41.16 -25.14 -33.34
CA LEU D 18 41.09 -24.19 -34.44
C LEU D 18 42.19 -23.14 -34.32
N GLU D 19 42.98 -23.01 -35.39
CA GLU D 19 43.98 -21.96 -35.49
C GLU D 19 43.81 -21.21 -36.80
N SER D 20 44.74 -20.32 -37.13
CA SER D 20 44.67 -19.62 -38.40
C SER D 20 44.85 -20.59 -39.56
N LEU D 21 44.25 -20.25 -40.70
CA LEU D 21 44.30 -21.05 -41.91
C LEU D 21 43.71 -22.45 -41.73
N SER D 22 42.91 -22.65 -40.68
CA SER D 22 42.16 -23.88 -40.55
C SER D 22 41.06 -23.93 -41.61
N VAL D 23 40.51 -25.13 -41.80
CA VAL D 23 39.47 -25.35 -42.80
C VAL D 23 38.11 -25.06 -42.17
N THR D 24 37.35 -24.15 -42.79
CA THR D 24 36.06 -23.73 -42.28
C THR D 24 34.98 -24.25 -43.23
N LYS D 25 34.24 -25.26 -42.78
CA LYS D 25 33.04 -25.72 -43.45
C LYS D 25 31.84 -25.47 -42.53
N ILE D 26 30.70 -25.11 -43.15
CA ILE D 26 29.55 -24.55 -42.44
C ILE D 26 29.14 -25.40 -41.25
N GLY D 27 28.60 -26.59 -41.51
CA GLY D 27 27.97 -27.40 -40.49
C GLY D 27 28.87 -27.87 -39.36
N GLN D 28 30.14 -27.48 -39.35
CA GLN D 28 31.08 -27.99 -38.36
C GLN D 28 31.07 -27.12 -37.10
N PRO D 29 31.44 -27.70 -35.95
CA PRO D 29 31.42 -26.91 -34.71
C PRO D 29 32.42 -25.76 -34.74
N LEU D 30 32.09 -24.71 -34.01
CA LEU D 30 32.91 -23.51 -33.94
C LEU D 30 33.27 -23.11 -32.52
N ALA D 31 32.33 -23.20 -31.59
CA ALA D 31 32.56 -22.76 -30.22
C ALA D 31 31.51 -23.41 -29.32
N VAL D 32 31.85 -23.49 -28.03
CA VAL D 32 31.03 -24.16 -27.04
C VAL D 32 30.75 -23.20 -25.89
N SER D 33 29.54 -23.25 -25.34
CA SER D 33 29.17 -22.40 -24.23
C SER D 33 29.99 -22.71 -22.99
N THR D 34 30.13 -21.70 -22.12
CA THR D 34 30.83 -21.86 -20.86
C THR D 34 29.91 -22.32 -19.72
N GLU D 35 28.62 -22.49 -19.99
CA GLU D 35 27.68 -22.94 -18.98
C GLU D 35 27.49 -24.45 -19.04
N ASP E 13 -38.05 14.56 -9.53
CA ASP E 13 -36.75 14.11 -9.05
C ASP E 13 -36.87 13.13 -7.86
N PRO E 14 -37.62 13.49 -6.80
CA PRO E 14 -37.76 12.53 -5.69
C PRO E 14 -38.47 11.26 -6.12
N MET E 15 -39.41 11.35 -7.06
CA MET E 15 -40.11 10.17 -7.54
C MET E 15 -39.16 9.23 -8.30
N LEU E 16 -38.09 9.76 -8.87
CA LEU E 16 -37.14 8.91 -9.60
C LEU E 16 -36.20 8.17 -8.65
N ASN E 17 -35.70 8.86 -7.61
CA ASN E 17 -34.96 8.16 -6.58
C ASN E 17 -35.89 7.23 -5.80
N SER E 18 -37.13 7.68 -5.56
CA SER E 18 -38.17 6.80 -5.06
C SER E 18 -38.31 5.57 -5.96
N PHE E 19 -38.10 5.76 -7.26
CA PHE E 19 -38.10 4.63 -8.18
C PHE E 19 -36.83 3.80 -8.03
N LYS E 20 -35.70 4.45 -7.74
CA LYS E 20 -34.46 3.72 -7.52
C LYS E 20 -34.53 2.89 -6.25
N LEU E 21 -35.13 3.43 -5.19
CA LEU E 21 -35.30 2.66 -3.96
C LEU E 21 -36.26 1.50 -4.16
N SER E 22 -37.40 1.76 -4.82
CA SER E 22 -38.29 0.69 -5.22
C SER E 22 -37.55 -0.32 -6.08
N LEU E 23 -36.70 0.15 -6.98
CA LEU E 23 -35.87 -0.73 -7.79
C LEU E 23 -35.00 -1.61 -6.92
N GLN E 24 -34.47 -1.05 -5.81
CA GLN E 24 -33.58 -1.82 -4.94
C GLN E 24 -34.30 -3.02 -4.34
N TYR E 25 -35.55 -2.83 -3.90
CA TYR E 25 -36.31 -3.92 -3.30
C TYR E 25 -36.80 -4.93 -4.34
N ILE E 26 -36.98 -4.51 -5.59
CA ILE E 26 -37.61 -5.34 -6.61
C ILE E 26 -36.61 -5.87 -7.64
N LEU E 27 -35.39 -5.34 -7.69
CA LEU E 27 -34.40 -5.88 -8.62
C LEU E 27 -33.91 -7.24 -8.12
N PRO E 28 -33.63 -8.18 -9.03
CA PRO E 28 -32.99 -9.45 -8.61
C PRO E 28 -31.47 -9.26 -8.48
N LYS E 29 -31.08 -8.71 -7.32
CA LYS E 29 -29.72 -8.23 -7.14
C LYS E 29 -28.71 -9.36 -7.28
N LEU E 30 -28.96 -10.49 -6.61
CA LEU E 30 -28.02 -11.60 -6.65
C LEU E 30 -27.84 -12.13 -8.07
N TRP E 31 -28.94 -12.38 -8.78
CA TRP E 31 -28.87 -12.95 -10.12
C TRP E 31 -28.04 -12.08 -11.05
N LEU E 32 -28.02 -10.76 -10.83
CA LEU E 32 -27.18 -9.90 -11.65
C LEU E 32 -25.71 -9.99 -11.23
N THR E 33 -25.44 -10.07 -9.93
CA THR E 33 -24.07 -10.04 -9.44
C THR E 33 -23.28 -11.25 -9.95
N ARG E 34 -23.86 -12.44 -9.84
CA ARG E 34 -23.21 -13.62 -10.42
C ARG E 34 -23.05 -13.46 -11.91
N LEU E 35 -24.05 -12.88 -12.59
CA LEU E 35 -23.94 -12.61 -14.01
C LEU E 35 -22.87 -11.56 -14.28
N ALA E 36 -22.92 -10.44 -13.55
CA ALA E 36 -21.90 -9.41 -13.71
C ALA E 36 -20.52 -9.93 -13.34
N GLY E 37 -20.45 -10.85 -12.37
CA GLY E 37 -19.18 -11.49 -12.06
C GLY E 37 -18.78 -12.52 -13.08
N TRP E 38 -19.76 -13.19 -13.70
CA TRP E 38 -19.46 -14.14 -14.75
C TRP E 38 -18.84 -13.44 -15.96
N GLY E 39 -19.30 -12.23 -16.26
CA GLY E 39 -18.78 -11.49 -17.39
C GLY E 39 -17.42 -10.88 -17.12
N ALA E 40 -17.24 -10.29 -15.93
CA ALA E 40 -15.98 -9.68 -15.57
C ALA E 40 -14.84 -10.68 -15.44
N SER E 41 -15.15 -11.98 -15.37
CA SER E 41 -14.13 -13.01 -15.22
C SER E 41 -13.64 -13.56 -16.56
N LYS E 42 -14.46 -13.48 -17.61
CA LYS E 42 -14.05 -13.98 -18.91
C LYS E 42 -12.98 -13.07 -19.52
N ARG E 43 -11.84 -13.65 -19.88
CA ARG E 43 -10.77 -12.90 -20.54
C ARG E 43 -11.06 -12.75 -22.04
N ALA E 44 -12.16 -12.05 -22.32
CA ALA E 44 -12.47 -11.69 -23.69
C ALA E 44 -11.40 -10.76 -24.24
N GLY E 45 -11.31 -10.70 -25.56
CA GLY E 45 -10.28 -9.88 -26.18
C GLY E 45 -10.61 -8.41 -26.15
N TRP E 46 -10.96 -7.88 -27.31
CA TRP E 46 -11.27 -6.45 -27.46
C TRP E 46 -12.46 -6.02 -26.61
N LEU E 47 -13.29 -6.97 -26.15
CA LEU E 47 -14.47 -6.60 -25.37
C LEU E 47 -14.08 -6.03 -24.01
N THR E 48 -13.17 -6.69 -23.29
CA THR E 48 -12.79 -6.23 -21.97
C THR E 48 -12.19 -4.83 -22.02
N LYS E 49 -11.21 -4.61 -22.90
CA LYS E 49 -10.62 -3.28 -23.03
C LYS E 49 -11.67 -2.24 -23.42
N LEU E 50 -12.62 -2.63 -24.26
CA LEU E 50 -13.72 -1.72 -24.60
C LEU E 50 -14.56 -1.41 -23.37
N VAL E 51 -14.97 -2.44 -22.64
CA VAL E 51 -15.74 -2.23 -21.41
C VAL E 51 -14.94 -1.40 -20.42
N ILE E 52 -13.63 -1.68 -20.29
CA ILE E 52 -12.78 -0.89 -19.41
C ILE E 52 -12.72 0.55 -19.88
N ASP E 53 -12.49 0.76 -21.18
CA ASP E 53 -12.44 2.11 -21.72
C ASP E 53 -13.74 2.85 -21.49
N LEU E 54 -14.88 2.16 -21.66
CA LEU E 54 -16.17 2.77 -21.36
C LEU E 54 -16.31 3.04 -19.87
N PHE E 55 -15.87 2.09 -19.03
CA PHE E 55 -15.93 2.29 -17.59
C PHE E 55 -15.09 3.49 -17.16
N VAL E 56 -13.94 3.70 -17.80
CA VAL E 56 -13.07 4.81 -17.42
C VAL E 56 -13.69 6.13 -17.84
N LYS E 57 -14.28 6.19 -19.05
CA LYS E 57 -14.86 7.44 -19.53
C LYS E 57 -16.07 7.86 -18.70
N TYR E 58 -16.91 6.89 -18.30
CA TYR E 58 -18.13 7.23 -17.59
C TYR E 58 -17.83 7.76 -16.19
N TYR E 59 -17.19 6.95 -15.35
CA TYR E 59 -16.89 7.34 -13.98
C TYR E 59 -15.71 8.30 -13.88
N LYS E 60 -15.05 8.64 -15.00
CA LYS E 60 -13.89 9.53 -15.01
C LYS E 60 -12.75 8.96 -14.16
N VAL E 61 -12.37 7.72 -14.44
CA VAL E 61 -11.28 7.08 -13.73
C VAL E 61 -9.96 7.75 -14.10
N ASP E 62 -9.02 7.77 -13.15
CA ASP E 62 -7.69 8.32 -13.36
C ASP E 62 -6.73 7.16 -13.57
N MET E 63 -6.60 6.72 -14.82
CA MET E 63 -5.69 5.62 -15.13
C MET E 63 -4.23 6.00 -14.91
N LYS E 64 -3.92 7.30 -14.87
CA LYS E 64 -2.52 7.73 -14.75
C LYS E 64 -1.91 7.30 -13.42
N GLU E 65 -2.73 7.16 -12.37
CA GLU E 65 -2.24 6.64 -11.11
C GLU E 65 -2.03 5.13 -11.15
N ALA E 66 -2.75 4.43 -12.01
CA ALA E 66 -2.64 2.98 -12.07
C ALA E 66 -1.22 2.57 -12.42
N GLN E 67 -0.82 1.41 -11.90
CA GLN E 67 0.53 0.91 -12.13
C GLN E 67 0.77 0.65 -13.61
N LYS E 68 -0.27 0.21 -14.34
CA LYS E 68 -0.23 0.00 -15.78
C LYS E 68 -1.35 0.83 -16.38
N PRO E 69 -1.12 2.14 -16.58
CA PRO E 69 -2.20 3.01 -17.05
C PRO E 69 -2.81 2.59 -18.37
N ASP E 70 -2.06 1.89 -19.22
CA ASP E 70 -2.59 1.38 -20.47
C ASP E 70 -3.77 0.45 -20.19
N THR E 71 -4.97 0.87 -20.57
CA THR E 71 -6.16 0.05 -20.31
C THR E 71 -6.10 -1.29 -21.03
N ALA E 72 -5.34 -1.38 -22.13
CA ALA E 72 -5.22 -2.64 -22.86
C ALA E 72 -4.39 -3.68 -22.12
N SER E 73 -3.60 -3.26 -21.14
CA SER E 73 -2.72 -4.19 -20.43
C SER E 73 -3.47 -5.14 -19.52
N TYR E 74 -4.77 -4.93 -19.31
CA TYR E 74 -5.56 -5.76 -18.41
C TYR E 74 -6.27 -6.86 -19.20
N ARG E 75 -6.14 -8.10 -18.74
CA ARG E 75 -6.70 -9.23 -19.48
C ARG E 75 -8.21 -9.27 -19.37
N THR E 76 -8.73 -9.16 -18.15
CA THR E 76 -10.17 -9.22 -17.89
C THR E 76 -10.62 -7.91 -17.25
N PHE E 77 -11.93 -7.80 -17.03
CA PHE E 77 -12.47 -6.62 -16.37
C PHE E 77 -12.11 -6.60 -14.89
N ASN E 78 -12.32 -7.73 -14.20
CA ASN E 78 -12.03 -7.80 -12.77
C ASN E 78 -10.56 -7.52 -12.48
N GLU E 79 -9.67 -7.86 -13.42
CA GLU E 79 -8.26 -7.53 -13.23
C GLU E 79 -8.04 -6.02 -13.26
N PHE E 80 -8.66 -5.34 -14.23
CA PHE E 80 -8.62 -3.88 -14.24
C PHE E 80 -9.28 -3.30 -13.00
N PHE E 81 -10.28 -3.98 -12.46
CA PHE E 81 -10.98 -3.48 -11.28
C PHE E 81 -10.06 -3.45 -10.07
N VAL E 82 -9.28 -4.52 -9.88
CA VAL E 82 -8.38 -4.62 -8.73
C VAL E 82 -6.98 -4.19 -9.14
N ARG E 83 -6.90 -3.23 -10.06
CA ARG E 83 -5.61 -2.78 -10.58
C ARG E 83 -4.74 -2.24 -9.44
N PRO E 84 -3.43 -2.43 -9.53
CA PRO E 84 -2.53 -1.81 -8.55
C PRO E 84 -2.19 -0.38 -8.96
N LEU E 85 -1.84 0.42 -7.96
CA LEU E 85 -1.44 1.79 -8.18
C LEU E 85 0.08 1.92 -8.12
N ARG E 86 0.59 3.00 -8.72
CA ARG E 86 1.96 3.39 -8.48
C ARG E 86 2.09 3.69 -6.99
N ASP E 87 2.88 2.89 -6.27
CA ASP E 87 2.98 3.07 -4.82
C ASP E 87 3.41 4.48 -4.45
N GLU E 88 4.15 5.15 -5.34
CA GLU E 88 4.64 6.50 -5.07
C GLU E 88 3.55 7.54 -4.99
N VAL E 89 2.30 7.20 -5.34
CA VAL E 89 1.25 8.21 -5.41
C VAL E 89 0.46 8.33 -4.11
N ARG E 90 0.57 7.37 -3.19
CA ARG E 90 -0.12 7.42 -1.91
C ARG E 90 0.91 7.31 -0.78
N PRO E 91 1.33 8.42 -0.19
CA PRO E 91 2.42 8.39 0.81
C PRO E 91 1.90 8.02 2.19
N ILE E 92 2.46 6.96 2.75
CA ILE E 92 2.04 6.46 4.06
C ILE E 92 2.71 7.27 5.15
N ASP E 93 1.92 7.74 6.12
CA ASP E 93 2.46 8.54 7.21
C ASP E 93 3.38 7.70 8.09
N THR E 94 4.33 8.38 8.74
CA THR E 94 5.38 7.71 9.51
C THR E 94 5.27 7.89 11.01
N ASP E 95 4.43 8.82 11.49
CA ASP E 95 4.29 9.04 12.92
C ASP E 95 3.67 7.80 13.57
N PRO E 96 4.36 7.14 14.51
CA PRO E 96 3.78 5.94 15.13
C PRO E 96 2.57 6.22 16.01
N ASN E 97 2.22 7.49 16.25
CA ASN E 97 1.05 7.83 17.03
C ASN E 97 -0.13 8.26 16.17
N VAL E 98 0.01 8.29 14.85
CA VAL E 98 -1.09 8.59 13.95
C VAL E 98 -1.52 7.31 13.26
N LEU E 99 -2.81 7.21 12.99
CA LEU E 99 -3.37 6.14 12.19
C LEU E 99 -3.77 6.70 10.83
N VAL E 100 -3.66 5.85 9.81
CA VAL E 100 -3.75 6.28 8.43
C VAL E 100 -5.07 5.78 7.84
N MET E 101 -5.64 6.57 6.94
CA MET E 101 -6.90 6.18 6.30
C MET E 101 -6.72 4.84 5.59
N PRO E 102 -7.75 3.98 5.62
CA PRO E 102 -7.55 2.58 5.20
C PRO E 102 -7.81 2.32 3.73
N ALA E 103 -8.66 3.13 3.09
CA ALA E 103 -9.04 2.88 1.72
C ALA E 103 -9.38 4.18 1.02
N ASP E 104 -9.14 4.20 -0.28
CA ASP E 104 -9.47 5.37 -1.09
C ASP E 104 -10.98 5.58 -1.13
N GLY E 105 -11.37 6.85 -1.26
CA GLY E 105 -12.79 7.18 -1.31
C GLY E 105 -13.16 8.43 -0.54
N VAL E 106 -14.31 8.40 0.15
CA VAL E 106 -14.82 9.55 0.88
C VAL E 106 -15.23 9.10 2.28
N ILE E 107 -15.50 10.09 3.13
CA ILE E 107 -15.97 9.84 4.49
C ILE E 107 -17.50 9.79 4.46
N SER E 108 -18.06 8.58 4.64
CA SER E 108 -19.50 8.46 4.80
C SER E 108 -19.89 9.08 6.14
N GLN E 109 -19.44 8.46 7.23
CA GLN E 109 -19.72 8.97 8.56
C GLN E 109 -18.57 8.59 9.49
N LEU E 110 -18.57 9.22 10.65
CA LEU E 110 -17.52 9.03 11.66
C LEU E 110 -18.02 9.61 12.98
N GLY E 111 -17.30 9.29 14.02
CA GLY E 111 -17.51 9.89 15.31
C GLY E 111 -17.50 8.87 16.41
N LYS E 112 -18.21 9.22 17.49
CA LYS E 112 -18.22 8.38 18.68
C LYS E 112 -19.24 7.25 18.53
N ILE E 113 -18.83 6.05 18.94
CA ILE E 113 -19.72 4.90 18.89
C ILE E 113 -20.58 4.90 20.15
N GLU E 114 -21.41 5.93 20.32
CA GLU E 114 -22.10 6.20 21.57
C GLU E 114 -23.12 5.10 21.87
N GLU E 115 -22.89 4.35 22.95
CA GLU E 115 -23.86 3.40 23.50
C GLU E 115 -24.36 2.41 22.44
N ASP E 116 -23.43 1.74 21.75
CA ASP E 116 -23.70 0.67 20.79
C ASP E 116 -24.47 1.19 19.56
N LYS E 117 -24.89 2.46 19.55
CA LYS E 117 -25.56 3.08 18.41
C LYS E 117 -24.54 3.76 17.50
N ILE E 118 -24.49 3.35 16.24
CA ILE E 118 -23.54 3.87 15.26
C ILE E 118 -24.31 4.65 14.19
N LEU E 119 -23.82 5.83 13.84
CA LEU E 119 -24.51 6.66 12.87
C LEU E 119 -24.39 6.07 11.47
N GLN E 120 -25.53 5.89 10.80
CA GLN E 120 -25.55 5.57 9.38
C GLN E 120 -25.68 6.84 8.55
N ALA E 121 -26.72 7.63 8.81
CA ALA E 121 -26.90 8.93 8.18
C ALA E 121 -27.93 9.70 9.00
N LYS E 122 -28.10 10.97 8.66
CA LYS E 122 -29.02 11.83 9.40
C LYS E 122 -30.44 11.27 9.33
N GLY E 123 -30.95 10.75 10.44
CA GLY E 123 -32.26 10.15 10.51
C GLY E 123 -32.25 8.67 10.83
N HIS E 124 -31.10 7.99 10.75
CA HIS E 124 -31.01 6.58 11.07
C HIS E 124 -29.71 6.29 11.80
N ASN E 125 -29.74 5.26 12.64
CA ASN E 125 -28.52 4.71 13.23
C ASN E 125 -28.78 3.24 13.54
N TYR E 126 -27.70 2.46 13.51
CA TYR E 126 -27.79 1.02 13.66
C TYR E 126 -26.96 0.55 14.85
N SER E 127 -27.29 -0.64 15.33
CA SER E 127 -26.63 -1.18 16.51
C SER E 127 -25.24 -1.69 16.16
N LEU E 128 -24.49 -2.03 17.20
CA LEU E 128 -23.18 -2.66 17.04
C LEU E 128 -23.29 -4.18 16.99
N GLU E 129 -24.18 -4.76 17.80
CA GLU E 129 -24.37 -6.21 17.76
C GLU E 129 -24.88 -6.67 16.39
N ALA E 130 -25.86 -5.97 15.84
CA ALA E 130 -26.39 -6.34 14.53
C ALA E 130 -25.32 -6.28 13.47
N LEU E 131 -24.47 -5.24 13.50
CA LEU E 131 -23.35 -5.17 12.60
C LEU E 131 -22.37 -6.31 12.82
N LEU E 132 -22.21 -6.74 14.07
CA LEU E 132 -21.28 -7.81 14.42
C LEU E 132 -21.97 -9.16 14.55
N ALA E 133 -23.21 -9.27 14.11
CA ALA E 133 -23.92 -10.55 13.98
C ALA E 133 -24.07 -11.26 15.34
N GLY E 134 -24.74 -10.58 16.26
CA GLY E 134 -25.09 -11.16 17.55
C GLY E 134 -23.92 -11.61 18.39
N ASN E 135 -22.71 -11.25 17.97
CA ASN E 135 -21.50 -11.61 18.71
C ASN E 135 -21.28 -10.55 19.80
N TYR E 136 -21.97 -10.77 20.92
CA TYR E 136 -21.95 -9.80 22.01
C TYR E 136 -20.55 -9.61 22.59
N LEU E 137 -19.73 -10.66 22.54
CA LEU E 137 -18.37 -10.57 23.06
C LEU E 137 -17.57 -9.51 22.32
N MET E 138 -17.63 -9.53 20.99
CA MET E 138 -16.83 -8.61 20.19
C MET E 138 -17.34 -7.17 20.30
N ALA E 139 -18.66 -7.00 20.39
CA ALA E 139 -19.22 -5.66 20.51
C ALA E 139 -18.82 -5.00 21.82
N ASP E 140 -18.53 -5.80 22.85
CA ASP E 140 -18.13 -5.24 24.14
C ASP E 140 -16.75 -4.59 24.09
N LEU E 141 -15.92 -4.94 23.10
CA LEU E 141 -14.61 -4.34 22.98
C LEU E 141 -14.64 -2.94 22.37
N PHE E 142 -15.76 -2.53 21.79
CA PHE E 142 -15.88 -1.21 21.17
C PHE E 142 -17.11 -0.46 21.64
N ARG E 143 -17.77 -0.92 22.70
CA ARG E 143 -18.90 -0.19 23.27
C ARG E 143 -18.42 1.19 23.72
N ASN E 144 -19.11 2.23 23.25
CA ASN E 144 -18.77 3.63 23.52
C ASN E 144 -17.44 4.02 22.90
N GLY E 145 -17.07 3.38 21.79
CA GLY E 145 -15.82 3.66 21.12
C GLY E 145 -15.89 4.73 20.06
N THR E 146 -15.15 4.55 18.97
CA THR E 146 -15.15 5.46 17.84
C THR E 146 -15.28 4.66 16.55
N PHE E 147 -16.05 5.18 15.60
CA PHE E 147 -16.31 4.51 14.34
C PHE E 147 -15.94 5.41 13.17
N VAL E 148 -15.71 4.78 12.02
CA VAL E 148 -15.41 5.49 10.78
C VAL E 148 -15.88 4.69 9.59
N THR E 149 -16.92 5.18 8.91
CA THR E 149 -17.45 4.52 7.72
C THR E 149 -16.81 5.13 6.48
N THR E 150 -16.33 4.28 5.58
CA THR E 150 -15.61 4.71 4.39
C THR E 150 -16.27 4.13 3.16
N TYR E 151 -16.81 4.99 2.30
CA TYR E 151 -17.45 4.55 1.07
C TYR E 151 -16.46 4.52 -0.09
N LEU E 152 -16.53 3.47 -0.88
CA LEU E 152 -15.66 3.29 -2.04
C LEU E 152 -16.49 3.39 -3.32
N SER E 153 -16.32 4.47 -4.06
CA SER E 153 -17.04 4.64 -5.32
C SER E 153 -16.35 3.87 -6.44
N PRO E 154 -17.08 3.51 -7.50
CA PRO E 154 -16.47 2.78 -8.62
C PRO E 154 -15.23 3.46 -9.21
N ARG E 155 -15.16 4.79 -9.17
CA ARG E 155 -14.02 5.50 -9.74
C ARG E 155 -12.74 5.26 -8.97
N ASP E 156 -12.83 4.84 -7.71
CA ASP E 156 -11.68 4.80 -6.81
C ASP E 156 -10.92 3.48 -7.01
N TYR E 157 -10.08 3.13 -6.03
CA TYR E 157 -9.20 1.98 -6.08
C TYR E 157 -9.66 0.98 -5.01
N HIS E 158 -9.96 -0.25 -5.45
CA HIS E 158 -10.79 -1.17 -4.68
C HIS E 158 -9.97 -2.18 -3.88
N ARG E 159 -8.90 -1.72 -3.21
CA ARG E 159 -8.21 -2.52 -2.21
C ARG E 159 -8.10 -1.70 -0.94
N VAL E 160 -8.08 -2.40 0.19
CA VAL E 160 -8.05 -1.76 1.51
C VAL E 160 -6.71 -2.03 2.16
N HIS E 161 -6.31 -1.12 3.05
CA HIS E 161 -5.01 -1.20 3.71
C HIS E 161 -5.17 -0.97 5.20
N MET E 162 -4.22 -1.51 5.96
CA MET E 162 -4.27 -1.43 7.41
C MET E 162 -4.06 0.02 7.88
N PRO E 163 -4.90 0.54 8.76
CA PRO E 163 -4.63 1.87 9.34
C PRO E 163 -3.49 1.87 10.34
N CYS E 164 -3.03 0.70 10.78
CA CYS E 164 -1.97 0.58 11.77
C CYS E 164 -1.51 -0.88 11.80
N ASN E 165 -0.33 -1.09 12.36
CA ASN E 165 0.15 -2.46 12.55
C ASN E 165 -0.79 -3.22 13.46
N GLY E 166 -0.99 -4.50 13.18
CA GLY E 166 -1.90 -5.31 13.96
C GLY E 166 -1.66 -6.78 13.74
N ILE E 167 -2.16 -7.57 14.68
CA ILE E 167 -2.08 -9.03 14.64
C ILE E 167 -3.49 -9.56 14.43
N LEU E 168 -3.65 -10.45 13.45
CA LEU E 168 -4.96 -11.04 13.19
C LEU E 168 -5.33 -12.01 14.32
N ARG E 169 -6.57 -11.92 14.77
CA ARG E 169 -7.10 -12.80 15.81
C ARG E 169 -8.32 -13.57 15.36
N GLU E 170 -9.36 -12.87 14.89
CA GLU E 170 -10.59 -13.50 14.44
C GLU E 170 -11.02 -12.90 13.11
N MET E 171 -11.62 -13.74 12.26
CA MET E 171 -12.32 -13.28 11.07
C MET E 171 -13.70 -13.92 11.03
N ILE E 172 -14.70 -13.11 10.72
CA ILE E 172 -16.09 -13.54 10.77
C ILE E 172 -16.76 -13.18 9.45
N TYR E 173 -17.15 -14.20 8.68
CA TYR E 173 -17.93 -13.98 7.47
C TYR E 173 -19.41 -13.85 7.85
N VAL E 174 -20.07 -12.85 7.28
CA VAL E 174 -21.48 -12.59 7.59
C VAL E 174 -22.29 -12.61 6.30
N PRO E 175 -23.10 -13.63 6.08
CA PRO E 175 -23.99 -13.62 4.91
C PRO E 175 -25.09 -12.58 5.10
N GLY E 176 -25.58 -12.07 3.98
CA GLY E 176 -26.64 -11.07 4.04
C GLY E 176 -27.08 -10.65 2.66
N ASP E 177 -27.87 -9.58 2.63
CA ASP E 177 -28.42 -9.08 1.38
C ASP E 177 -27.35 -8.34 0.58
N LEU E 178 -27.75 -7.82 -0.58
CA LEU E 178 -26.81 -7.16 -1.50
C LEU E 178 -27.43 -5.88 -2.06
N PHE E 179 -27.99 -5.05 -1.18
CA PHE E 179 -28.38 -3.72 -1.60
C PHE E 179 -27.15 -2.91 -2.00
N SER E 180 -27.35 -1.95 -2.90
CA SER E 180 -26.28 -1.03 -3.22
C SER E 180 -25.90 -0.22 -1.98
N VAL E 181 -24.72 0.39 -2.01
CA VAL E 181 -24.18 1.04 -0.83
C VAL E 181 -23.84 2.48 -1.15
N ASN E 182 -24.34 2.98 -2.28
CA ASN E 182 -24.24 4.41 -2.56
C ASN E 182 -25.09 5.20 -1.58
N HIS E 183 -24.75 6.47 -1.41
CA HIS E 183 -25.28 7.26 -0.31
C HIS E 183 -26.79 7.46 -0.39
N LEU E 184 -27.40 7.28 -1.56
CA LEU E 184 -28.85 7.40 -1.65
C LEU E 184 -29.54 6.32 -0.81
N THR E 185 -29.20 5.05 -1.07
CA THR E 185 -29.77 3.97 -0.28
C THR E 185 -29.24 3.98 1.15
N ALA E 186 -28.03 4.47 1.36
CA ALA E 186 -27.46 4.56 2.70
C ALA E 186 -28.23 5.51 3.61
N GLN E 187 -29.10 6.35 3.04
CA GLN E 187 -29.91 7.28 3.81
C GLN E 187 -31.33 6.80 4.03
N ASN E 188 -31.70 5.65 3.47
CA ASN E 188 -33.08 5.16 3.61
C ASN E 188 -33.21 3.66 3.85
N VAL E 189 -32.17 2.85 3.63
CA VAL E 189 -32.23 1.42 3.88
C VAL E 189 -31.91 1.19 5.35
N PRO E 190 -32.86 0.74 6.17
CA PRO E 190 -32.58 0.55 7.60
C PRO E 190 -31.58 -0.57 7.82
N ASN E 191 -30.58 -0.30 8.68
CA ASN E 191 -29.54 -1.28 9.03
C ASN E 191 -28.87 -1.83 7.78
N LEU E 192 -28.53 -0.93 6.85
CA LEU E 192 -27.96 -1.34 5.58
C LEU E 192 -26.67 -2.14 5.79
N PHE E 193 -25.71 -1.56 6.52
CA PHE E 193 -24.47 -2.27 6.79
C PHE E 193 -24.67 -3.45 7.73
N ALA E 194 -25.74 -3.43 8.53
CA ALA E 194 -26.04 -4.55 9.42
C ALA E 194 -26.75 -5.69 8.71
N ARG E 195 -27.14 -5.50 7.45
CA ARG E 195 -27.84 -6.53 6.69
C ARG E 195 -27.05 -7.02 5.49
N ASN E 196 -26.33 -6.15 4.80
CA ASN E 196 -25.59 -6.56 3.61
C ASN E 196 -24.46 -7.51 3.96
N GLU E 197 -24.20 -8.44 3.04
CA GLU E 197 -23.11 -9.39 3.17
C GLU E 197 -21.79 -8.66 3.46
N ARG E 198 -21.00 -9.19 4.39
CA ARG E 198 -19.84 -8.47 4.87
C ARG E 198 -18.87 -9.45 5.50
N VAL E 199 -17.63 -8.97 5.72
CA VAL E 199 -16.58 -9.73 6.39
C VAL E 199 -16.00 -8.86 7.50
N ILE E 200 -15.80 -9.46 8.68
CA ILE E 200 -15.29 -8.77 9.84
C ILE E 200 -13.93 -9.36 10.22
N CYS E 201 -12.99 -8.49 10.57
CA CYS E 201 -11.65 -8.89 10.97
C CYS E 201 -11.27 -8.12 12.24
N LEU E 202 -10.91 -8.85 13.29
CA LEU E 202 -10.52 -8.24 14.56
C LEU E 202 -9.00 -8.30 14.72
N PHE E 203 -8.44 -7.23 15.27
CA PHE E 203 -7.00 -7.08 15.38
C PHE E 203 -6.58 -6.66 16.78
N ASP E 204 -5.48 -7.24 17.25
CA ASP E 204 -4.74 -6.69 18.39
C ASP E 204 -3.73 -5.71 17.85
N THR E 205 -3.91 -4.42 18.18
CA THR E 205 -3.05 -3.37 17.69
C THR E 205 -2.58 -2.52 18.85
N GLU E 206 -1.54 -1.73 18.60
CA GLU E 206 -0.97 -0.84 19.62
C GLU E 206 -1.93 0.28 20.02
N PHE E 207 -3.17 0.27 19.54
CA PHE E 207 -4.20 1.20 19.98
C PHE E 207 -5.40 0.45 20.55
N GLY E 208 -5.14 -0.70 21.17
CA GLY E 208 -6.18 -1.53 21.72
C GLY E 208 -6.65 -2.57 20.72
N PRO E 209 -7.94 -2.88 20.74
CA PRO E 209 -8.52 -3.72 19.68
C PRO E 209 -8.99 -2.87 18.51
N MET E 210 -8.83 -3.43 17.31
CA MET E 210 -9.21 -2.74 16.09
C MET E 210 -9.87 -3.74 15.15
N ALA E 211 -10.96 -3.33 14.51
CA ALA E 211 -11.74 -4.19 13.64
C ALA E 211 -11.99 -3.48 12.32
N GLN E 212 -11.42 -4.03 11.25
CA GLN E 212 -11.72 -3.59 9.89
C GLN E 212 -12.81 -4.49 9.32
N ILE E 213 -13.89 -3.89 8.84
CA ILE E 213 -15.04 -4.62 8.32
C ILE E 213 -15.19 -4.26 6.85
N LEU E 214 -15.47 -5.27 6.02
CA LEU E 214 -15.61 -5.08 4.58
C LEU E 214 -17.05 -5.41 4.18
N VAL E 215 -17.78 -4.40 3.73
CA VAL E 215 -19.19 -4.53 3.37
C VAL E 215 -19.31 -4.49 1.86
N GLY E 216 -20.10 -5.42 1.31
CA GLY E 216 -20.24 -5.55 -0.12
C GLY E 216 -21.37 -4.70 -0.68
N ALA E 217 -21.54 -4.79 -2.00
CA ALA E 217 -22.54 -4.00 -2.70
C ALA E 217 -23.34 -4.86 -3.66
N THR E 218 -24.15 -4.24 -4.52
CA THR E 218 -25.08 -5.00 -5.34
C THR E 218 -24.39 -5.75 -6.48
N ILE E 219 -23.29 -5.22 -6.99
CA ILE E 219 -22.51 -5.89 -8.03
C ILE E 219 -21.12 -6.23 -7.53
N VAL E 220 -20.50 -5.32 -6.78
CA VAL E 220 -19.25 -5.59 -6.10
C VAL E 220 -19.55 -6.50 -4.92
N GLY E 221 -19.74 -7.79 -5.20
CA GLY E 221 -20.18 -8.71 -4.16
C GLY E 221 -19.15 -9.74 -3.75
N SER E 222 -17.96 -9.69 -4.37
CA SER E 222 -16.90 -10.63 -4.07
C SER E 222 -15.87 -9.97 -3.16
N ILE E 223 -15.60 -10.60 -2.02
CA ILE E 223 -14.61 -10.11 -1.06
C ILE E 223 -13.52 -11.17 -0.92
N GLU E 224 -12.28 -10.72 -0.77
CA GLU E 224 -11.17 -11.64 -0.56
C GLU E 224 -10.12 -10.95 0.30
N THR E 225 -9.45 -11.75 1.13
CA THR E 225 -8.40 -11.28 2.01
C THR E 225 -7.05 -11.85 1.58
N VAL E 226 -5.98 -11.23 2.07
CA VAL E 226 -4.64 -11.66 1.71
C VAL E 226 -4.23 -12.96 2.40
N TRP E 227 -4.98 -13.40 3.41
CA TRP E 227 -4.64 -14.62 4.14
C TRP E 227 -5.57 -15.78 3.85
N ALA E 228 -6.72 -15.54 3.22
CA ALA E 228 -7.65 -16.60 2.89
C ALA E 228 -8.05 -16.63 1.42
N GLY E 229 -7.55 -15.71 0.61
CA GLY E 229 -7.92 -15.68 -0.79
C GLY E 229 -9.39 -15.31 -0.96
N THR E 230 -9.95 -15.75 -2.09
CA THR E 230 -11.35 -15.48 -2.40
C THR E 230 -12.26 -16.12 -1.36
N ILE E 231 -12.88 -15.30 -0.52
CA ILE E 231 -13.81 -15.81 0.49
C ILE E 231 -15.18 -16.08 -0.12
N THR E 232 -15.74 -15.08 -0.78
CA THR E 232 -17.00 -15.22 -1.50
C THR E 232 -16.86 -14.61 -2.88
N PRO E 233 -17.43 -15.24 -3.93
CA PRO E 233 -18.16 -16.52 -3.93
C PRO E 233 -17.25 -17.71 -3.63
N PRO E 234 -17.82 -18.85 -3.22
CA PRO E 234 -19.25 -19.15 -3.08
C PRO E 234 -19.90 -18.44 -1.90
N ARG E 235 -21.23 -18.37 -1.92
CA ARG E 235 -22.02 -17.74 -0.87
C ARG E 235 -22.81 -18.83 -0.16
N GLU E 236 -22.16 -19.52 0.77
CA GLU E 236 -22.77 -20.64 1.47
C GLU E 236 -23.78 -20.22 2.52
N GLY E 237 -24.05 -18.92 2.67
CA GLY E 237 -25.16 -18.43 3.46
C GLY E 237 -25.09 -18.68 4.95
N ILE E 238 -23.99 -19.24 5.46
CA ILE E 238 -23.84 -19.45 6.89
C ILE E 238 -22.68 -18.61 7.39
N ILE E 239 -22.63 -18.41 8.70
CA ILE E 239 -21.55 -17.67 9.33
C ILE E 239 -20.35 -18.59 9.51
N LYS E 240 -19.18 -18.11 9.08
CA LYS E 240 -17.92 -18.83 9.26
C LYS E 240 -17.03 -18.03 10.19
N ARG E 241 -16.27 -18.73 11.03
CA ARG E 241 -15.38 -18.07 11.98
C ARG E 241 -14.09 -18.87 12.11
N TRP E 242 -12.96 -18.20 11.89
CA TRP E 242 -11.65 -18.77 12.11
C TRP E 242 -10.91 -17.93 13.13
N THR E 243 -9.97 -18.55 13.85
CA THR E 243 -9.26 -17.89 14.93
C THR E 243 -7.76 -18.00 14.72
N TRP E 244 -7.04 -16.98 15.20
CA TRP E 244 -5.59 -16.87 15.10
C TRP E 244 -5.00 -16.55 16.46
N PRO E 245 -3.74 -16.96 16.72
CA PRO E 245 -3.16 -16.76 18.06
C PRO E 245 -2.96 -15.31 18.45
N ALA E 246 -2.41 -15.08 19.64
CA ALA E 246 -2.19 -13.76 20.19
C ALA E 246 -0.89 -13.12 19.73
N GLY E 247 -0.34 -13.55 18.60
CA GLY E 247 0.95 -13.07 18.16
C GLY E 247 2.09 -13.72 18.92
N GLU E 248 3.29 -13.61 18.34
CA GLU E 248 4.51 -14.17 18.90
C GLU E 248 4.41 -15.69 19.10
N ASN E 249 3.48 -16.34 18.41
CA ASN E 249 3.33 -17.78 18.44
C ASN E 249 3.47 -18.34 17.04
N ASP E 250 3.55 -19.66 16.95
CA ASP E 250 3.59 -20.32 15.65
C ASP E 250 2.22 -20.23 14.99
N GLY E 251 2.22 -20.08 13.66
CA GLY E 251 0.99 -19.88 12.93
C GLY E 251 0.37 -18.51 13.08
N SER E 252 0.95 -17.63 13.89
CA SER E 252 0.43 -16.29 14.05
C SER E 252 0.59 -15.49 12.75
N VAL E 253 -0.22 -14.44 12.61
CA VAL E 253 -0.26 -13.64 11.39
C VAL E 253 -0.40 -12.18 11.78
N ALA E 254 0.46 -11.33 11.22
CA ALA E 254 0.41 -9.89 11.47
C ALA E 254 0.87 -9.15 10.22
N LEU E 255 0.47 -7.89 10.13
CA LEU E 255 0.86 -7.06 8.99
C LEU E 255 0.86 -5.59 9.42
N LEU E 256 1.41 -4.75 8.54
CA LEU E 256 1.87 -3.43 8.92
C LEU E 256 0.88 -2.33 8.53
N LYS E 257 1.10 -1.15 9.14
CA LYS E 257 0.36 0.07 8.84
C LYS E 257 0.50 0.45 7.37
N GLY E 258 -0.59 0.30 6.61
CA GLY E 258 -0.58 0.60 5.19
C GLY E 258 -0.49 -0.62 4.29
N GLN E 259 -0.16 -1.78 4.84
CA GLN E 259 -0.12 -3.00 4.04
C GLN E 259 -1.50 -3.34 3.51
N GLU E 260 -1.53 -3.89 2.30
CA GLU E 260 -2.78 -4.37 1.73
C GLU E 260 -3.27 -5.61 2.48
N MET E 261 -4.52 -5.57 2.91
CA MET E 261 -5.11 -6.68 3.66
C MET E 261 -6.23 -7.39 2.93
N GLY E 262 -6.90 -6.74 1.98
CA GLY E 262 -7.98 -7.37 1.25
C GLY E 262 -8.41 -6.48 0.10
N ARG E 263 -9.36 -6.99 -0.68
CA ARG E 263 -9.85 -6.26 -1.83
C ARG E 263 -11.26 -6.73 -2.16
N PHE E 264 -11.97 -5.88 -2.89
CA PHE E 264 -13.29 -6.20 -3.42
C PHE E 264 -13.19 -6.66 -4.86
N LYS E 265 -14.28 -7.24 -5.36
CA LYS E 265 -14.27 -7.86 -6.67
C LYS E 265 -15.72 -8.04 -7.13
N LEU E 266 -15.89 -8.17 -8.45
CA LEU E 266 -17.20 -8.45 -9.02
C LEU E 266 -17.50 -9.94 -8.95
N GLY E 267 -18.74 -10.28 -8.63
CA GLY E 267 -19.15 -11.67 -8.54
C GLY E 267 -19.96 -12.00 -7.32
N THR F 2 -17.58 -0.55 1.02
CA THR F 2 -17.57 0.23 2.25
C THR F 2 -16.83 -0.49 3.38
N VAL F 3 -15.82 0.15 3.95
CA VAL F 3 -15.07 -0.40 5.06
C VAL F 3 -15.29 0.47 6.29
N ILE F 4 -15.53 -0.18 7.42
CA ILE F 4 -15.77 0.50 8.68
C ILE F 4 -14.77 -0.02 9.70
N ASN F 5 -14.14 0.90 10.42
CA ASN F 5 -13.10 0.59 11.39
C ASN F 5 -13.57 0.96 12.78
N LEU F 6 -13.44 0.02 13.70
CA LEU F 6 -13.83 0.21 15.09
C LEU F 6 -12.58 0.38 15.95
N PHE F 7 -12.73 1.11 17.05
CA PHE F 7 -11.60 1.42 17.91
C PHE F 7 -12.06 1.41 19.37
N ALA F 8 -11.14 1.06 20.26
CA ALA F 8 -11.40 1.15 21.68
C ALA F 8 -11.75 2.59 22.05
N PRO F 9 -12.62 2.79 23.04
CA PRO F 9 -13.13 4.15 23.34
C PRO F 9 -12.06 5.20 23.58
N GLY F 10 -11.20 4.98 24.56
CA GLY F 10 -10.26 6.01 24.96
C GLY F 10 -8.85 5.83 24.45
N LYS F 11 -8.67 5.10 23.35
CA LYS F 11 -7.35 4.88 22.79
C LYS F 11 -7.10 5.73 21.54
N VAL F 12 -8.08 6.49 21.08
CA VAL F 12 -7.99 7.19 19.80
C VAL F 12 -8.82 8.47 19.85
N ASN F 13 -8.20 9.58 19.46
CA ASN F 13 -8.91 10.76 18.99
C ASN F 13 -8.71 10.87 17.48
N LEU F 14 -9.69 11.47 16.81
CA LEU F 14 -9.67 11.57 15.36
C LEU F 14 -9.32 13.00 14.94
N VAL F 15 -9.31 13.23 13.64
CA VAL F 15 -9.04 14.55 13.08
C VAL F 15 -10.31 15.37 13.14
N GLU F 16 -10.27 16.49 13.89
CA GLU F 16 -11.44 17.37 13.97
C GLU F 16 -11.78 17.96 12.62
N GLN F 17 -10.79 18.16 11.75
CA GLN F 17 -11.04 18.65 10.40
C GLN F 17 -11.79 17.64 9.54
N LEU F 18 -11.86 16.38 9.97
CA LEU F 18 -12.53 15.34 9.20
C LEU F 18 -13.98 15.24 9.63
N GLU F 19 -14.88 15.73 8.79
CA GLU F 19 -16.31 15.55 8.93
C GLU F 19 -16.78 14.60 7.82
N SER F 20 -18.08 14.58 7.57
CA SER F 20 -18.60 13.75 6.50
C SER F 20 -18.21 14.31 5.14
N LEU F 21 -18.23 13.43 4.13
CA LEU F 21 -17.94 13.76 2.74
C LEU F 21 -16.50 14.25 2.53
N SER F 22 -15.63 14.10 3.51
CA SER F 22 -14.24 14.51 3.36
C SER F 22 -13.49 13.52 2.47
N VAL F 23 -12.63 14.05 1.60
CA VAL F 23 -11.88 13.20 0.68
C VAL F 23 -10.96 12.29 1.45
N THR F 24 -11.08 10.98 1.19
CA THR F 24 -10.32 9.95 1.90
C THR F 24 -9.35 9.32 0.91
N LYS F 25 -8.08 9.68 1.01
CA LYS F 25 -7.02 9.01 0.28
C LYS F 25 -6.28 8.06 1.21
N ILE F 26 -5.66 7.04 0.62
CA ILE F 26 -5.11 5.94 1.41
C ILE F 26 -3.97 6.44 2.30
N GLY F 27 -3.02 7.18 1.72
CA GLY F 27 -1.85 7.58 2.47
C GLY F 27 -2.10 8.60 3.56
N GLN F 28 -3.21 9.33 3.48
CA GLN F 28 -3.47 10.42 4.40
C GLN F 28 -3.79 9.88 5.80
N PRO F 29 -3.44 10.62 6.85
CA PRO F 29 -3.67 10.14 8.21
C PRO F 29 -5.14 10.22 8.60
N LEU F 30 -5.46 9.62 9.74
CA LEU F 30 -6.85 9.51 10.16
C LEU F 30 -7.05 9.84 11.64
N ALA F 31 -6.28 9.21 12.52
CA ALA F 31 -6.55 9.29 13.95
C ALA F 31 -5.25 9.42 14.73
N VAL F 32 -5.35 10.05 15.91
CA VAL F 32 -4.20 10.32 16.77
C VAL F 32 -4.42 9.65 18.12
N SER F 33 -3.36 9.05 18.66
CA SER F 33 -3.43 8.40 19.95
C SER F 33 -3.68 9.41 21.07
N THR F 34 -4.12 8.90 22.22
CA THR F 34 -4.36 9.74 23.39
C THR F 34 -3.16 9.82 24.33
N GLU F 35 -2.25 8.86 24.26
CA GLU F 35 -1.07 8.86 25.12
C GLU F 35 -0.10 9.97 24.72
N ASP G 13 23.96 27.24 -70.85
CA ASP G 13 24.01 27.05 -69.40
C ASP G 13 23.49 25.68 -68.93
N PRO G 14 22.33 25.22 -69.42
CA PRO G 14 21.89 23.88 -69.03
C PRO G 14 22.82 22.78 -69.53
N MET G 15 23.37 22.95 -70.74
CA MET G 15 24.29 21.95 -71.26
C MET G 15 25.65 22.00 -70.57
N LEU G 16 26.03 23.18 -70.06
CA LEU G 16 27.31 23.31 -69.38
C LEU G 16 27.23 22.82 -67.94
N ASN G 17 26.17 23.21 -67.22
CA ASN G 17 25.96 22.69 -65.88
C ASN G 17 25.85 21.17 -65.88
N SER G 18 25.27 20.62 -66.95
CA SER G 18 25.18 19.17 -67.07
C SER G 18 26.56 18.54 -67.18
N PHE G 19 27.48 19.21 -67.88
CA PHE G 19 28.82 18.65 -68.03
C PHE G 19 29.62 18.75 -66.74
N LYS G 20 29.49 19.87 -66.03
CA LYS G 20 30.14 20.01 -64.73
C LYS G 20 29.76 18.86 -63.81
N LEU G 21 28.48 18.46 -63.85
CA LEU G 21 28.05 17.33 -63.04
C LEU G 21 28.64 16.02 -63.56
N SER G 22 28.79 15.89 -64.88
CA SER G 22 29.31 14.65 -65.45
C SER G 22 30.80 14.50 -65.17
N LEU G 23 31.57 15.56 -65.42
CA LEU G 23 32.99 15.51 -65.08
C LEU G 23 33.19 15.31 -63.59
N GLN G 24 32.25 15.76 -62.77
CA GLN G 24 32.30 15.49 -61.34
C GLN G 24 32.37 13.99 -61.07
N TYR G 25 31.48 13.23 -61.70
CA TYR G 25 31.45 11.79 -61.48
C TYR G 25 32.70 11.09 -62.02
N ILE G 26 33.34 11.68 -63.02
CA ILE G 26 34.26 10.90 -63.86
C ILE G 26 35.72 11.00 -63.41
N LEU G 27 36.13 12.10 -62.78
CA LEU G 27 37.55 12.29 -62.54
C LEU G 27 37.94 11.83 -61.14
N PRO G 28 39.23 11.52 -60.91
CA PRO G 28 39.66 11.08 -59.58
C PRO G 28 39.77 12.24 -58.60
N LYS G 29 38.69 12.48 -57.86
CA LYS G 29 38.64 13.61 -56.94
C LYS G 29 39.77 13.54 -55.92
N LEU G 30 40.05 12.34 -55.39
CA LEU G 30 41.12 12.21 -54.40
C LEU G 30 42.48 12.42 -55.05
N TRP G 31 42.69 11.86 -56.24
CA TRP G 31 44.01 11.86 -56.84
C TRP G 31 44.50 13.28 -57.12
N LEU G 32 43.60 14.17 -57.55
CA LEU G 32 44.00 15.56 -57.76
C LEU G 32 44.28 16.26 -56.43
N THR G 33 43.48 15.95 -55.41
CA THR G 33 43.62 16.63 -54.12
C THR G 33 44.99 16.37 -53.51
N ARG G 34 45.51 15.15 -53.62
CA ARG G 34 46.85 14.88 -53.14
C ARG G 34 47.87 15.72 -53.90
N LEU G 35 47.70 15.85 -55.21
CA LEU G 35 48.62 16.68 -56.00
C LEU G 35 48.52 18.14 -55.61
N ALA G 36 47.30 18.67 -55.51
CA ALA G 36 47.13 20.06 -55.08
C ALA G 36 47.71 20.28 -53.69
N GLY G 37 47.47 19.34 -52.78
CA GLY G 37 48.07 19.44 -51.46
C GLY G 37 49.57 19.21 -51.47
N TRP G 38 50.05 18.34 -52.37
CA TRP G 38 51.49 18.16 -52.52
C TRP G 38 52.13 19.40 -53.15
N GLY G 39 51.42 20.07 -54.05
CA GLY G 39 51.95 21.25 -54.70
C GLY G 39 51.83 22.49 -53.83
N ALA G 40 50.65 22.71 -53.26
CA ALA G 40 50.43 23.89 -52.44
C ALA G 40 51.28 23.89 -51.17
N SER G 41 51.79 22.73 -50.76
CA SER G 41 52.61 22.63 -49.56
C SER G 41 54.10 22.68 -49.84
N LYS G 42 54.52 22.54 -51.10
CA LYS G 42 55.91 22.73 -51.45
C LYS G 42 56.24 24.21 -51.50
N ARG G 43 57.39 24.58 -50.92
CA ARG G 43 57.79 25.99 -50.83
C ARG G 43 58.43 26.41 -52.15
N ALA G 44 57.57 26.59 -53.15
CA ALA G 44 58.00 27.14 -54.42
C ALA G 44 58.31 28.64 -54.26
N GLY G 45 59.03 29.18 -55.25
CA GLY G 45 59.38 30.58 -55.20
C GLY G 45 58.33 31.48 -55.82
N TRP G 46 58.70 32.12 -56.93
CA TRP G 46 57.80 33.06 -57.59
C TRP G 46 56.50 32.41 -58.02
N LEU G 47 56.52 31.10 -58.30
CA LEU G 47 55.31 30.41 -58.74
C LEU G 47 54.21 30.51 -57.70
N THR G 48 54.49 30.11 -56.46
CA THR G 48 53.51 30.27 -55.39
C THR G 48 53.00 31.69 -55.33
N LYS G 49 53.90 32.67 -55.38
CA LYS G 49 53.50 34.06 -55.51
C LYS G 49 52.66 34.27 -56.76
N LEU G 50 53.12 33.74 -57.90
CA LEU G 50 52.38 33.89 -59.15
C LEU G 50 51.02 33.23 -59.06
N VAL G 51 50.96 31.98 -58.59
CA VAL G 51 49.69 31.28 -58.43
C VAL G 51 48.76 32.06 -57.51
N ILE G 52 49.32 32.70 -56.48
CA ILE G 52 48.51 33.52 -55.57
C ILE G 52 47.89 34.69 -56.33
N ASP G 53 48.71 35.47 -57.02
CA ASP G 53 48.22 36.66 -57.73
C ASP G 53 47.18 36.28 -58.78
N LEU G 54 47.40 35.17 -59.48
CA LEU G 54 46.41 34.70 -60.44
C LEU G 54 45.11 34.30 -59.74
N PHE G 55 45.23 33.53 -58.65
CA PHE G 55 44.07 33.22 -57.83
C PHE G 55 43.45 34.50 -57.26
N VAL G 56 44.27 35.53 -57.02
CA VAL G 56 43.75 36.77 -56.48
C VAL G 56 42.85 37.47 -57.49
N LYS G 57 43.30 37.55 -58.74
CA LYS G 57 42.57 38.32 -59.74
C LYS G 57 41.29 37.61 -60.19
N TYR G 58 41.35 36.29 -60.39
CA TYR G 58 40.23 35.58 -60.97
C TYR G 58 39.05 35.50 -60.00
N TYR G 59 39.32 35.17 -58.74
CA TYR G 59 38.27 35.05 -57.74
C TYR G 59 37.96 36.38 -57.04
N LYS G 60 38.70 37.45 -57.36
CA LYS G 60 38.47 38.77 -56.78
C LYS G 60 38.73 38.77 -55.27
N VAL G 61 39.90 38.26 -54.89
CA VAL G 61 40.29 38.27 -53.48
C VAL G 61 40.61 39.70 -53.03
N ASP G 62 40.45 39.95 -51.74
CA ASP G 62 40.73 41.25 -51.14
C ASP G 62 41.91 41.09 -50.18
N MET G 63 43.13 41.20 -50.72
CA MET G 63 44.32 41.14 -49.88
C MET G 63 44.40 42.28 -48.88
N LYS G 64 43.71 43.39 -49.17
CA LYS G 64 43.76 44.55 -48.27
C LYS G 64 43.19 44.25 -46.89
N GLU G 65 42.38 43.20 -46.77
CA GLU G 65 41.92 42.75 -45.46
C GLU G 65 42.90 41.83 -44.76
N ALA G 66 43.88 41.28 -45.48
CA ALA G 66 44.79 40.33 -44.89
C ALA G 66 45.73 41.00 -43.90
N GLN G 67 46.14 40.24 -42.88
CA GLN G 67 47.14 40.71 -41.94
C GLN G 67 48.46 41.02 -42.65
N LYS G 68 48.71 40.35 -43.76
CA LYS G 68 49.88 40.61 -44.61
C LYS G 68 49.41 40.68 -46.05
N PRO G 69 48.93 41.85 -46.49
CA PRO G 69 48.42 41.96 -47.87
C PRO G 69 49.47 41.72 -48.93
N ASP G 70 50.74 41.82 -48.61
CA ASP G 70 51.81 41.58 -49.58
C ASP G 70 51.87 40.09 -49.90
N THR G 71 51.48 39.73 -51.13
CA THR G 71 51.43 38.32 -51.52
C THR G 71 52.82 37.69 -51.67
N ALA G 72 53.88 38.49 -51.66
CA ALA G 72 55.23 37.95 -51.73
C ALA G 72 55.73 37.42 -50.39
N SER G 73 55.02 37.71 -49.30
CA SER G 73 55.37 37.19 -47.98
C SER G 73 54.67 35.89 -47.65
N TYR G 74 54.41 35.05 -48.66
CA TYR G 74 53.80 33.73 -48.47
C TYR G 74 54.62 32.72 -49.25
N ARG G 75 55.15 31.71 -48.54
CA ARG G 75 56.10 30.79 -49.15
C ARG G 75 55.40 29.71 -49.96
N THR G 76 54.34 29.14 -49.42
CA THR G 76 53.58 28.08 -50.09
C THR G 76 52.17 28.58 -50.39
N PHE G 77 51.54 27.99 -51.41
CA PHE G 77 50.18 28.39 -51.74
C PHE G 77 49.22 28.06 -50.62
N ASN G 78 49.43 26.92 -49.95
CA ASN G 78 48.59 26.54 -48.83
C ASN G 78 48.68 27.57 -47.71
N GLU G 79 49.84 28.22 -47.55
CA GLU G 79 49.99 29.24 -46.52
C GLU G 79 49.12 30.45 -46.83
N PHE G 80 49.12 30.91 -48.08
CA PHE G 80 48.25 32.02 -48.46
C PHE G 80 46.78 31.63 -48.37
N PHE G 81 46.46 30.37 -48.63
CA PHE G 81 45.08 29.93 -48.58
C PHE G 81 44.50 30.12 -47.19
N VAL G 82 45.32 29.95 -46.15
CA VAL G 82 44.88 30.09 -44.77
C VAL G 82 45.37 31.42 -44.22
N ARG G 83 45.51 32.41 -45.09
CA ARG G 83 46.06 33.70 -44.67
C ARG G 83 45.18 34.30 -43.57
N PRO G 84 45.79 35.02 -42.63
CA PRO G 84 45.02 35.67 -41.57
C PRO G 84 44.53 37.06 -41.99
N LEU G 85 43.35 37.41 -41.48
CA LEU G 85 42.80 38.73 -41.70
C LEU G 85 43.33 39.69 -40.64
N ARG G 86 42.87 40.94 -40.72
CA ARG G 86 43.15 41.92 -39.67
C ARG G 86 42.15 41.69 -38.54
N ASP G 87 42.66 41.26 -37.39
CA ASP G 87 41.85 41.00 -36.20
C ASP G 87 40.83 42.11 -35.92
N GLU G 88 41.12 43.33 -36.37
CA GLU G 88 40.21 44.44 -36.17
C GLU G 88 39.10 44.49 -37.22
N VAL G 89 39.36 43.96 -38.42
CA VAL G 89 38.37 44.07 -39.50
C VAL G 89 37.12 43.26 -39.20
N ARG G 90 37.18 42.33 -38.25
CA ARG G 90 36.02 41.53 -37.85
C ARG G 90 35.60 41.90 -36.44
N PRO G 91 34.60 42.76 -36.26
CA PRO G 91 34.13 43.06 -34.91
C PRO G 91 33.11 42.04 -34.40
N ILE G 92 33.45 41.34 -33.32
CA ILE G 92 32.61 40.26 -32.82
C ILE G 92 31.43 40.86 -32.05
N ASP G 93 30.22 40.39 -32.37
CA ASP G 93 29.02 40.86 -31.69
C ASP G 93 29.13 40.59 -30.18
N THR G 94 28.82 41.59 -29.38
CA THR G 94 29.09 41.55 -27.95
C THR G 94 27.91 41.07 -27.11
N ASP G 95 26.71 41.07 -27.66
CA ASP G 95 25.54 40.62 -26.91
C ASP G 95 25.72 39.15 -26.53
N PRO G 96 25.78 38.82 -25.24
CA PRO G 96 25.95 37.42 -24.85
C PRO G 96 24.71 36.57 -25.11
N ASN G 97 23.55 37.19 -25.30
CA ASN G 97 22.34 36.44 -25.64
C ASN G 97 22.23 36.16 -27.13
N VAL G 98 23.17 36.64 -27.95
CA VAL G 98 23.17 36.35 -29.37
C VAL G 98 24.43 35.56 -29.72
N LEU G 99 24.30 34.72 -30.74
CA LEU G 99 25.42 33.97 -31.30
C LEU G 99 25.82 34.59 -32.63
N VAL G 100 27.12 34.57 -32.90
CA VAL G 100 27.68 35.22 -34.08
C VAL G 100 27.86 34.17 -35.16
N MET G 101 27.96 34.61 -36.40
CA MET G 101 28.08 33.65 -37.49
C MET G 101 29.52 33.15 -37.61
N PRO G 102 29.71 31.88 -38.00
CA PRO G 102 31.02 31.24 -37.74
C PRO G 102 32.12 31.56 -38.73
N ALA G 103 31.80 31.71 -40.03
CA ALA G 103 32.84 31.84 -41.03
C ALA G 103 32.34 32.65 -42.21
N ASP G 104 33.28 33.16 -43.00
CA ASP G 104 32.92 33.96 -44.17
C ASP G 104 32.29 33.09 -45.25
N GLY G 105 31.50 33.73 -46.11
CA GLY G 105 30.83 33.10 -47.21
C GLY G 105 29.39 33.54 -47.30
N VAL G 106 28.60 32.77 -48.03
CA VAL G 106 27.17 33.02 -48.15
C VAL G 106 26.43 31.84 -47.54
N ILE G 107 25.22 32.11 -47.06
CA ILE G 107 24.40 31.06 -46.45
C ILE G 107 23.76 30.23 -47.55
N SER G 108 23.89 28.91 -47.44
CA SER G 108 23.19 28.01 -48.38
C SER G 108 21.73 27.87 -48.00
N GLN G 109 21.45 27.14 -46.93
CA GLN G 109 20.10 26.98 -46.41
C GLN G 109 20.13 26.99 -44.90
N LEU G 110 18.97 27.23 -44.30
CA LEU G 110 18.83 27.31 -42.86
C LEU G 110 17.36 27.22 -42.50
N GLY G 111 17.09 27.00 -41.22
CA GLY G 111 15.74 26.91 -40.71
C GLY G 111 15.63 25.83 -39.65
N LYS G 112 14.40 25.40 -39.40
CA LYS G 112 14.16 24.35 -38.42
C LYS G 112 14.60 23.00 -38.98
N ILE G 113 14.75 22.04 -38.09
CA ILE G 113 15.15 20.67 -38.44
C ILE G 113 13.89 19.84 -38.47
N GLU G 114 13.41 19.52 -39.67
CA GLU G 114 12.12 18.85 -39.84
C GLU G 114 12.16 17.38 -39.44
N GLU G 115 12.29 17.11 -38.13
CA GLU G 115 12.25 15.75 -37.60
C GLU G 115 13.28 14.86 -38.28
N ASP G 116 14.56 15.23 -38.09
CA ASP G 116 15.73 14.49 -38.57
C ASP G 116 15.98 14.76 -40.05
N LYS G 117 14.95 15.15 -40.81
CA LYS G 117 15.15 15.53 -42.21
C LYS G 117 15.71 16.95 -42.30
N ILE G 118 16.81 17.12 -43.03
CA ILE G 118 17.54 18.39 -43.09
C ILE G 118 17.57 18.86 -44.53
N LEU G 119 17.09 20.08 -44.77
CA LEU G 119 17.04 20.62 -46.13
C LEU G 119 18.44 20.79 -46.71
N GLN G 120 18.63 20.31 -47.94
CA GLN G 120 19.87 20.50 -48.68
C GLN G 120 19.65 21.56 -49.74
N ALA G 121 19.06 21.17 -50.85
CA ALA G 121 18.54 22.07 -51.87
C ALA G 121 17.05 21.83 -52.00
N LYS G 122 16.42 22.52 -52.97
CA LYS G 122 15.00 22.32 -53.20
C LYS G 122 14.74 20.89 -53.64
N GLY G 123 13.75 20.25 -53.03
CA GLY G 123 13.45 18.87 -53.34
C GLY G 123 14.54 17.90 -52.94
N HIS G 124 15.34 18.24 -51.93
CA HIS G 124 16.44 17.39 -51.49
C HIS G 124 16.70 17.66 -50.01
N ASN G 125 16.33 16.71 -49.16
CA ASN G 125 16.71 16.74 -47.76
C ASN G 125 17.41 15.45 -47.39
N TYR G 126 18.37 15.55 -46.46
CA TYR G 126 19.17 14.42 -46.05
C TYR G 126 19.04 14.20 -44.54
N SER G 127 19.17 12.94 -44.14
CA SER G 127 18.86 12.54 -42.77
C SER G 127 19.88 13.11 -41.78
N LEU G 128 19.38 13.44 -40.58
CA LEU G 128 20.27 13.90 -39.51
C LEU G 128 21.18 12.78 -39.03
N GLU G 129 20.65 11.55 -38.94
CA GLU G 129 21.49 10.40 -38.63
C GLU G 129 22.56 10.21 -39.69
N ALA G 130 22.18 10.29 -40.98
CA ALA G 130 23.14 10.09 -42.06
C ALA G 130 24.25 11.12 -42.02
N LEU G 131 23.98 12.32 -41.51
CA LEU G 131 25.01 13.34 -41.40
C LEU G 131 26.00 13.01 -40.29
N LEU G 132 25.50 12.55 -39.14
CA LEU G 132 26.32 12.32 -37.96
C LEU G 132 26.85 10.89 -37.87
N ALA G 133 27.19 10.27 -39.00
CA ALA G 133 27.80 8.94 -39.05
C ALA G 133 26.95 7.88 -38.34
N GLY G 134 25.64 8.11 -38.28
CA GLY G 134 24.74 7.16 -37.64
C GLY G 134 24.67 7.24 -36.14
N ASN G 135 25.39 8.17 -35.51
CA ASN G 135 25.34 8.33 -34.06
C ASN G 135 23.96 8.83 -33.64
N TYR G 136 23.05 7.90 -33.31
CA TYR G 136 21.68 8.29 -32.99
C TYR G 136 21.58 9.00 -31.65
N LEU G 137 22.56 8.82 -30.75
CA LEU G 137 22.60 9.58 -29.52
C LEU G 137 22.72 11.08 -29.82
N MET G 138 23.77 11.46 -30.56
CA MET G 138 23.96 12.84 -30.94
C MET G 138 22.82 13.34 -31.82
N ALA G 139 22.22 12.46 -32.60
CA ALA G 139 21.11 12.86 -33.47
C ALA G 139 19.89 13.27 -32.66
N ASP G 140 19.57 12.53 -31.60
CA ASP G 140 18.41 12.87 -30.78
C ASP G 140 18.59 14.20 -30.06
N LEU G 141 19.83 14.67 -29.90
CA LEU G 141 20.05 15.98 -29.31
C LEU G 141 19.52 17.11 -30.18
N PHE G 142 19.37 16.88 -31.49
CA PHE G 142 18.97 17.94 -32.41
C PHE G 142 17.73 17.58 -33.21
N ARG G 143 17.05 16.49 -32.89
CA ARG G 143 15.76 16.21 -33.50
C ARG G 143 14.82 17.38 -33.23
N ASN G 144 14.25 17.92 -34.31
CA ASN G 144 13.37 19.09 -34.26
C ASN G 144 14.11 20.36 -33.84
N GLY G 145 15.44 20.39 -33.97
CA GLY G 145 16.22 21.55 -33.62
C GLY G 145 16.28 22.57 -34.73
N THR G 146 17.40 23.30 -34.79
CA THR G 146 17.67 24.27 -35.83
C THR G 146 19.06 24.03 -36.39
N PHE G 147 19.25 24.39 -37.67
CA PHE G 147 20.51 24.15 -38.35
C PHE G 147 20.88 25.38 -39.18
N VAL G 148 22.06 25.32 -39.79
CA VAL G 148 22.53 26.37 -40.69
C VAL G 148 23.66 25.79 -41.52
N THR G 149 23.62 26.05 -42.82
CA THR G 149 24.65 25.61 -43.76
C THR G 149 25.31 26.83 -44.38
N THR G 150 26.64 26.86 -44.33
CA THR G 150 27.42 27.99 -44.83
C THR G 150 28.35 27.50 -45.93
N TYR G 151 28.36 28.21 -47.06
CA TYR G 151 29.22 27.89 -48.19
C TYR G 151 30.39 28.86 -48.21
N LEU G 152 31.61 28.33 -48.27
CA LEU G 152 32.82 29.14 -48.34
C LEU G 152 33.34 29.11 -49.78
N SER G 153 33.38 30.26 -50.41
CA SER G 153 33.95 30.40 -51.74
C SER G 153 35.47 30.55 -51.64
N PRO G 154 36.19 30.17 -52.70
CA PRO G 154 37.66 30.35 -52.66
C PRO G 154 38.09 31.79 -52.45
N ARG G 155 37.27 32.76 -52.86
CA ARG G 155 37.57 34.16 -52.58
C ARG G 155 37.52 34.44 -51.09
N ASP G 156 36.71 33.71 -50.35
CA ASP G 156 36.50 33.97 -48.93
C ASP G 156 37.76 33.63 -48.13
N TYR G 157 37.65 33.77 -46.82
CA TYR G 157 38.73 33.43 -45.89
C TYR G 157 38.43 32.10 -45.22
N HIS G 158 39.46 31.27 -45.09
CA HIS G 158 39.25 29.85 -44.90
C HIS G 158 39.60 29.34 -43.50
N ARG G 159 39.13 30.04 -42.47
CA ARG G 159 39.18 29.55 -41.10
C ARG G 159 37.81 29.72 -40.48
N VAL G 160 37.50 28.89 -39.49
CA VAL G 160 36.18 28.86 -38.87
C VAL G 160 36.33 29.28 -37.41
N HIS G 161 35.41 30.12 -36.95
CA HIS G 161 35.43 30.63 -35.59
C HIS G 161 34.17 30.19 -34.86
N MET G 162 34.27 30.16 -33.54
CA MET G 162 33.14 29.74 -32.71
C MET G 162 32.00 30.73 -32.83
N PRO G 163 30.76 30.27 -32.99
CA PRO G 163 29.61 31.19 -32.93
C PRO G 163 29.38 31.75 -31.54
N CYS G 164 29.87 31.10 -30.51
CA CYS G 164 29.73 31.55 -29.13
C CYS G 164 30.76 30.83 -28.28
N ASN G 165 30.79 31.14 -26.99
CA ASN G 165 31.63 30.39 -26.07
C ASN G 165 31.19 28.94 -26.03
N GLY G 166 32.15 28.03 -26.00
CA GLY G 166 31.84 26.61 -26.04
C GLY G 166 32.86 25.78 -25.31
N ILE G 167 32.43 24.61 -24.88
CA ILE G 167 33.28 23.61 -24.24
C ILE G 167 33.27 22.37 -25.12
N LEU G 168 34.45 21.94 -25.54
CA LEU G 168 34.55 20.82 -26.46
C LEU G 168 34.19 19.51 -25.77
N ARG G 169 33.42 18.67 -26.47
CA ARG G 169 33.06 17.36 -25.96
C ARG G 169 33.54 16.26 -26.91
N GLU G 170 32.76 15.99 -27.97
CA GLU G 170 33.08 14.94 -28.91
C GLU G 170 33.62 15.53 -30.21
N MET G 171 34.59 14.84 -30.81
CA MET G 171 35.05 15.13 -32.16
C MET G 171 35.13 13.82 -32.94
N ILE G 172 34.52 13.80 -34.12
CA ILE G 172 34.40 12.59 -34.93
C ILE G 172 34.91 12.88 -36.33
N TYR G 173 35.84 12.05 -36.81
CA TYR G 173 36.31 12.09 -38.18
C TYR G 173 35.58 11.05 -39.01
N VAL G 174 35.15 11.45 -40.20
CA VAL G 174 34.33 10.58 -41.04
C VAL G 174 34.95 10.49 -42.43
N PRO G 175 35.16 9.30 -42.98
CA PRO G 175 35.68 9.18 -44.33
C PRO G 175 34.59 9.42 -45.37
N GLY G 176 35.01 9.62 -46.60
CA GLY G 176 34.08 9.82 -47.68
C GLY G 176 34.74 10.42 -48.90
N ASP G 177 33.94 10.57 -49.94
CA ASP G 177 34.41 11.09 -51.21
C ASP G 177 34.76 12.58 -51.09
N LEU G 178 35.34 13.11 -52.15
CA LEU G 178 35.79 14.50 -52.19
C LEU G 178 35.12 15.21 -53.37
N PHE G 179 33.80 15.35 -53.31
CA PHE G 179 33.09 16.14 -54.30
C PHE G 179 33.46 17.61 -54.14
N SER G 180 32.95 18.43 -55.07
CA SER G 180 32.99 19.87 -54.89
C SER G 180 31.81 20.25 -53.98
N VAL G 181 31.60 21.54 -53.81
CA VAL G 181 30.51 22.00 -52.96
C VAL G 181 29.92 23.25 -53.59
N ASN G 182 30.26 23.49 -54.85
CA ASN G 182 29.61 24.54 -55.63
C ASN G 182 28.10 24.34 -55.63
N HIS G 183 27.38 25.46 -55.70
CA HIS G 183 25.93 25.38 -55.71
C HIS G 183 25.39 24.58 -56.88
N LEU G 184 26.18 24.41 -57.94
CA LEU G 184 25.78 23.55 -59.05
C LEU G 184 25.58 22.12 -58.58
N THR G 185 26.60 21.54 -57.94
CA THR G 185 26.49 20.18 -57.42
C THR G 185 25.53 20.07 -56.25
N ALA G 186 25.20 21.19 -55.61
CA ALA G 186 24.34 21.14 -54.42
C ALA G 186 22.94 20.68 -54.75
N GLN G 187 22.47 20.89 -55.98
CA GLN G 187 21.11 20.59 -56.38
C GLN G 187 20.93 19.20 -56.97
N ASN G 188 21.96 18.36 -57.00
CA ASN G 188 21.82 17.07 -57.67
C ASN G 188 22.39 15.92 -56.85
N VAL G 189 23.66 16.01 -56.47
CA VAL G 189 24.34 14.94 -55.74
C VAL G 189 23.59 14.66 -54.45
N PRO G 190 22.92 13.50 -54.33
CA PRO G 190 22.09 13.25 -53.14
C PRO G 190 22.96 12.97 -51.93
N ASN G 191 22.55 13.55 -50.79
CA ASN G 191 23.27 13.42 -49.53
C ASN G 191 24.75 13.77 -49.69
N LEU G 192 25.00 14.93 -50.32
CA LEU G 192 26.36 15.35 -50.58
C LEU G 192 27.15 15.52 -49.29
N PHE G 193 26.56 16.24 -48.32
CA PHE G 193 27.25 16.47 -47.06
C PHE G 193 27.41 15.19 -46.25
N ALA G 194 26.44 14.28 -46.33
CA ALA G 194 26.52 13.03 -45.60
C ALA G 194 27.55 12.07 -46.18
N ARG G 195 27.95 12.26 -47.44
CA ARG G 195 28.93 11.39 -48.07
C ARG G 195 30.35 11.91 -47.96
N ASN G 196 30.54 13.22 -48.11
CA ASN G 196 31.88 13.78 -48.20
C ASN G 196 32.63 13.67 -46.88
N GLU G 197 33.95 13.54 -46.99
CA GLU G 197 34.83 13.52 -45.83
C GLU G 197 34.64 14.77 -44.99
N ARG G 198 34.34 14.58 -43.71
CA ARG G 198 33.98 15.69 -42.84
C ARG G 198 34.48 15.43 -41.42
N VAL G 199 34.47 16.50 -40.61
CA VAL G 199 34.91 16.45 -39.22
C VAL G 199 33.84 17.06 -38.35
N ILE G 200 33.30 16.27 -37.42
CA ILE G 200 32.24 16.70 -36.51
C ILE G 200 32.88 17.29 -35.25
N CYS G 201 32.30 18.37 -34.74
CA CYS G 201 32.74 18.99 -33.50
C CYS G 201 31.51 19.31 -32.66
N LEU G 202 31.33 18.60 -31.56
CA LEU G 202 30.20 18.80 -30.67
C LEU G 202 30.63 19.60 -29.44
N PHE G 203 29.81 20.57 -29.05
CA PHE G 203 30.13 21.47 -27.96
C PHE G 203 28.99 21.49 -26.95
N ASP G 204 29.31 21.97 -25.75
CA ASP G 204 28.33 22.27 -24.71
C ASP G 204 28.28 23.77 -24.51
N THR G 205 27.09 24.35 -24.60
CA THR G 205 26.91 25.79 -24.46
C THR G 205 25.69 26.07 -23.61
N GLU G 206 25.58 27.32 -23.14
CA GLU G 206 24.44 27.73 -22.32
C GLU G 206 23.13 27.62 -23.08
N PHE G 207 23.19 27.63 -24.42
CA PHE G 207 22.03 27.38 -25.27
C PHE G 207 21.87 25.91 -25.59
N GLY G 208 22.17 25.03 -24.64
CA GLY G 208 22.03 23.60 -24.84
C GLY G 208 23.23 22.99 -25.54
N PRO G 209 23.05 21.82 -26.13
CA PRO G 209 24.15 21.22 -26.91
C PRO G 209 24.28 21.91 -28.25
N MET G 210 25.53 22.05 -28.70
CA MET G 210 25.85 22.74 -29.95
C MET G 210 26.83 21.91 -30.75
N ALA G 211 26.58 21.76 -32.04
CA ALA G 211 27.42 20.97 -32.93
C ALA G 211 27.80 21.81 -34.14
N GLN G 212 29.08 21.77 -34.50
CA GLN G 212 29.61 22.50 -35.64
C GLN G 212 30.50 21.57 -36.46
N ILE G 213 30.19 21.42 -37.74
CA ILE G 213 30.82 20.42 -38.59
C ILE G 213 31.65 21.11 -39.67
N LEU G 214 32.75 20.46 -40.04
CA LEU G 214 33.65 20.93 -41.09
C LEU G 214 33.68 19.90 -42.21
N VAL G 215 33.26 20.30 -43.41
CA VAL G 215 33.19 19.42 -44.58
C VAL G 215 34.08 19.98 -45.67
N GLY G 216 34.82 19.10 -46.35
CA GLY G 216 35.77 19.50 -47.36
C GLY G 216 35.26 19.32 -48.78
N ALA G 217 36.02 19.90 -49.72
CA ALA G 217 35.67 19.90 -51.13
C ALA G 217 36.75 19.18 -51.95
N THR G 218 36.60 19.25 -53.27
CA THR G 218 37.41 18.42 -54.17
C THR G 218 38.90 18.69 -54.00
N ILE G 219 39.28 19.96 -53.90
CA ILE G 219 40.69 20.34 -53.77
C ILE G 219 41.04 20.69 -52.33
N VAL G 220 40.12 21.32 -51.62
CA VAL G 220 40.31 21.65 -50.22
C VAL G 220 39.78 20.48 -49.38
N GLY G 221 40.45 19.35 -49.48
CA GLY G 221 40.08 18.17 -48.72
C GLY G 221 40.78 18.02 -47.39
N SER G 222 41.55 19.02 -46.98
CA SER G 222 42.27 18.98 -45.72
C SER G 222 41.50 19.75 -44.64
N ILE G 223 41.50 19.20 -43.43
CA ILE G 223 40.80 19.81 -42.29
C ILE G 223 41.73 19.72 -41.09
N GLU G 224 41.76 20.80 -40.30
CA GLU G 224 42.50 20.78 -39.04
C GLU G 224 41.85 21.73 -38.04
N THR G 225 41.68 21.25 -36.82
CA THR G 225 41.23 22.07 -35.70
C THR G 225 42.42 22.46 -34.84
N VAL G 226 42.23 23.54 -34.07
CA VAL G 226 43.36 24.15 -33.36
C VAL G 226 43.93 23.21 -32.31
N TRP G 227 43.12 22.35 -31.74
CA TRP G 227 43.51 21.58 -30.56
C TRP G 227 44.20 20.25 -30.89
N ALA G 228 44.20 19.83 -32.15
CA ALA G 228 44.79 18.54 -32.48
C ALA G 228 45.63 18.54 -33.75
N GLY G 229 45.81 19.68 -34.41
CA GLY G 229 46.62 19.72 -35.61
C GLY G 229 45.85 19.24 -36.84
N THR G 230 46.62 18.87 -37.87
CA THR G 230 46.04 18.43 -39.13
C THR G 230 45.36 17.07 -38.95
N ILE G 231 44.03 17.05 -39.03
CA ILE G 231 43.27 15.81 -38.92
C ILE G 231 43.45 15.00 -40.19
N THR G 232 42.94 15.54 -41.31
CA THR G 232 43.17 14.97 -42.62
C THR G 232 43.83 16.03 -43.52
N PRO G 233 44.81 15.65 -44.35
CA PRO G 233 45.37 14.31 -44.59
C PRO G 233 46.12 13.77 -43.37
N PRO G 234 46.35 12.46 -43.31
CA PRO G 234 45.97 11.45 -44.31
C PRO G 234 44.52 10.99 -44.17
N ARG G 235 44.11 10.08 -45.05
CA ARG G 235 42.76 9.54 -45.09
C ARG G 235 42.87 8.03 -44.87
N GLU G 236 42.69 7.59 -43.62
CA GLU G 236 42.82 6.18 -43.28
C GLU G 236 41.54 5.39 -43.51
N GLY G 237 40.50 6.02 -44.03
CA GLY G 237 39.30 5.33 -44.46
C GLY G 237 38.43 4.77 -43.36
N ILE G 238 38.64 5.18 -42.11
CA ILE G 238 37.81 4.70 -41.00
C ILE G 238 37.33 5.89 -40.19
N ILE G 239 36.68 5.61 -39.06
CA ILE G 239 36.09 6.64 -38.22
C ILE G 239 36.97 6.80 -36.97
N LYS G 240 37.31 8.04 -36.65
CA LYS G 240 38.05 8.38 -35.44
C LYS G 240 37.14 9.13 -34.48
N ARG G 241 37.21 8.76 -33.20
CA ARG G 241 36.40 9.39 -32.17
C ARG G 241 37.28 9.88 -31.04
N TRP G 242 36.95 11.06 -30.52
CA TRP G 242 37.63 11.62 -29.36
C TRP G 242 36.60 12.24 -28.43
N THR G 243 36.84 12.12 -27.13
CA THR G 243 35.98 12.70 -26.11
C THR G 243 36.75 13.77 -25.35
N TRP G 244 36.00 14.57 -24.61
CA TRP G 244 36.56 15.64 -23.78
C TRP G 244 35.63 15.86 -22.60
N PRO G 245 36.18 16.21 -21.43
CA PRO G 245 35.35 16.31 -20.21
C PRO G 245 34.28 17.39 -20.26
N ALA G 246 33.40 17.42 -19.25
CA ALA G 246 32.33 18.41 -19.15
C ALA G 246 32.81 19.79 -18.73
N GLY G 247 34.00 20.21 -19.14
CA GLY G 247 34.51 21.51 -18.73
C GLY G 247 34.81 21.59 -17.25
N GLU G 248 35.52 22.64 -16.82
CA GLU G 248 35.85 22.87 -15.41
C GLU G 248 36.62 21.70 -14.80
N ASN G 249 37.25 20.89 -15.63
CA ASN G 249 38.05 19.75 -15.20
C ASN G 249 39.51 19.96 -15.59
N ASP G 250 40.37 19.10 -15.06
CA ASP G 250 41.76 19.09 -15.51
C ASP G 250 41.82 18.65 -16.97
N GLY G 251 42.51 19.43 -17.79
CA GLY G 251 42.57 19.15 -19.21
C GLY G 251 41.30 19.47 -19.97
N SER G 252 40.43 20.31 -19.41
CA SER G 252 39.22 20.70 -20.12
C SER G 252 39.57 21.66 -21.25
N VAL G 253 38.95 21.44 -22.41
CA VAL G 253 39.19 22.25 -23.60
C VAL G 253 37.94 23.09 -23.87
N ALA G 254 38.11 24.41 -23.78
CA ALA G 254 37.04 25.35 -24.10
C ALA G 254 37.64 26.51 -24.88
N LEU G 255 36.78 27.19 -25.63
CA LEU G 255 37.22 28.35 -26.39
C LEU G 255 36.03 29.26 -26.62
N LEU G 256 36.33 30.51 -26.97
CA LEU G 256 35.40 31.62 -26.81
C LEU G 256 34.69 31.99 -28.11
N LYS G 257 33.74 32.91 -27.97
CA LYS G 257 32.98 33.43 -29.11
C LYS G 257 33.92 34.13 -30.09
N GLY G 258 33.79 33.78 -31.36
CA GLY G 258 34.64 34.37 -32.37
C GLY G 258 36.09 33.91 -32.31
N GLN G 259 36.36 32.80 -31.64
CA GLN G 259 37.71 32.26 -31.55
C GLN G 259 37.91 31.17 -32.60
N GLU G 260 39.08 31.16 -33.21
CA GLU G 260 39.39 30.19 -34.27
C GLU G 260 39.39 28.78 -33.70
N MET G 261 38.57 27.91 -34.29
CA MET G 261 38.50 26.51 -33.89
C MET G 261 38.94 25.54 -34.98
N GLY G 262 39.20 26.02 -36.19
CA GLY G 262 39.62 25.14 -37.27
C GLY G 262 39.85 25.92 -38.53
N ARG G 263 40.28 25.20 -39.56
CA ARG G 263 40.55 25.80 -40.87
C ARG G 263 40.53 24.71 -41.93
N PHE G 264 40.58 25.14 -43.18
CA PHE G 264 40.61 24.25 -44.34
C PHE G 264 41.91 24.47 -45.12
N LYS G 265 42.32 23.44 -45.85
CA LYS G 265 43.61 23.44 -46.51
C LYS G 265 43.56 22.56 -47.74
N LEU G 266 44.47 22.80 -48.69
CA LEU G 266 44.61 21.92 -49.85
C LEU G 266 45.36 20.66 -49.44
N GLY G 267 44.83 19.51 -49.82
CA GLY G 267 45.45 18.24 -49.48
C GLY G 267 44.47 17.11 -49.25
N THR H 2 32.87 24.72 -46.50
CA THR H 2 31.47 24.57 -46.06
C THR H 2 31.35 23.96 -44.68
N VAL H 3 30.55 24.62 -43.83
CA VAL H 3 30.32 24.18 -42.45
C VAL H 3 28.83 24.10 -42.18
N ILE H 4 28.48 23.39 -41.10
CA ILE H 4 27.10 23.19 -40.67
C ILE H 4 27.05 23.22 -39.16
N ASN H 5 26.08 23.95 -38.60
CA ASN H 5 25.87 24.01 -37.16
C ASN H 5 24.50 23.42 -36.81
N LEU H 6 24.41 22.87 -35.60
CA LEU H 6 23.21 22.23 -35.10
C LEU H 6 22.89 22.70 -33.69
N PHE H 7 21.62 22.93 -33.41
CA PHE H 7 21.19 23.47 -32.12
C PHE H 7 19.98 22.71 -31.60
N ALA H 8 19.78 22.81 -30.29
CA ALA H 8 18.68 22.14 -29.61
C ALA H 8 17.34 22.77 -30.01
N PRO H 9 16.23 22.01 -29.90
CA PRO H 9 14.93 22.50 -30.40
C PRO H 9 14.47 23.86 -29.88
N GLY H 10 14.29 23.99 -28.57
CA GLY H 10 13.74 25.19 -27.98
C GLY H 10 14.74 26.21 -27.48
N LYS H 11 16.04 26.00 -27.71
CA LYS H 11 17.06 26.76 -27.01
C LYS H 11 17.43 28.07 -27.70
N VAL H 12 17.26 28.18 -29.02
CA VAL H 12 17.79 29.30 -29.78
C VAL H 12 16.87 29.64 -30.93
N ASN H 13 16.69 30.94 -31.17
CA ASN H 13 16.07 31.48 -32.37
C ASN H 13 17.12 32.19 -33.21
N LEU H 14 16.92 32.17 -34.53
CA LEU H 14 17.86 32.75 -35.46
C LEU H 14 17.32 34.07 -36.02
N VAL H 15 18.13 34.72 -36.87
CA VAL H 15 17.74 35.99 -37.44
C VAL H 15 16.67 35.77 -38.50
N GLU H 16 15.56 36.52 -38.38
CA GLU H 16 14.47 36.42 -39.36
C GLU H 16 14.78 37.18 -40.63
N GLN H 17 15.60 38.22 -40.55
CA GLN H 17 16.01 38.98 -41.73
C GLN H 17 17.08 38.25 -42.55
N LEU H 18 17.30 36.97 -42.31
CA LEU H 18 18.25 36.16 -43.05
C LEU H 18 17.53 35.03 -43.75
N GLU H 19 17.91 34.76 -44.99
CA GLU H 19 17.39 33.63 -45.75
C GLU H 19 18.54 33.08 -46.59
N SER H 20 18.20 32.29 -47.61
CA SER H 20 19.22 31.70 -48.45
C SER H 20 20.04 32.77 -49.16
N LEU H 21 21.30 32.44 -49.44
CA LEU H 21 22.26 33.29 -50.14
C LEU H 21 22.61 34.56 -49.38
N SER H 22 22.22 34.67 -48.12
CA SER H 22 22.62 35.81 -47.32
C SER H 22 24.12 35.82 -47.10
N VAL H 23 24.71 37.01 -47.10
CA VAL H 23 26.14 37.16 -46.89
C VAL H 23 26.46 36.91 -45.41
N THR H 24 27.60 36.25 -45.15
CA THR H 24 27.95 35.76 -43.82
C THR H 24 29.37 36.22 -43.47
N LYS H 25 29.48 37.42 -42.88
CA LYS H 25 30.75 37.89 -42.32
C LYS H 25 30.84 37.52 -40.84
N ILE H 26 32.05 37.15 -40.41
CA ILE H 26 32.21 36.48 -39.12
C ILE H 26 31.54 37.27 -38.00
N GLY H 27 31.79 38.57 -37.92
CA GLY H 27 31.40 39.34 -36.76
C GLY H 27 29.95 39.78 -36.68
N GLN H 28 29.05 39.20 -37.45
CA GLN H 28 27.68 39.68 -37.48
C GLN H 28 26.76 38.73 -36.74
N PRO H 29 25.65 39.23 -36.16
CA PRO H 29 24.77 38.35 -35.40
C PRO H 29 24.16 37.27 -36.27
N LEU H 30 23.96 36.10 -35.67
CA LEU H 30 23.44 34.93 -36.35
C LEU H 30 22.19 34.35 -35.69
N ALA H 31 22.15 34.29 -34.37
CA ALA H 31 21.02 33.71 -33.65
C ALA H 31 20.99 34.28 -32.24
N VAL H 32 19.83 34.19 -31.61
CA VAL H 32 19.62 34.76 -30.28
C VAL H 32 18.82 33.79 -29.43
N SER H 33 19.20 33.69 -28.15
CA SER H 33 18.58 32.75 -27.23
C SER H 33 17.10 33.10 -27.01
N THR H 34 16.39 32.18 -26.36
CA THR H 34 15.00 32.39 -25.97
C THR H 34 14.87 32.81 -24.51
N GLU H 35 15.99 33.10 -23.84
CA GLU H 35 15.97 33.51 -22.44
C GLU H 35 16.49 34.93 -22.30
N ASP I 13 69.61 -7.34 21.97
CA ASP I 13 69.09 -7.97 20.77
C ASP I 13 67.55 -8.07 20.78
N PRO I 14 66.95 -8.66 21.82
CA PRO I 14 65.47 -8.69 21.85
C PRO I 14 64.87 -7.31 21.98
N MET I 15 65.54 -6.41 22.72
CA MET I 15 65.11 -5.02 22.78
C MET I 15 65.16 -4.36 21.40
N LEU I 16 66.31 -4.44 20.73
CA LEU I 16 66.43 -3.78 19.43
C LEU I 16 65.46 -4.37 18.43
N ASN I 17 65.40 -5.70 18.33
CA ASN I 17 64.43 -6.34 17.45
C ASN I 17 63.01 -5.93 17.81
N SER I 18 62.74 -5.76 19.10
CA SER I 18 61.43 -5.27 19.53
C SER I 18 61.23 -3.84 19.04
N PHE I 19 62.03 -2.91 19.53
CA PHE I 19 61.84 -1.51 19.14
C PHE I 19 61.91 -1.33 17.63
N LYS I 20 62.65 -2.19 16.93
CA LYS I 20 62.73 -2.08 15.46
C LYS I 20 61.38 -2.33 14.82
N LEU I 21 60.72 -3.43 15.18
CA LEU I 21 59.38 -3.67 14.66
C LEU I 21 58.38 -2.69 15.26
N SER I 22 58.68 -2.19 16.46
CA SER I 22 57.85 -1.20 17.14
C SER I 22 57.73 0.09 16.35
N LEU I 23 58.83 0.87 16.34
CA LEU I 23 58.78 2.20 15.73
C LEU I 23 58.36 2.10 14.27
N GLN I 24 58.73 1.01 13.61
CA GLN I 24 58.18 0.65 12.30
C GLN I 24 56.66 0.76 12.25
N TYR I 25 55.99 0.00 13.13
CA TYR I 25 54.54 -0.09 13.10
C TYR I 25 53.86 1.23 13.45
N ILE I 26 54.54 2.11 14.18
CA ILE I 26 53.89 3.28 14.76
C ILE I 26 54.26 4.58 14.06
N LEU I 27 55.43 4.64 13.34
CA LEU I 27 55.85 5.97 12.90
C LEU I 27 55.17 6.36 11.59
N PRO I 28 55.03 7.67 11.31
CA PRO I 28 54.33 8.10 10.10
C PRO I 28 55.11 7.76 8.83
N LYS I 29 54.90 6.53 8.34
CA LYS I 29 55.72 6.00 7.26
C LYS I 29 55.64 6.89 6.02
N LEU I 30 54.45 7.38 5.68
CA LEU I 30 54.30 8.22 4.50
C LEU I 30 55.01 9.56 4.66
N TRP I 31 55.09 10.07 5.89
CA TRP I 31 55.59 11.42 6.10
C TRP I 31 57.11 11.46 6.10
N LEU I 32 57.76 10.41 6.62
CA LEU I 32 59.21 10.35 6.55
C LEU I 32 59.68 10.20 5.11
N THR I 33 58.95 9.43 4.30
CA THR I 33 59.30 9.29 2.89
C THR I 33 59.31 10.66 2.19
N ARG I 34 58.27 11.45 2.41
CA ARG I 34 58.16 12.75 1.75
C ARG I 34 59.39 13.60 2.02
N LEU I 35 59.80 13.68 3.30
CA LEU I 35 60.93 14.53 3.66
C LEU I 35 62.20 14.09 2.93
N ALA I 36 62.52 12.80 3.00
CA ALA I 36 63.68 12.30 2.28
C ALA I 36 63.57 12.57 0.79
N GLY I 37 62.39 12.33 0.21
CA GLY I 37 62.18 12.60 -1.20
C GLY I 37 62.25 14.06 -1.56
N TRP I 38 62.01 14.96 -0.61
CA TRP I 38 62.20 16.38 -0.84
C TRP I 38 63.60 16.84 -0.47
N GLY I 39 64.20 16.21 0.56
CA GLY I 39 65.58 16.54 0.90
C GLY I 39 66.56 16.02 -0.11
N ALA I 40 66.40 14.75 -0.52
CA ALA I 40 67.30 14.17 -1.51
C ALA I 40 67.11 14.75 -2.90
N SER I 41 66.06 15.54 -3.12
CA SER I 41 65.80 16.13 -4.43
C SER I 41 66.19 17.60 -4.52
N LYS I 42 66.59 18.22 -3.42
CA LYS I 42 67.09 19.60 -3.45
C LYS I 42 68.61 19.59 -3.62
N ARG I 43 69.11 20.70 -4.15
CA ARG I 43 70.54 20.83 -4.46
C ARG I 43 71.23 21.68 -3.40
N ALA I 44 72.23 21.09 -2.74
CA ALA I 44 73.07 21.79 -1.78
C ALA I 44 74.43 21.12 -1.78
N GLY I 45 75.45 21.85 -2.24
CA GLY I 45 76.75 21.29 -2.56
C GLY I 45 77.36 20.29 -1.58
N TRP I 46 77.73 20.76 -0.39
CA TRP I 46 78.57 19.94 0.49
C TRP I 46 77.74 18.96 1.31
N LEU I 47 76.56 19.37 1.78
CA LEU I 47 75.74 18.48 2.61
C LEU I 47 75.38 17.22 1.84
N THR I 48 74.75 17.38 0.67
CA THR I 48 74.46 16.24 -0.19
C THR I 48 75.70 15.38 -0.36
N LYS I 49 76.84 16.00 -0.65
CA LYS I 49 78.10 15.27 -0.69
C LYS I 49 78.42 14.66 0.67
N LEU I 50 78.36 15.45 1.74
CA LEU I 50 78.67 14.93 3.07
C LEU I 50 77.71 13.84 3.48
N VAL I 51 76.43 13.98 3.12
CA VAL I 51 75.45 12.94 3.40
C VAL I 51 75.81 11.67 2.63
N ILE I 52 76.11 11.82 1.34
CA ILE I 52 76.61 10.69 0.54
C ILE I 52 77.86 10.12 1.18
N ASP I 53 78.76 10.98 1.66
CA ASP I 53 79.98 10.52 2.28
C ASP I 53 79.70 9.71 3.54
N LEU I 54 78.81 10.21 4.41
CA LEU I 54 78.44 9.45 5.59
C LEU I 54 77.56 8.25 5.24
N PHE I 55 76.83 8.32 4.13
CA PHE I 55 76.07 7.17 3.66
C PHE I 55 77.00 6.04 3.26
N VAL I 56 78.03 6.35 2.46
CA VAL I 56 79.00 5.35 2.05
C VAL I 56 79.78 4.83 3.24
N LYS I 57 80.10 5.72 4.19
CA LYS I 57 80.89 5.32 5.35
C LYS I 57 80.13 4.35 6.23
N TYR I 58 78.86 4.65 6.52
CA TYR I 58 78.09 3.83 7.45
C TYR I 58 77.64 2.52 6.81
N TYR I 59 77.13 2.57 5.59
CA TYR I 59 76.59 1.39 4.91
C TYR I 59 77.66 0.62 4.12
N LYS I 60 78.90 1.13 4.07
CA LYS I 60 80.00 0.48 3.36
C LYS I 60 79.69 0.34 1.88
N VAL I 61 79.27 1.44 1.26
CA VAL I 61 78.95 1.45 -0.16
C VAL I 61 80.23 1.33 -0.97
N ASP I 62 80.21 0.45 -1.97
CA ASP I 62 81.34 0.29 -2.88
C ASP I 62 81.25 1.38 -3.95
N MET I 63 81.87 2.52 -3.67
CA MET I 63 81.82 3.65 -4.59
C MET I 63 82.72 3.46 -5.81
N LYS I 64 83.54 2.41 -5.85
CA LYS I 64 84.44 2.20 -6.97
C LYS I 64 83.74 1.60 -8.18
N GLU I 65 82.63 0.88 -7.96
CA GLU I 65 81.88 0.28 -9.05
C GLU I 65 81.19 1.33 -9.93
N ALA I 66 81.14 2.58 -9.51
CA ALA I 66 80.34 3.59 -10.19
C ALA I 66 81.08 4.15 -11.41
N GLN I 67 80.31 4.75 -12.32
CA GLN I 67 80.88 5.47 -13.43
C GLN I 67 81.49 6.79 -12.99
N LYS I 68 80.97 7.36 -11.89
CA LYS I 68 81.47 8.60 -11.30
C LYS I 68 81.73 8.36 -9.82
N PRO I 69 82.93 7.90 -9.46
CA PRO I 69 83.20 7.58 -8.05
C PRO I 69 83.30 8.79 -7.14
N ASP I 70 83.56 9.98 -7.67
CA ASP I 70 83.70 11.16 -6.82
C ASP I 70 82.34 11.56 -6.28
N THR I 71 82.20 11.55 -4.95
CA THR I 71 80.94 11.92 -4.33
C THR I 71 80.62 13.41 -4.49
N ALA I 72 81.63 14.24 -4.80
CA ALA I 72 81.38 15.66 -5.00
C ALA I 72 80.73 15.96 -6.34
N SER I 73 80.83 15.04 -7.31
CA SER I 73 80.22 15.24 -8.61
C SER I 73 78.72 14.99 -8.61
N TYR I 74 78.18 14.46 -7.51
CA TYR I 74 76.74 14.26 -7.38
C TYR I 74 76.10 15.52 -6.79
N ARG I 75 75.20 16.13 -7.55
CA ARG I 75 74.56 17.36 -7.08
C ARG I 75 73.64 17.09 -5.89
N THR I 76 72.63 16.25 -6.08
CA THR I 76 71.71 15.87 -5.03
C THR I 76 72.01 14.46 -4.54
N PHE I 77 71.32 14.08 -3.46
CA PHE I 77 71.52 12.73 -2.92
C PHE I 77 70.85 11.68 -3.78
N ASN I 78 69.71 12.01 -4.39
CA ASN I 78 69.02 11.04 -5.24
C ASN I 78 69.83 10.69 -6.48
N GLU I 79 70.53 11.68 -7.05
CA GLU I 79 71.37 11.42 -8.22
C GLU I 79 72.44 10.38 -7.89
N PHE I 80 73.05 10.50 -6.70
CA PHE I 80 73.99 9.48 -6.27
C PHE I 80 73.28 8.16 -5.99
N PHE I 81 72.05 8.23 -5.46
CA PHE I 81 71.31 7.01 -5.19
C PHE I 81 71.00 6.25 -6.47
N VAL I 82 70.88 6.96 -7.59
CA VAL I 82 70.62 6.34 -8.89
C VAL I 82 71.91 6.36 -9.70
N ARG I 83 73.05 6.22 -9.03
CA ARG I 83 74.33 6.31 -9.70
C ARG I 83 74.47 5.22 -10.76
N PRO I 84 74.95 5.55 -11.96
CA PRO I 84 75.22 4.50 -12.95
C PRO I 84 76.59 3.86 -12.71
N LEU I 85 76.63 2.54 -12.73
CA LEU I 85 77.89 1.83 -12.57
C LEU I 85 78.72 1.95 -13.86
N ARG I 86 79.91 1.37 -13.83
CA ARG I 86 80.67 1.15 -15.05
C ARG I 86 80.08 -0.04 -15.77
N ASP I 87 79.76 0.14 -17.06
CA ASP I 87 79.15 -0.95 -17.82
C ASP I 87 80.03 -2.19 -17.87
N GLU I 88 81.34 -2.05 -17.67
CA GLU I 88 82.25 -3.19 -17.71
C GLU I 88 82.30 -3.97 -16.41
N VAL I 89 81.74 -3.44 -15.31
CA VAL I 89 81.79 -4.15 -14.05
C VAL I 89 80.64 -5.14 -13.88
N ARG I 90 79.60 -5.03 -14.70
CA ARG I 90 78.49 -5.99 -14.72
C ARG I 90 78.39 -6.60 -16.11
N PRO I 91 79.14 -7.68 -16.38
CA PRO I 91 79.07 -8.33 -17.69
C PRO I 91 77.88 -9.27 -17.77
N ILE I 92 77.10 -9.16 -18.84
CA ILE I 92 75.85 -9.89 -18.98
C ILE I 92 76.11 -11.23 -19.65
N ASP I 93 75.60 -12.30 -19.04
CA ASP I 93 75.67 -13.63 -19.65
C ASP I 93 74.94 -13.63 -20.98
N THR I 94 75.67 -13.88 -22.06
CA THR I 94 75.13 -13.76 -23.41
C THR I 94 74.46 -15.05 -23.90
N ASP I 95 74.46 -16.11 -23.10
CA ASP I 95 73.77 -17.35 -23.45
C ASP I 95 72.28 -17.08 -23.56
N PRO I 96 71.70 -17.15 -24.76
CA PRO I 96 70.28 -16.80 -24.91
C PRO I 96 69.31 -17.82 -24.31
N ASN I 97 69.80 -18.95 -23.80
CA ASN I 97 68.96 -19.95 -23.16
C ASN I 97 68.90 -19.81 -21.65
N VAL I 98 69.63 -18.85 -21.08
CA VAL I 98 69.63 -18.61 -19.65
C VAL I 98 69.04 -17.22 -19.39
N LEU I 99 68.70 -16.97 -18.13
CA LEU I 99 68.15 -15.69 -17.71
C LEU I 99 69.10 -15.04 -16.71
N VAL I 100 69.52 -13.81 -17.00
CA VAL I 100 70.48 -13.10 -16.17
C VAL I 100 69.79 -12.59 -14.90
N MET I 101 70.59 -12.30 -13.87
CA MET I 101 70.04 -11.77 -12.64
C MET I 101 69.43 -10.39 -12.89
N PRO I 102 68.42 -10.00 -12.13
CA PRO I 102 67.75 -8.71 -12.38
C PRO I 102 68.57 -7.51 -11.94
N ALA I 103 69.05 -7.51 -10.69
CA ALA I 103 69.79 -6.38 -10.17
C ALA I 103 70.61 -6.83 -8.98
N ASP I 104 71.58 -5.99 -8.60
CA ASP I 104 72.43 -6.30 -7.46
C ASP I 104 71.61 -6.38 -6.18
N GLY I 105 71.98 -7.33 -5.33
CA GLY I 105 71.33 -7.49 -4.03
C GLY I 105 71.56 -8.89 -3.48
N VAL I 106 70.58 -9.36 -2.72
CA VAL I 106 70.57 -10.72 -2.19
C VAL I 106 69.20 -11.32 -2.42
N ILE I 107 69.13 -12.65 -2.35
CA ILE I 107 67.88 -13.38 -2.54
C ILE I 107 67.19 -13.55 -1.20
N SER I 108 65.92 -13.18 -1.12
CA SER I 108 65.12 -13.48 0.06
C SER I 108 64.70 -14.95 0.06
N GLN I 109 63.84 -15.32 -0.90
CA GLN I 109 63.46 -16.71 -1.13
C GLN I 109 63.30 -16.93 -2.62
N LEU I 110 63.17 -18.19 -3.00
CA LEU I 110 62.96 -18.58 -4.39
C LEU I 110 62.47 -20.01 -4.42
N GLY I 111 62.03 -20.45 -5.60
CA GLY I 111 61.64 -21.82 -5.77
C GLY I 111 60.28 -21.92 -6.45
N LYS I 112 59.62 -23.05 -6.23
CA LYS I 112 58.37 -23.35 -6.90
C LYS I 112 57.20 -22.68 -6.18
N ILE I 113 56.23 -22.23 -6.97
CA ILE I 113 55.00 -21.61 -6.45
C ILE I 113 53.98 -22.72 -6.27
N GLU I 114 53.86 -23.22 -5.04
CA GLU I 114 52.96 -24.35 -4.78
C GLU I 114 51.51 -23.86 -4.75
N GLU I 115 50.83 -23.98 -5.89
CA GLU I 115 49.40 -23.70 -6.03
C GLU I 115 49.04 -22.32 -5.47
N ASP I 116 49.43 -21.29 -6.23
CA ASP I 116 49.10 -19.90 -5.92
C ASP I 116 49.49 -19.51 -4.49
N LYS I 117 50.56 -20.13 -3.96
CA LYS I 117 51.14 -19.74 -2.68
C LYS I 117 52.63 -19.54 -2.88
N ILE I 118 53.14 -18.41 -2.42
CA ILE I 118 54.54 -18.03 -2.64
C ILE I 118 55.18 -17.77 -1.28
N LEU I 119 56.28 -18.49 -1.00
CA LEU I 119 56.93 -18.38 0.30
C LEU I 119 57.57 -17.01 0.49
N GLN I 120 57.42 -16.47 1.71
CA GLN I 120 57.97 -15.17 2.06
C GLN I 120 59.15 -15.33 3.01
N ALA I 121 58.91 -15.72 4.25
CA ALA I 121 59.93 -16.14 5.20
C ALA I 121 59.45 -17.44 5.84
N LYS I 122 60.26 -17.95 6.78
CA LYS I 122 59.91 -19.21 7.45
C LYS I 122 58.56 -19.07 8.14
N GLY I 123 57.62 -19.93 7.75
CA GLY I 123 56.28 -19.84 8.29
C GLY I 123 55.46 -18.68 7.75
N HIS I 124 55.76 -18.24 6.52
CA HIS I 124 55.05 -17.11 5.93
C HIS I 124 55.06 -17.27 4.42
N ASN I 125 53.87 -17.43 3.84
CA ASN I 125 53.69 -17.39 2.39
C ASN I 125 52.54 -16.47 2.05
N TYR I 126 52.56 -15.93 0.83
CA TYR I 126 51.54 -14.99 0.39
C TYR I 126 50.92 -15.46 -0.91
N SER I 127 49.67 -15.06 -1.14
CA SER I 127 48.90 -15.49 -2.29
C SER I 127 49.37 -14.78 -3.56
N LEU I 128 49.15 -15.45 -4.70
CA LEU I 128 49.51 -14.87 -5.98
C LEU I 128 48.49 -13.83 -6.42
N GLU I 129 47.20 -14.08 -6.18
CA GLU I 129 46.19 -13.05 -6.45
C GLU I 129 46.45 -11.81 -5.60
N ALA I 130 46.78 -11.99 -4.32
CA ALA I 130 47.06 -10.86 -3.45
C ALA I 130 48.23 -10.03 -3.97
N LEU I 131 49.21 -10.68 -4.58
CA LEU I 131 50.36 -9.94 -5.12
C LEU I 131 49.94 -9.08 -6.31
N LEU I 132 49.04 -9.59 -7.15
CA LEU I 132 48.65 -8.92 -8.38
C LEU I 132 47.36 -8.11 -8.22
N ALA I 133 46.91 -7.89 -6.99
CA ALA I 133 45.76 -7.03 -6.68
C ALA I 133 44.49 -7.52 -7.36
N GLY I 134 44.22 -8.82 -7.22
CA GLY I 134 42.98 -9.40 -7.69
C GLY I 134 42.94 -9.71 -9.17
N ASN I 135 43.93 -9.33 -9.95
CA ASN I 135 43.96 -9.71 -11.36
C ASN I 135 44.13 -11.22 -11.48
N TYR I 136 43.03 -11.96 -11.44
CA TYR I 136 43.11 -13.42 -11.48
C TYR I 136 43.62 -13.92 -12.83
N LEU I 137 43.37 -13.17 -13.90
CA LEU I 137 43.84 -13.57 -15.22
C LEU I 137 45.37 -13.68 -15.23
N MET I 138 46.05 -12.68 -14.68
CA MET I 138 47.50 -12.73 -14.63
C MET I 138 47.99 -13.82 -13.69
N ALA I 139 47.27 -14.07 -12.59
CA ALA I 139 47.68 -15.07 -11.62
C ALA I 139 47.70 -16.46 -12.24
N ASP I 140 46.72 -16.77 -13.08
CA ASP I 140 46.66 -18.09 -13.70
C ASP I 140 47.84 -18.33 -14.64
N LEU I 141 48.47 -17.28 -15.15
CA LEU I 141 49.69 -17.43 -15.92
C LEU I 141 50.84 -17.94 -15.07
N PHE I 142 50.71 -17.91 -13.74
CA PHE I 142 51.84 -18.24 -12.87
C PHE I 142 51.44 -19.17 -11.72
N ARG I 143 50.30 -19.84 -11.81
CA ARG I 143 49.96 -20.86 -10.81
C ARG I 143 50.84 -22.08 -11.02
N ASN I 144 51.34 -22.63 -9.91
CA ASN I 144 52.25 -23.78 -9.94
C ASN I 144 53.50 -23.47 -10.77
N GLY I 145 53.98 -22.22 -10.66
CA GLY I 145 55.19 -21.82 -11.36
C GLY I 145 56.38 -21.65 -10.43
N THR I 146 57.32 -20.80 -10.81
CA THR I 146 58.50 -20.52 -10.01
C THR I 146 58.65 -19.02 -9.82
N PHE I 147 59.43 -18.64 -8.80
CA PHE I 147 59.59 -17.24 -8.45
C PHE I 147 60.99 -17.00 -7.89
N VAL I 148 61.29 -15.72 -7.68
CA VAL I 148 62.53 -15.30 -7.05
C VAL I 148 62.32 -13.93 -6.40
N THR I 149 62.61 -13.83 -5.11
CA THR I 149 62.47 -12.59 -4.37
C THR I 149 63.86 -12.03 -4.09
N THR I 150 64.15 -10.86 -4.66
CA THR I 150 65.47 -10.25 -4.60
C THR I 150 65.40 -8.96 -3.81
N TYR I 151 66.13 -8.90 -2.70
CA TYR I 151 66.21 -7.71 -1.87
C TYR I 151 67.38 -6.83 -2.28
N LEU I 152 67.22 -5.53 -2.15
CA LEU I 152 68.26 -4.55 -2.48
C LEU I 152 68.65 -3.79 -1.23
N SER I 153 69.87 -4.03 -0.74
CA SER I 153 70.37 -3.26 0.40
C SER I 153 70.73 -1.85 -0.05
N PRO I 154 70.64 -0.86 0.86
CA PRO I 154 71.06 0.50 0.49
C PRO I 154 72.46 0.58 -0.05
N ARG I 155 73.35 -0.33 0.37
CA ARG I 155 74.69 -0.39 -0.18
C ARG I 155 74.68 -0.75 -1.66
N ASP I 156 73.72 -1.58 -2.08
CA ASP I 156 73.69 -2.06 -3.46
C ASP I 156 73.39 -0.92 -4.44
N TYR I 157 73.57 -1.23 -5.72
CA TYR I 157 73.29 -0.29 -6.80
C TYR I 157 71.82 -0.43 -7.19
N HIS I 158 71.13 0.70 -7.27
CA HIS I 158 69.67 0.73 -7.21
C HIS I 158 69.00 0.92 -8.56
N ARG I 159 69.43 0.20 -9.59
CA ARG I 159 68.70 0.11 -10.84
C ARG I 159 68.51 -1.35 -11.21
N VAL I 160 67.46 -1.63 -11.95
CA VAL I 160 67.08 -3.00 -12.33
C VAL I 160 67.28 -3.17 -13.83
N HIS I 161 67.72 -4.36 -14.23
CA HIS I 161 67.87 -4.72 -15.63
C HIS I 161 67.06 -5.98 -15.92
N MET I 162 66.92 -6.28 -17.20
CA MET I 162 66.03 -7.35 -17.64
C MET I 162 66.71 -8.71 -17.53
N PRO I 163 66.02 -9.73 -17.01
CA PRO I 163 66.59 -11.08 -17.00
C PRO I 163 66.65 -11.72 -18.37
N CYS I 164 65.92 -11.18 -19.35
CA CYS I 164 65.90 -11.75 -20.70
C CYS I 164 65.33 -10.71 -21.64
N ASN I 165 65.51 -10.95 -22.94
CA ASN I 165 64.83 -10.14 -23.94
C ASN I 165 63.33 -10.31 -23.80
N GLY I 166 62.63 -9.21 -23.55
CA GLY I 166 61.21 -9.28 -23.27
C GLY I 166 60.46 -8.18 -24.01
N ILE I 167 59.18 -8.45 -24.24
CA ILE I 167 58.25 -7.50 -24.84
C ILE I 167 57.29 -7.03 -23.76
N LEU I 168 57.20 -5.71 -23.58
CA LEU I 168 56.30 -5.16 -22.57
C LEU I 168 54.86 -5.32 -23.01
N ARG I 169 54.03 -5.86 -22.13
CA ARG I 169 52.61 -6.05 -22.39
C ARG I 169 51.77 -5.18 -21.46
N GLU I 170 51.68 -5.53 -20.18
CA GLU I 170 50.91 -4.76 -19.21
C GLU I 170 51.83 -4.14 -18.17
N MET I 171 51.32 -3.10 -17.52
CA MET I 171 51.90 -2.54 -16.31
C MET I 171 50.77 -2.18 -15.35
N ILE I 172 50.91 -2.57 -14.09
CA ILE I 172 49.88 -2.35 -13.08
C ILE I 172 50.54 -1.69 -11.88
N TYR I 173 50.07 -0.49 -11.52
CA TYR I 173 50.53 0.21 -10.32
C TYR I 173 49.55 -0.06 -9.18
N VAL I 174 50.09 -0.38 -8.01
CA VAL I 174 49.29 -0.64 -6.82
C VAL I 174 49.67 0.36 -5.74
N PRO I 175 48.73 1.09 -5.18
CA PRO I 175 49.03 1.92 -4.02
C PRO I 175 49.05 1.08 -2.75
N GLY I 176 49.88 1.47 -1.81
CA GLY I 176 49.98 0.70 -0.58
C GLY I 176 50.80 1.42 0.47
N ASP I 177 51.07 0.69 1.55
CA ASP I 177 51.80 1.23 2.67
C ASP I 177 53.29 1.34 2.33
N LEU I 178 54.09 1.74 3.32
CA LEU I 178 55.52 1.98 3.13
C LEU I 178 56.26 1.40 4.34
N PHE I 179 56.62 0.12 4.24
CA PHE I 179 57.22 -0.63 5.35
C PHE I 179 58.73 -0.72 5.19
N SER I 180 59.40 -1.21 6.24
CA SER I 180 60.85 -1.23 6.24
C SER I 180 61.40 -2.09 5.11
N VAL I 181 60.87 -3.31 4.98
CA VAL I 181 61.22 -4.31 3.96
C VAL I 181 62.59 -4.92 4.26
N ASN I 182 63.18 -4.59 5.40
CA ASN I 182 64.32 -5.35 5.88
C ASN I 182 63.85 -6.69 6.44
N HIS I 183 64.77 -7.67 6.50
CA HIS I 183 64.38 -9.05 6.78
C HIS I 183 63.58 -9.19 8.08
N LEU I 184 63.96 -8.43 9.12
CA LEU I 184 63.22 -8.48 10.38
C LEU I 184 61.73 -8.27 10.16
N THR I 185 61.38 -7.40 9.21
CA THR I 185 59.98 -7.24 8.82
C THR I 185 59.49 -8.45 8.02
N ALA I 186 60.29 -8.91 7.05
CA ALA I 186 59.86 -9.99 6.18
C ALA I 186 59.51 -11.26 6.93
N GLN I 187 59.98 -11.39 8.17
CA GLN I 187 59.65 -12.53 9.01
C GLN I 187 58.50 -12.25 9.96
N ASN I 188 57.94 -11.04 9.95
CA ASN I 188 56.91 -10.68 10.91
C ASN I 188 55.73 -9.93 10.28
N VAL I 189 55.96 -9.26 9.15
CA VAL I 189 54.90 -8.52 8.46
C VAL I 189 54.21 -9.46 7.49
N PRO I 190 52.94 -9.79 7.70
CA PRO I 190 52.25 -10.70 6.78
C PRO I 190 51.88 -10.02 5.48
N ASN I 191 52.08 -10.74 4.37
CA ASN I 191 51.83 -10.22 3.03
C ASN I 191 52.51 -8.87 2.83
N LEU I 192 53.80 -8.83 3.13
CA LEU I 192 54.54 -7.56 3.07
C LEU I 192 54.57 -7.00 1.66
N PHE I 193 54.74 -7.87 0.66
CA PHE I 193 54.88 -7.42 -0.71
C PHE I 193 53.55 -7.21 -1.42
N ALA I 194 52.46 -7.78 -0.89
CA ALA I 194 51.12 -7.51 -1.42
C ALA I 194 50.50 -6.27 -0.81
N ARG I 195 51.07 -5.73 0.26
CA ARG I 195 50.56 -4.53 0.92
C ARG I 195 51.28 -3.27 0.48
N ASN I 196 52.61 -3.28 0.46
CA ASN I 196 53.37 -2.08 0.15
C ASN I 196 53.14 -1.62 -1.28
N GLU I 197 53.23 -0.31 -1.48
CA GLU I 197 53.14 0.28 -2.80
C GLU I 197 54.16 -0.35 -3.74
N ARG I 198 53.68 -0.85 -4.88
CA ARG I 198 54.52 -1.60 -5.81
C ARG I 198 54.10 -1.29 -7.24
N VAL I 199 54.94 -1.72 -8.19
CA VAL I 199 54.70 -1.55 -9.62
C VAL I 199 54.94 -2.89 -10.30
N ILE I 200 53.97 -3.32 -11.12
CA ILE I 200 53.99 -4.62 -11.77
C ILE I 200 54.29 -4.41 -13.25
N CYS I 201 55.24 -5.20 -13.78
CA CYS I 201 55.57 -5.19 -15.20
C CYS I 201 55.40 -6.61 -15.74
N LEU I 202 54.43 -6.78 -16.63
CA LEU I 202 54.18 -8.07 -17.27
C LEU I 202 54.87 -8.10 -18.62
N PHE I 203 55.60 -9.18 -18.89
CA PHE I 203 56.44 -9.29 -20.08
C PHE I 203 56.11 -10.54 -20.88
N ASP I 204 56.39 -10.47 -22.17
CA ASP I 204 56.40 -11.63 -23.05
C ASP I 204 57.84 -11.92 -23.46
N THR I 205 58.27 -13.17 -23.28
CA THR I 205 59.62 -13.56 -23.64
C THR I 205 59.60 -15.00 -24.12
N GLU I 206 60.66 -15.38 -24.84
CA GLU I 206 60.72 -16.69 -25.50
C GLU I 206 60.50 -17.85 -24.54
N PHE I 207 60.64 -17.62 -23.23
CA PHE I 207 60.41 -18.65 -22.23
C PHE I 207 59.01 -18.59 -21.64
N GLY I 208 58.07 -17.96 -22.34
CA GLY I 208 56.72 -17.80 -21.86
C GLY I 208 56.49 -16.44 -21.26
N PRO I 209 55.35 -16.26 -20.59
CA PRO I 209 55.07 -14.98 -19.92
C PRO I 209 55.92 -14.84 -18.66
N MET I 210 56.68 -13.76 -18.59
CA MET I 210 57.53 -13.46 -17.44
C MET I 210 57.04 -12.18 -16.77
N ALA I 211 57.03 -12.19 -15.45
CA ALA I 211 56.66 -11.02 -14.66
C ALA I 211 57.88 -10.50 -13.91
N GLN I 212 57.91 -9.19 -13.69
CA GLN I 212 58.95 -8.56 -12.90
C GLN I 212 58.34 -7.38 -12.15
N ILE I 213 58.39 -7.44 -10.82
CA ILE I 213 57.72 -6.47 -9.96
C ILE I 213 58.79 -5.64 -9.26
N LEU I 214 58.37 -4.45 -8.80
CA LEU I 214 59.25 -3.51 -8.10
C LEU I 214 58.51 -2.99 -6.87
N VAL I 215 58.97 -3.40 -5.68
CA VAL I 215 58.33 -3.06 -4.41
C VAL I 215 59.23 -2.08 -3.67
N GLY I 216 58.63 -1.01 -3.15
CA GLY I 216 59.37 -0.01 -2.41
C GLY I 216 59.34 -0.23 -0.91
N ALA I 217 60.00 0.68 -0.19
CA ALA I 217 60.25 0.53 1.23
C ALA I 217 59.77 1.77 1.99
N THR I 218 60.14 1.84 3.28
CA THR I 218 59.65 2.88 4.18
C THR I 218 60.29 4.24 3.96
N ILE I 219 61.35 4.33 3.16
CA ILE I 219 61.93 5.60 2.75
C ILE I 219 62.23 5.50 1.26
N VAL I 220 62.86 4.39 0.87
CA VAL I 220 63.03 4.06 -0.54
C VAL I 220 61.65 3.70 -1.08
N GLY I 221 60.88 4.72 -1.51
CA GLY I 221 59.52 4.49 -1.92
C GLY I 221 59.17 4.94 -3.32
N SER I 222 60.09 5.65 -3.97
CA SER I 222 59.86 6.12 -5.33
C SER I 222 60.24 5.05 -6.34
N ILE I 223 59.41 4.90 -7.37
CA ILE I 223 59.60 3.88 -8.39
C ILE I 223 59.50 4.55 -9.76
N GLU I 224 60.48 4.29 -10.63
CA GLU I 224 60.45 4.82 -11.98
C GLU I 224 61.01 3.78 -12.95
N THR I 225 60.49 3.82 -14.18
CA THR I 225 60.95 3.00 -15.27
C THR I 225 61.60 3.85 -16.34
N VAL I 226 62.39 3.20 -17.21
CA VAL I 226 63.08 3.95 -18.26
C VAL I 226 62.11 4.45 -19.31
N TRP I 227 60.96 3.78 -19.47
CA TRP I 227 60.01 4.14 -20.51
C TRP I 227 58.91 5.06 -20.01
N ALA I 228 58.60 5.04 -18.71
CA ALA I 228 57.52 5.83 -18.16
C ALA I 228 57.97 6.97 -17.28
N GLY I 229 59.15 6.88 -16.67
CA GLY I 229 59.61 7.92 -15.77
C GLY I 229 59.12 7.68 -14.34
N THR I 230 59.23 8.72 -13.53
CA THR I 230 58.85 8.64 -12.12
C THR I 230 57.36 8.36 -11.97
N ILE I 231 57.02 7.12 -11.66
CA ILE I 231 55.62 6.74 -11.49
C ILE I 231 55.07 7.27 -10.16
N THR I 232 55.83 7.07 -9.08
CA THR I 232 55.45 7.55 -7.77
C THR I 232 56.71 8.14 -7.12
N PRO I 233 56.64 9.35 -6.55
CA PRO I 233 55.51 10.28 -6.44
C PRO I 233 55.01 10.77 -7.79
N PRO I 234 53.77 11.28 -7.86
CA PRO I 234 52.82 11.44 -6.74
C PRO I 234 52.08 10.15 -6.40
N ARG I 235 51.86 9.92 -5.11
CA ARG I 235 51.07 8.80 -4.62
C ARG I 235 49.59 9.18 -4.74
N GLU I 236 48.92 8.67 -5.78
CA GLU I 236 47.55 9.05 -6.05
C GLU I 236 46.51 8.10 -5.44
N GLY I 237 46.89 6.87 -5.14
CA GLY I 237 46.07 6.01 -4.31
C GLY I 237 45.07 5.12 -5.02
N ILE I 238 45.22 4.91 -6.32
CA ILE I 238 44.34 4.01 -7.07
C ILE I 238 45.17 3.16 -8.00
N ILE I 239 44.57 2.04 -8.44
CA ILE I 239 45.24 1.10 -9.32
C ILE I 239 45.20 1.62 -10.75
N LYS I 240 46.38 1.83 -11.32
CA LYS I 240 46.51 2.22 -12.72
C LYS I 240 46.94 1.01 -13.54
N ARG I 241 46.41 0.90 -14.76
CA ARG I 241 46.76 -0.20 -15.64
C ARG I 241 46.95 0.31 -17.05
N TRP I 242 48.08 -0.06 -17.66
CA TRP I 242 48.33 0.16 -19.08
C TRP I 242 48.56 -1.17 -19.76
N THR I 243 48.35 -1.19 -21.07
CA THR I 243 48.67 -2.33 -21.90
C THR I 243 49.47 -1.85 -23.11
N TRP I 244 50.15 -2.78 -23.76
CA TRP I 244 51.03 -2.48 -24.87
C TRP I 244 50.85 -3.51 -25.97
N PRO I 245 51.25 -3.20 -27.19
CA PRO I 245 51.16 -4.18 -28.27
C PRO I 245 52.02 -5.41 -28.00
N ALA I 246 51.74 -6.47 -28.76
CA ALA I 246 52.42 -7.76 -28.60
C ALA I 246 53.67 -7.86 -29.47
N GLY I 247 54.49 -6.81 -29.53
CA GLY I 247 55.70 -6.85 -30.31
C GLY I 247 55.46 -6.70 -31.81
N GLU I 248 56.43 -6.12 -32.51
CA GLU I 248 56.37 -5.95 -33.96
C GLU I 248 55.13 -5.15 -34.37
N ASN I 249 54.95 -3.99 -33.73
CA ASN I 249 53.78 -3.15 -33.98
C ASN I 249 54.18 -1.69 -33.90
N ASP I 250 53.38 -0.84 -34.53
CA ASP I 250 53.54 0.59 -34.42
C ASP I 250 53.33 1.03 -32.98
N GLY I 251 54.43 1.29 -32.27
CA GLY I 251 54.37 1.65 -30.86
C GLY I 251 54.69 0.52 -29.90
N SER I 252 55.04 -0.66 -30.41
CA SER I 252 55.37 -1.78 -29.55
C SER I 252 56.62 -1.45 -28.71
N VAL I 253 56.74 -2.13 -27.58
CA VAL I 253 57.81 -1.87 -26.63
C VAL I 253 58.50 -3.19 -26.30
N ALA I 254 59.83 -3.22 -26.45
CA ALA I 254 60.64 -4.36 -26.07
C ALA I 254 61.99 -3.85 -25.60
N LEU I 255 62.76 -4.74 -24.97
CA LEU I 255 64.09 -4.39 -24.50
C LEU I 255 64.86 -5.68 -24.22
N LEU I 256 66.19 -5.55 -24.23
CA LEU I 256 67.08 -6.69 -24.30
C LEU I 256 67.43 -7.23 -22.92
N LYS I 257 68.18 -8.33 -22.91
CA LYS I 257 68.66 -8.95 -21.69
C LYS I 257 69.65 -8.04 -20.98
N GLY I 258 69.53 -7.97 -19.65
CA GLY I 258 70.44 -7.15 -18.87
C GLY I 258 70.40 -5.68 -19.19
N GLN I 259 69.30 -5.19 -19.77
CA GLN I 259 69.17 -3.79 -20.14
C GLN I 259 68.42 -3.04 -19.04
N GLU I 260 68.90 -1.83 -18.74
CA GLU I 260 68.32 -1.02 -17.68
C GLU I 260 66.85 -0.72 -17.98
N MET I 261 65.96 -1.19 -17.12
CA MET I 261 64.53 -0.99 -17.28
C MET I 261 63.91 -0.07 -16.24
N GLY I 262 64.51 0.03 -15.06
CA GLY I 262 63.94 0.86 -14.01
C GLY I 262 64.95 1.09 -12.90
N ARG I 263 64.50 1.82 -11.89
CA ARG I 263 65.35 2.18 -10.76
C ARG I 263 64.48 2.68 -9.62
N PHE I 264 64.94 2.44 -8.40
CA PHE I 264 64.30 2.97 -7.20
C PHE I 264 64.86 4.34 -6.87
N LYS I 265 64.15 5.07 -6.01
CA LYS I 265 64.53 6.43 -5.66
C LYS I 265 63.92 6.77 -4.32
N LEU I 266 64.45 7.81 -3.69
CA LEU I 266 63.93 8.32 -2.43
C LEU I 266 62.82 9.32 -2.72
N GLY I 267 61.61 9.04 -2.25
CA GLY I 267 60.47 9.90 -2.51
C GLY I 267 59.15 9.20 -2.27
N THR J 2 63.26 -4.03 -3.35
CA THR J 2 62.94 -5.44 -3.55
C THR J 2 62.17 -5.66 -4.84
N VAL J 3 62.68 -6.57 -5.67
CA VAL J 3 62.05 -6.93 -6.94
C VAL J 3 61.79 -8.43 -6.93
N ILE J 4 60.72 -8.83 -7.62
CA ILE J 4 60.27 -10.22 -7.68
C ILE J 4 59.95 -10.56 -9.13
N ASN J 5 60.31 -11.77 -9.54
CA ASN J 5 60.04 -12.27 -10.89
C ASN J 5 59.16 -13.51 -10.81
N LEU J 6 58.28 -13.64 -11.80
CA LEU J 6 57.36 -14.77 -11.89
C LEU J 6 57.49 -15.40 -13.27
N PHE J 7 57.29 -16.73 -13.34
CA PHE J 7 57.53 -17.48 -14.56
C PHE J 7 56.49 -18.57 -14.73
N ALA J 8 56.42 -19.10 -15.96
CA ALA J 8 55.50 -20.17 -16.29
C ALA J 8 55.80 -21.41 -15.44
N PRO J 9 54.82 -22.32 -15.30
CA PRO J 9 55.03 -23.52 -14.49
C PRO J 9 56.25 -24.35 -14.91
N GLY J 10 56.28 -24.79 -16.16
CA GLY J 10 57.33 -25.67 -16.61
C GLY J 10 58.04 -25.22 -17.87
N LYS J 11 58.22 -23.91 -18.02
CA LYS J 11 58.94 -23.34 -19.15
C LYS J 11 60.30 -22.82 -18.78
N VAL J 12 60.77 -23.09 -17.55
CA VAL J 12 62.06 -22.61 -17.10
C VAL J 12 62.45 -23.41 -15.85
N ASN J 13 63.72 -23.33 -15.46
CA ASN J 13 64.22 -23.98 -14.26
C ASN J 13 65.31 -23.10 -13.66
N LEU J 14 65.20 -22.82 -12.37
CA LEU J 14 66.15 -21.97 -11.69
C LEU J 14 67.45 -22.73 -11.43
N VAL J 15 68.43 -22.03 -10.87
CA VAL J 15 69.69 -22.63 -10.49
C VAL J 15 69.54 -23.27 -9.12
N GLU J 16 69.82 -24.58 -9.03
CA GLU J 16 69.70 -25.28 -7.77
C GLU J 16 70.72 -24.82 -6.74
N GLN J 17 71.86 -24.25 -7.19
CA GLN J 17 72.85 -23.77 -6.25
C GLN J 17 72.39 -22.50 -5.53
N LEU J 18 71.49 -21.74 -6.15
CA LEU J 18 70.98 -20.50 -5.55
C LEU J 18 69.93 -20.84 -4.51
N GLU J 19 70.25 -20.58 -3.24
CA GLU J 19 69.31 -20.70 -2.15
C GLU J 19 69.00 -19.30 -1.61
N SER J 20 68.37 -19.24 -0.44
CA SER J 20 68.14 -17.97 0.22
C SER J 20 69.47 -17.34 0.61
N LEU J 21 69.48 -16.01 0.69
CA LEU J 21 70.62 -15.18 1.07
C LEU J 21 71.75 -15.21 0.06
N SER J 22 71.58 -15.87 -1.09
CA SER J 22 72.63 -15.92 -2.09
C SER J 22 72.86 -14.52 -2.67
N VAL J 23 74.14 -14.13 -2.76
CA VAL J 23 74.47 -12.79 -3.24
C VAL J 23 74.09 -12.64 -4.71
N THR J 24 73.48 -11.51 -5.04
CA THR J 24 72.89 -11.28 -6.35
C THR J 24 73.57 -10.06 -6.98
N LYS J 25 74.21 -10.26 -8.13
CA LYS J 25 74.74 -9.18 -8.96
C LYS J 25 74.08 -9.23 -10.33
N ILE J 26 74.03 -8.07 -11.00
CA ILE J 26 73.22 -7.94 -12.22
C ILE J 26 73.64 -8.97 -13.26
N GLY J 27 74.88 -8.89 -13.72
CA GLY J 27 75.29 -9.60 -14.93
C GLY J 27 75.37 -11.11 -14.82
N GLN J 28 74.97 -11.72 -13.71
CA GLN J 28 75.13 -13.16 -13.55
C GLN J 28 73.88 -13.91 -14.00
N PRO J 29 73.99 -15.20 -14.29
CA PRO J 29 72.81 -15.97 -14.69
C PRO J 29 72.01 -16.47 -13.50
N LEU J 30 70.69 -16.56 -13.73
CA LEU J 30 69.74 -16.91 -12.67
C LEU J 30 68.91 -18.15 -12.97
N ALA J 31 68.55 -18.40 -14.23
CA ALA J 31 67.76 -19.57 -14.59
C ALA J 31 68.07 -19.95 -16.03
N VAL J 32 67.44 -21.04 -16.49
CA VAL J 32 67.69 -21.57 -17.83
C VAL J 32 66.45 -22.32 -18.28
N SER J 33 66.18 -22.28 -19.59
CA SER J 33 64.97 -22.85 -20.16
C SER J 33 64.93 -24.37 -19.98
N THR J 34 63.77 -24.94 -20.28
CA THR J 34 63.55 -26.38 -20.26
C THR J 34 63.55 -26.99 -21.66
N GLU J 35 63.97 -26.24 -22.67
CA GLU J 35 63.99 -26.74 -24.04
C GLU J 35 65.41 -27.09 -24.48
N ASP K 13 -67.39 9.04 68.20
CA ASP K 13 -67.82 8.26 67.04
C ASP K 13 -67.60 8.99 65.70
N PRO K 14 -68.25 10.14 65.47
CA PRO K 14 -68.07 10.80 64.17
C PRO K 14 -66.68 11.36 63.99
N MET K 15 -65.95 11.58 65.07
CA MET K 15 -64.55 11.94 65.04
C MET K 15 -63.64 10.79 65.44
N LEU K 16 -64.20 9.73 66.00
CA LEU K 16 -63.43 8.50 66.18
C LEU K 16 -63.08 7.88 64.84
N ASN K 17 -64.01 7.94 63.88
CA ASN K 17 -63.71 7.53 62.52
C ASN K 17 -62.50 8.28 61.97
N SER K 18 -62.26 9.50 62.45
CA SER K 18 -61.08 10.22 62.02
C SER K 18 -59.80 9.51 62.43
N PHE K 19 -59.84 8.73 63.52
CA PHE K 19 -58.71 7.85 63.81
C PHE K 19 -58.64 6.70 62.81
N LYS K 20 -59.78 6.10 62.48
CA LYS K 20 -59.80 5.13 61.39
C LYS K 20 -59.37 5.79 60.08
N LEU K 21 -59.64 7.08 59.91
CA LEU K 21 -59.12 7.84 58.77
C LEU K 21 -57.65 8.21 58.99
N SER K 22 -57.29 8.63 60.20
CA SER K 22 -55.89 8.88 60.55
C SER K 22 -55.03 7.65 60.24
N LEU K 23 -55.50 6.48 60.69
CA LEU K 23 -54.79 5.24 60.46
C LEU K 23 -54.38 5.10 58.99
N GLN K 24 -55.29 5.50 58.08
CA GLN K 24 -55.03 5.32 56.66
C GLN K 24 -53.77 6.04 56.21
N TYR K 25 -53.63 7.32 56.59
CA TYR K 25 -52.51 8.10 56.10
C TYR K 25 -51.19 7.67 56.74
N ILE K 26 -51.24 7.27 58.01
CA ILE K 26 -50.00 7.00 58.73
C ILE K 26 -49.43 5.62 58.38
N LEU K 27 -50.27 4.59 58.32
CA LEU K 27 -49.74 3.25 58.11
C LEU K 27 -49.23 3.10 56.68
N PRO K 28 -48.13 2.39 56.48
CA PRO K 28 -47.53 2.27 55.13
C PRO K 28 -48.32 1.35 54.22
N LYS K 29 -49.34 1.93 53.58
CA LYS K 29 -50.29 1.22 52.72
C LYS K 29 -49.61 0.17 51.85
N LEU K 30 -48.68 0.62 50.99
CA LEU K 30 -47.96 -0.29 50.11
C LEU K 30 -47.27 -1.39 50.89
N TRP K 31 -46.62 -1.03 52.00
CA TRP K 31 -45.83 -1.99 52.76
C TRP K 31 -46.66 -3.18 53.22
N LEU K 32 -47.83 -2.92 53.80
CA LEU K 32 -48.69 -4.02 54.25
C LEU K 32 -49.19 -4.85 53.08
N THR K 33 -49.38 -4.23 51.90
CA THR K 33 -49.91 -4.96 50.76
C THR K 33 -48.92 -6.03 50.28
N ARG K 34 -47.64 -5.67 50.18
CA ARG K 34 -46.63 -6.64 49.76
C ARG K 34 -46.52 -7.77 50.77
N LEU K 35 -46.59 -7.46 52.05
CA LEU K 35 -46.54 -8.50 53.08
C LEU K 35 -47.79 -9.38 53.02
N ALA K 36 -48.97 -8.77 52.87
CA ALA K 36 -50.19 -9.55 52.75
C ALA K 36 -50.20 -10.39 51.49
N GLY K 37 -49.61 -9.89 50.40
CA GLY K 37 -49.48 -10.69 49.19
C GLY K 37 -48.42 -11.76 49.30
N TRP K 38 -47.35 -11.50 50.03
CA TRP K 38 -46.33 -12.52 50.26
C TRP K 38 -46.90 -13.71 51.03
N GLY K 39 -47.79 -13.43 52.00
CA GLY K 39 -48.35 -14.50 52.79
C GLY K 39 -49.40 -15.31 52.04
N ALA K 40 -50.25 -14.64 51.26
CA ALA K 40 -51.31 -15.32 50.53
C ALA K 40 -50.78 -16.17 49.38
N SER K 41 -49.46 -16.27 49.20
CA SER K 41 -48.86 -17.02 48.11
C SER K 41 -48.09 -18.25 48.57
N LYS K 42 -47.43 -18.20 49.73
CA LYS K 42 -46.75 -19.38 50.25
C LYS K 42 -47.76 -20.47 50.58
N ARG K 43 -47.43 -21.70 50.17
CA ARG K 43 -48.39 -22.81 50.16
C ARG K 43 -48.24 -23.68 51.41
N ALA K 44 -48.46 -23.05 52.56
CA ALA K 44 -48.40 -23.74 53.86
C ALA K 44 -49.79 -24.31 54.16
N GLY K 45 -49.94 -25.60 53.96
CA GLY K 45 -51.23 -26.26 54.03
C GLY K 45 -52.09 -25.93 55.25
N TRP K 46 -51.63 -26.32 56.44
CA TRP K 46 -52.43 -26.11 57.64
C TRP K 46 -52.49 -24.63 58.02
N LEU K 47 -51.50 -23.85 57.62
CA LEU K 47 -51.55 -22.40 57.87
C LEU K 47 -52.53 -21.71 56.94
N THR K 48 -52.50 -22.06 55.65
CA THR K 48 -53.43 -21.43 54.71
C THR K 48 -54.87 -21.79 55.02
N LYS K 49 -55.14 -23.06 55.33
CA LYS K 49 -56.48 -23.48 55.69
C LYS K 49 -56.95 -22.82 56.99
N LEU K 50 -56.03 -22.42 57.86
CA LEU K 50 -56.40 -21.75 59.10
C LEU K 50 -56.87 -20.32 58.83
N VAL K 51 -56.07 -19.55 58.08
CA VAL K 51 -56.43 -18.17 57.80
C VAL K 51 -57.67 -18.10 56.90
N ILE K 52 -57.83 -19.07 55.99
CA ILE K 52 -59.04 -19.13 55.18
C ILE K 52 -60.26 -19.32 56.08
N ASP K 53 -60.18 -20.24 57.03
CA ASP K 53 -61.28 -20.45 57.95
C ASP K 53 -61.55 -19.20 58.79
N LEU K 54 -60.49 -18.51 59.20
CA LEU K 54 -60.66 -17.24 59.91
C LEU K 54 -61.40 -16.24 59.05
N PHE K 55 -60.96 -16.09 57.79
CA PHE K 55 -61.60 -15.15 56.86
C PHE K 55 -63.06 -15.51 56.62
N VAL K 56 -63.44 -16.76 56.86
CA VAL K 56 -64.83 -17.16 56.64
C VAL K 56 -65.69 -16.86 57.85
N LYS K 57 -65.20 -17.15 59.05
CA LYS K 57 -66.00 -16.92 60.25
C LYS K 57 -66.14 -15.45 60.60
N TYR K 58 -65.22 -14.59 60.13
CA TYR K 58 -65.28 -13.17 60.47
C TYR K 58 -66.12 -12.39 59.46
N TYR K 59 -65.78 -12.48 58.18
CA TYR K 59 -66.55 -11.82 57.13
C TYR K 59 -67.80 -12.61 56.75
N LYS K 60 -68.06 -13.75 57.39
CA LYS K 60 -69.24 -14.57 57.12
C LYS K 60 -69.33 -14.94 55.65
N VAL K 61 -68.55 -15.93 55.23
CA VAL K 61 -68.45 -16.32 53.83
C VAL K 61 -69.32 -17.56 53.61
N ASP K 62 -70.11 -17.53 52.53
CA ASP K 62 -70.96 -18.66 52.15
C ASP K 62 -70.19 -19.53 51.17
N MET K 63 -69.69 -20.67 51.65
CA MET K 63 -68.90 -21.56 50.83
C MET K 63 -69.73 -22.55 50.01
N LYS K 64 -71.03 -22.67 50.29
CA LYS K 64 -71.86 -23.58 49.51
C LYS K 64 -72.03 -23.09 48.07
N GLU K 65 -71.91 -21.78 47.84
CA GLU K 65 -71.96 -21.24 46.49
C GLU K 65 -70.68 -21.53 45.71
N ALA K 66 -69.59 -21.83 46.40
CA ALA K 66 -68.31 -22.00 45.75
C ALA K 66 -68.21 -23.35 45.05
N GLN K 67 -67.41 -23.39 43.98
CA GLN K 67 -67.17 -24.65 43.28
C GLN K 67 -66.38 -25.63 44.14
N LYS K 68 -65.48 -25.11 44.99
CA LYS K 68 -64.69 -25.92 45.91
C LYS K 68 -65.06 -25.52 47.33
N PRO K 69 -66.12 -26.11 47.91
CA PRO K 69 -66.61 -25.67 49.22
C PRO K 69 -65.77 -26.12 50.40
N ASP K 70 -64.71 -26.90 50.20
CA ASP K 70 -63.86 -27.34 51.30
C ASP K 70 -62.63 -26.45 51.37
N THR K 71 -62.33 -25.96 52.58
CA THR K 71 -61.27 -24.97 52.74
C THR K 71 -59.88 -25.57 52.56
N ALA K 72 -59.71 -26.85 52.88
CA ALA K 72 -58.41 -27.49 52.69
C ALA K 72 -58.05 -27.65 51.23
N SER K 73 -59.03 -27.57 50.33
CA SER K 73 -58.78 -27.75 48.91
C SER K 73 -58.27 -26.47 48.27
N TYR K 74 -57.61 -25.62 49.06
CA TYR K 74 -57.00 -24.38 48.58
C TYR K 74 -55.57 -24.35 49.08
N ARG K 75 -54.62 -24.55 48.16
CA ARG K 75 -53.21 -24.58 48.53
C ARG K 75 -52.80 -23.30 49.26
N THR K 76 -53.02 -22.15 48.62
CA THR K 76 -52.68 -20.86 49.19
C THR K 76 -53.96 -20.09 49.53
N PHE K 77 -53.80 -18.88 50.04
CA PHE K 77 -54.96 -18.05 50.35
C PHE K 77 -55.46 -17.31 49.12
N ASN K 78 -54.54 -16.74 48.33
CA ASN K 78 -54.95 -16.03 47.12
C ASN K 78 -55.73 -16.93 46.17
N GLU K 79 -55.50 -18.25 46.24
CA GLU K 79 -56.31 -19.19 45.51
C GLU K 79 -57.75 -19.18 46.02
N PHE K 80 -57.92 -19.25 47.34
CA PHE K 80 -59.26 -19.20 47.92
C PHE K 80 -59.87 -17.80 47.77
N PHE K 81 -59.04 -16.76 47.75
CA PHE K 81 -59.57 -15.41 47.56
C PHE K 81 -60.18 -15.25 46.17
N VAL K 82 -59.54 -15.83 45.15
CA VAL K 82 -60.04 -15.76 43.78
C VAL K 82 -60.76 -17.06 43.45
N ARG K 83 -61.38 -17.67 44.47
CA ARG K 83 -62.01 -18.97 44.28
C ARG K 83 -63.07 -18.90 43.18
N PRO K 84 -63.15 -19.92 42.33
CA PRO K 84 -64.24 -19.97 41.36
C PRO K 84 -65.53 -20.47 41.99
N LEU K 85 -66.65 -19.98 41.47
CA LEU K 85 -67.96 -20.24 42.03
C LEU K 85 -68.64 -21.39 41.29
N ARG K 86 -69.86 -21.72 41.74
CA ARG K 86 -70.67 -22.73 41.06
C ARG K 86 -71.35 -22.09 39.85
N ASP K 87 -71.10 -22.69 38.68
CA ASP K 87 -71.63 -22.22 37.41
C ASP K 87 -73.08 -21.74 37.48
N GLU K 88 -73.96 -22.56 38.03
CA GLU K 88 -75.40 -22.32 37.91
C GLU K 88 -75.91 -21.26 38.88
N VAL K 89 -75.19 -20.99 39.97
CA VAL K 89 -75.72 -20.10 41.01
C VAL K 89 -75.82 -18.65 40.57
N ARG K 90 -75.25 -18.29 39.41
CA ARG K 90 -75.33 -16.94 38.87
C ARG K 90 -75.68 -17.01 37.40
N PRO K 91 -76.96 -17.26 37.07
CA PRO K 91 -77.36 -17.29 35.67
C PRO K 91 -77.42 -15.88 35.10
N ILE K 92 -76.70 -15.67 33.99
CA ILE K 92 -76.61 -14.35 33.37
C ILE K 92 -77.90 -14.05 32.61
N ASP K 93 -78.29 -12.78 32.59
CA ASP K 93 -79.49 -12.36 31.88
C ASP K 93 -79.40 -12.75 30.41
N THR K 94 -80.56 -13.08 29.83
CA THR K 94 -80.63 -13.55 28.46
C THR K 94 -81.07 -12.49 27.46
N ASP K 95 -81.75 -11.44 27.92
CA ASP K 95 -82.16 -10.36 27.04
C ASP K 95 -80.94 -9.59 26.55
N PRO K 96 -80.59 -9.65 25.26
CA PRO K 96 -79.42 -8.90 24.79
C PRO K 96 -79.59 -7.40 24.86
N ASN K 97 -80.84 -6.90 24.86
CA ASN K 97 -81.07 -5.47 24.97
C ASN K 97 -80.59 -4.91 26.30
N VAL K 98 -80.61 -5.73 27.35
CA VAL K 98 -80.19 -5.28 28.67
C VAL K 98 -78.72 -5.63 28.88
N LEU K 99 -78.11 -4.96 29.84
CA LEU K 99 -76.76 -5.27 30.30
C LEU K 99 -76.83 -5.90 31.69
N VAL K 100 -75.83 -6.71 32.00
CA VAL K 100 -75.85 -7.54 33.19
C VAL K 100 -74.86 -7.00 34.21
N MET K 101 -75.16 -7.20 35.49
CA MET K 101 -74.32 -6.66 36.54
C MET K 101 -72.95 -7.34 36.51
N PRO K 102 -71.86 -6.59 36.74
CA PRO K 102 -70.52 -7.18 36.54
C PRO K 102 -70.08 -8.14 37.64
N ALA K 103 -70.10 -7.72 38.90
CA ALA K 103 -69.50 -8.53 39.96
C ALA K 103 -70.29 -8.36 41.26
N ASP K 104 -70.15 -9.34 42.14
CA ASP K 104 -70.80 -9.30 43.45
C ASP K 104 -70.18 -8.22 44.33
N GLY K 105 -70.97 -7.77 45.30
CA GLY K 105 -70.60 -6.64 46.13
C GLY K 105 -71.81 -5.76 46.36
N VAL K 106 -71.59 -4.45 46.55
CA VAL K 106 -72.67 -3.48 46.63
C VAL K 106 -72.30 -2.28 45.78
N ILE K 107 -73.31 -1.49 45.43
CA ILE K 107 -73.13 -0.30 44.60
C ILE K 107 -72.79 0.88 45.50
N SER K 108 -71.76 1.63 45.12
CA SER K 108 -71.44 2.87 45.84
C SER K 108 -72.34 3.98 45.35
N GLN K 109 -72.04 4.53 44.17
CA GLN K 109 -72.86 5.58 43.57
C GLN K 109 -73.07 5.26 42.09
N LEU K 110 -74.04 5.93 41.49
CA LEU K 110 -74.40 5.69 40.10
C LEU K 110 -75.34 6.80 39.64
N GLY K 111 -75.65 6.79 38.35
CA GLY K 111 -76.59 7.73 37.75
C GLY K 111 -75.93 8.56 36.67
N LYS K 112 -76.62 9.62 36.28
CA LYS K 112 -76.11 10.51 35.24
C LYS K 112 -74.92 11.30 35.77
N ILE K 113 -73.91 11.48 34.92
CA ILE K 113 -72.75 12.31 35.23
C ILE K 113 -73.07 13.74 34.78
N GLU K 114 -73.34 14.60 35.74
CA GLU K 114 -73.56 16.02 35.46
C GLU K 114 -72.29 16.64 34.90
N GLU K 115 -72.37 17.14 33.67
CA GLU K 115 -71.23 17.70 32.94
C GLU K 115 -70.14 16.64 32.90
N ASP K 116 -68.96 16.86 33.49
CA ASP K 116 -67.92 15.85 33.61
C ASP K 116 -67.68 15.44 35.06
N LYS K 117 -68.65 15.68 35.93
CA LYS K 117 -68.52 15.46 37.37
C LYS K 117 -69.20 14.14 37.73
N ILE K 118 -68.43 13.25 38.35
CA ILE K 118 -68.90 11.93 38.72
C ILE K 118 -68.99 11.88 40.24
N LEU K 119 -70.09 11.36 40.76
CA LEU K 119 -70.35 11.37 42.19
C LEU K 119 -69.62 10.22 42.88
N GLN K 120 -68.96 10.54 43.99
CA GLN K 120 -68.24 9.56 44.80
C GLN K 120 -68.94 9.25 46.12
N ALA K 121 -69.25 10.28 46.89
CA ALA K 121 -70.04 10.15 48.12
C ALA K 121 -70.64 11.51 48.42
N LYS K 122 -71.45 11.57 49.48
CA LYS K 122 -72.15 12.81 49.84
C LYS K 122 -71.15 13.94 50.05
N GLY K 123 -71.16 14.92 49.15
CA GLY K 123 -70.24 16.04 49.24
C GLY K 123 -68.89 15.82 48.60
N HIS K 124 -68.79 14.91 47.63
CA HIS K 124 -67.52 14.63 46.98
C HIS K 124 -67.79 14.09 45.58
N ASN K 125 -67.20 14.73 44.57
CA ASN K 125 -67.30 14.25 43.20
C ASN K 125 -65.97 14.47 42.48
N TYR K 126 -65.47 13.42 41.83
CA TYR K 126 -64.17 13.47 41.18
C TYR K 126 -64.33 13.59 39.67
N SER K 127 -63.40 14.30 39.05
CA SER K 127 -63.47 14.60 37.63
C SER K 127 -63.33 13.33 36.81
N LEU K 128 -63.89 13.37 35.59
CA LEU K 128 -63.75 12.24 34.69
C LEU K 128 -62.33 12.16 34.12
N GLU K 129 -61.65 13.30 34.01
CA GLU K 129 -60.25 13.29 33.61
C GLU K 129 -59.38 12.62 34.67
N ALA K 130 -59.59 12.97 35.94
CA ALA K 130 -58.78 12.41 37.02
C ALA K 130 -58.95 10.90 37.11
N LEU K 131 -60.14 10.39 36.81
CA LEU K 131 -60.35 8.94 36.82
C LEU K 131 -59.67 8.28 35.62
N LEU K 132 -59.65 8.97 34.48
CA LEU K 132 -59.06 8.43 33.26
C LEU K 132 -57.63 8.91 33.04
N ALA K 133 -56.97 9.41 34.09
CA ALA K 133 -55.55 9.76 34.06
C ALA K 133 -55.23 10.75 32.95
N GLY K 134 -56.10 11.74 32.77
CA GLY K 134 -55.88 12.79 31.81
C GLY K 134 -56.04 12.39 30.35
N ASN K 135 -56.43 11.15 30.07
CA ASN K 135 -56.68 10.71 28.68
C ASN K 135 -57.97 11.39 28.21
N TYR K 136 -57.85 12.67 27.87
CA TYR K 136 -59.02 13.47 27.56
C TYR K 136 -59.76 12.98 26.32
N LEU K 137 -59.08 12.27 25.42
CA LEU K 137 -59.78 11.68 24.28
C LEU K 137 -60.76 10.60 24.73
N MET K 138 -60.37 9.82 25.75
CA MET K 138 -61.28 8.82 26.31
C MET K 138 -62.31 9.44 27.25
N ALA K 139 -62.05 10.65 27.75
CA ALA K 139 -62.98 11.29 28.67
C ALA K 139 -64.20 11.85 27.94
N ASP K 140 -64.00 12.48 26.78
CA ASP K 140 -65.12 13.04 26.04
C ASP K 140 -66.12 11.98 25.59
N LEU K 141 -65.72 10.71 25.58
CA LEU K 141 -66.63 9.63 25.21
C LEU K 141 -67.67 9.34 26.28
N PHE K 142 -67.60 9.99 27.44
CA PHE K 142 -68.50 9.69 28.54
C PHE K 142 -69.07 10.92 29.23
N ARG K 143 -68.75 12.13 28.75
CA ARG K 143 -69.35 13.33 29.31
C ARG K 143 -70.86 13.31 29.16
N ASN K 144 -71.56 13.63 30.25
CA ASN K 144 -73.03 13.66 30.31
C ASN K 144 -73.66 12.28 30.11
N GLY K 145 -72.88 11.22 30.31
CA GLY K 145 -73.37 9.86 30.21
C GLY K 145 -73.96 9.35 31.51
N THR K 146 -73.89 8.03 31.68
CA THR K 146 -74.24 7.39 32.94
C THR K 146 -73.00 6.67 33.47
N PHE K 147 -73.04 6.37 34.77
CA PHE K 147 -71.95 5.65 35.40
C PHE K 147 -72.52 4.82 36.53
N VAL K 148 -71.73 3.85 36.98
CA VAL K 148 -72.11 2.99 38.10
C VAL K 148 -70.86 2.44 38.77
N THR K 149 -70.67 2.78 40.04
CA THR K 149 -69.53 2.36 40.82
C THR K 149 -69.95 1.24 41.76
N THR K 150 -69.24 0.11 41.69
CA THR K 150 -69.54 -1.07 42.50
C THR K 150 -68.39 -1.34 43.46
N TYR K 151 -68.73 -1.52 44.74
CA TYR K 151 -67.77 -1.84 45.79
C TYR K 151 -67.81 -3.33 46.09
N LEU K 152 -66.65 -3.91 46.40
CA LEU K 152 -66.55 -5.33 46.71
C LEU K 152 -66.03 -5.49 48.13
N SER K 153 -66.90 -5.92 49.03
CA SER K 153 -66.49 -6.28 50.37
C SER K 153 -65.59 -7.52 50.31
N PRO K 154 -64.68 -7.69 51.28
CA PRO K 154 -63.83 -8.89 51.28
C PRO K 154 -64.60 -10.20 51.26
N ARG K 155 -65.79 -10.24 51.86
CA ARG K 155 -66.59 -11.46 51.86
C ARG K 155 -66.98 -11.89 50.46
N ASP K 156 -67.08 -10.94 49.53
CA ASP K 156 -67.65 -11.20 48.22
C ASP K 156 -66.73 -12.10 47.38
N TYR K 157 -67.18 -12.39 46.16
CA TYR K 157 -66.42 -13.14 45.18
C TYR K 157 -65.67 -12.15 44.28
N HIS K 158 -64.35 -12.29 44.22
CA HIS K 158 -63.49 -11.22 43.69
C HIS K 158 -63.01 -11.54 42.27
N ARG K 159 -63.96 -11.69 41.36
CA ARG K 159 -63.69 -11.64 39.92
C ARG K 159 -64.72 -10.74 39.26
N VAL K 160 -64.38 -10.26 38.06
CA VAL K 160 -65.20 -9.30 37.34
C VAL K 160 -65.60 -9.90 36.00
N HIS K 161 -66.86 -9.73 35.62
CA HIS K 161 -67.39 -10.21 34.36
C HIS K 161 -67.84 -9.04 33.50
N MET K 162 -68.13 -9.34 32.24
CA MET K 162 -68.51 -8.31 31.27
C MET K 162 -70.01 -8.03 31.34
N PRO K 163 -70.39 -6.76 31.26
CA PRO K 163 -71.82 -6.43 31.27
C PRO K 163 -72.51 -6.64 29.93
N CYS K 164 -71.76 -6.90 28.85
CA CYS K 164 -72.34 -7.00 27.52
C CYS K 164 -71.33 -7.63 26.57
N ASN K 165 -71.77 -7.89 25.35
CA ASN K 165 -70.88 -8.29 24.28
C ASN K 165 -69.99 -7.10 23.91
N GLY K 166 -68.68 -7.27 24.05
CA GLY K 166 -67.77 -6.16 23.82
C GLY K 166 -66.49 -6.61 23.16
N ILE K 167 -65.94 -5.73 22.33
CA ILE K 167 -64.62 -5.90 21.73
C ILE K 167 -63.68 -4.94 22.43
N LEU K 168 -62.63 -5.47 23.05
CA LEU K 168 -61.69 -4.63 23.76
C LEU K 168 -60.87 -3.80 22.79
N ARG K 169 -60.63 -2.54 23.16
CA ARG K 169 -59.88 -1.62 22.31
C ARG K 169 -58.71 -0.97 23.03
N GLU K 170 -58.90 -0.51 24.26
CA GLU K 170 -57.85 0.11 25.04
C GLU K 170 -57.82 -0.46 26.44
N MET K 171 -56.62 -0.57 27.01
CA MET K 171 -56.43 -0.91 28.41
C MET K 171 -55.32 -0.03 28.95
N ILE K 172 -55.62 0.77 29.97
CA ILE K 172 -54.67 1.72 30.53
C ILE K 172 -54.44 1.39 32.00
N TYR K 173 -53.20 1.10 32.35
CA TYR K 173 -52.80 0.95 33.74
C TYR K 173 -52.35 2.31 34.28
N VAL K 174 -52.88 2.68 35.43
CA VAL K 174 -52.59 3.97 36.06
C VAL K 174 -52.01 3.71 37.44
N PRO K 175 -50.79 4.19 37.73
CA PRO K 175 -50.27 4.07 39.09
C PRO K 175 -50.99 5.02 40.03
N GLY K 176 -50.75 4.81 41.33
CA GLY K 176 -51.35 5.67 42.32
C GLY K 176 -51.07 5.17 43.73
N ASP K 177 -51.94 5.56 44.65
CA ASP K 177 -51.80 5.17 46.05
C ASP K 177 -52.61 3.91 46.33
N LEU K 178 -52.64 3.50 47.60
CA LEU K 178 -53.33 2.28 48.02
C LEU K 178 -54.15 2.57 49.28
N PHE K 179 -55.16 3.43 49.13
CA PHE K 179 -56.05 3.72 50.24
C PHE K 179 -57.12 2.64 50.34
N SER K 180 -57.72 2.55 51.53
CA SER K 180 -58.79 1.58 51.74
C SER K 180 -60.01 1.94 50.89
N VAL K 181 -61.05 1.13 50.99
CA VAL K 181 -62.22 1.35 50.16
C VAL K 181 -63.49 1.01 50.92
N ASN K 182 -63.37 0.76 52.23
CA ASN K 182 -64.57 0.70 53.06
C ASN K 182 -65.24 2.07 53.05
N HIS K 183 -66.58 2.06 52.94
CA HIS K 183 -67.32 3.28 52.62
C HIS K 183 -67.06 4.42 53.59
N LEU K 184 -66.55 4.13 54.79
CA LEU K 184 -66.16 5.20 55.69
C LEU K 184 -65.11 6.10 55.06
N THR K 185 -64.14 5.50 54.36
CA THR K 185 -63.13 6.30 53.68
C THR K 185 -63.66 6.91 52.39
N ALA K 186 -64.60 6.23 51.71
CA ALA K 186 -65.15 6.78 50.48
C ALA K 186 -65.86 8.11 50.71
N GLN K 187 -66.27 8.40 51.93
CA GLN K 187 -66.94 9.64 52.28
C GLN K 187 -65.97 10.71 52.77
N ASN K 188 -64.67 10.47 52.70
CA ASN K 188 -63.69 11.43 53.21
C ASN K 188 -62.43 11.57 52.36
N VAL K 189 -62.08 10.61 51.52
CA VAL K 189 -60.86 10.68 50.70
C VAL K 189 -61.19 11.40 49.40
N PRO K 190 -60.58 12.55 49.12
CA PRO K 190 -60.84 13.24 47.85
C PRO K 190 -60.20 12.51 46.68
N ASN K 191 -60.97 12.36 45.60
CA ASN K 191 -60.53 11.67 44.40
C ASN K 191 -59.97 10.29 44.73
N LEU K 192 -60.72 9.55 45.55
CA LEU K 192 -60.24 8.25 46.04
C LEU K 192 -59.91 7.31 44.88
N PHE K 193 -60.90 7.05 44.02
CA PHE K 193 -60.68 6.13 42.91
C PHE K 193 -59.80 6.76 41.83
N ALA K 194 -59.84 8.08 41.69
CA ALA K 194 -59.03 8.77 40.70
C ALA K 194 -57.57 8.90 41.11
N ARG K 195 -57.24 8.61 42.37
CA ARG K 195 -55.86 8.64 42.85
C ARG K 195 -55.31 7.26 43.18
N ASN K 196 -56.14 6.37 43.72
CA ASN K 196 -55.72 5.01 44.00
C ASN K 196 -55.33 4.29 42.71
N GLU K 197 -54.49 3.28 42.85
CA GLU K 197 -54.03 2.51 41.70
C GLU K 197 -55.22 1.81 41.03
N ARG K 198 -55.30 1.94 39.71
CA ARG K 198 -56.45 1.45 38.97
C ARG K 198 -56.00 1.01 37.58
N VAL K 199 -56.88 0.25 36.91
CA VAL K 199 -56.66 -0.21 35.55
C VAL K 199 -57.89 0.14 34.73
N ILE K 200 -57.68 0.87 33.64
CA ILE K 200 -58.76 1.34 32.77
C ILE K 200 -58.91 0.35 31.62
N CYS K 201 -60.14 -0.08 31.37
CA CYS K 201 -60.46 -0.92 30.22
C CYS K 201 -61.56 -0.23 29.42
N LEU K 202 -61.32 -0.05 28.12
CA LEU K 202 -62.28 0.57 27.21
C LEU K 202 -62.70 -0.46 26.17
N PHE K 203 -64.02 -0.63 26.01
CA PHE K 203 -64.57 -1.64 25.13
C PHE K 203 -65.40 -1.01 24.03
N ASP K 204 -65.71 -1.82 23.01
CA ASP K 204 -66.64 -1.46 21.95
C ASP K 204 -67.79 -2.46 22.00
N THR K 205 -68.97 -2.00 22.38
CA THR K 205 -70.13 -2.86 22.52
C THR K 205 -71.26 -2.35 21.62
N GLU K 206 -72.30 -3.18 21.49
CA GLU K 206 -73.50 -2.77 20.78
C GLU K 206 -74.06 -1.47 21.33
N PHE K 207 -73.89 -1.23 22.62
CA PHE K 207 -74.33 -0.01 23.29
C PHE K 207 -73.26 1.07 23.27
N GLY K 208 -72.53 1.20 22.16
CA GLY K 208 -71.54 2.23 22.00
C GLY K 208 -70.21 1.87 22.65
N PRO K 209 -69.48 2.88 23.11
CA PRO K 209 -68.30 2.61 23.94
C PRO K 209 -68.70 2.28 25.36
N MET K 210 -67.88 1.44 26.00
CA MET K 210 -68.15 0.99 27.36
C MET K 210 -66.83 0.78 28.08
N ALA K 211 -66.74 1.28 29.30
CA ALA K 211 -65.53 1.17 30.11
C ALA K 211 -65.80 0.36 31.37
N GLN K 212 -64.80 -0.41 31.78
CA GLN K 212 -64.84 -1.16 33.03
C GLN K 212 -63.52 -0.95 33.74
N ILE K 213 -63.49 -0.02 34.68
CA ILE K 213 -62.27 0.35 35.39
C ILE K 213 -62.16 -0.48 36.65
N LEU K 214 -60.95 -0.97 36.93
CA LEU K 214 -60.69 -1.85 38.06
C LEU K 214 -59.76 -1.14 39.02
N VAL K 215 -60.29 -0.76 40.20
CA VAL K 215 -59.58 0.02 41.19
C VAL K 215 -59.28 -0.89 42.39
N GLY K 216 -58.01 -0.91 42.81
CA GLY K 216 -57.61 -1.72 43.95
C GLY K 216 -57.64 -0.96 45.26
N ALA K 217 -57.56 -1.70 46.35
CA ALA K 217 -57.66 -1.18 47.71
C ALA K 217 -56.31 -1.27 48.41
N THR K 218 -56.31 -1.11 49.74
CA THR K 218 -55.07 -1.06 50.49
C THR K 218 -54.46 -2.43 50.72
N ILE K 219 -55.28 -3.47 50.85
CA ILE K 219 -54.79 -4.83 50.99
C ILE K 219 -54.91 -5.61 49.70
N VAL K 220 -56.05 -5.45 49.02
CA VAL K 220 -56.25 -6.00 47.68
C VAL K 220 -55.78 -4.94 46.69
N GLY K 221 -54.55 -5.09 46.20
CA GLY K 221 -53.99 -4.13 45.27
C GLY K 221 -53.47 -4.76 43.99
N SER K 222 -53.76 -6.05 43.79
CA SER K 222 -53.30 -6.79 42.62
C SER K 222 -54.47 -7.00 41.67
N ILE K 223 -54.29 -6.59 40.42
CA ILE K 223 -55.31 -6.71 39.38
C ILE K 223 -54.79 -7.66 38.30
N GLU K 224 -55.70 -8.42 37.70
CA GLU K 224 -55.36 -9.26 36.58
C GLU K 224 -56.54 -9.33 35.63
N THR K 225 -56.27 -9.15 34.34
CA THR K 225 -57.26 -9.32 33.29
C THR K 225 -56.98 -10.62 32.55
N VAL K 226 -58.04 -11.21 31.99
CA VAL K 226 -57.94 -12.57 31.46
C VAL K 226 -57.06 -12.63 30.22
N TRP K 227 -57.01 -11.56 29.43
CA TRP K 227 -56.28 -11.63 28.17
C TRP K 227 -54.77 -11.42 28.36
N ALA K 228 -54.37 -10.66 29.38
CA ALA K 228 -52.95 -10.36 29.58
C ALA K 228 -52.41 -10.83 30.92
N GLY K 229 -53.25 -11.41 31.78
CA GLY K 229 -52.77 -11.89 33.06
C GLY K 229 -52.67 -10.79 34.10
N THR K 230 -51.83 -11.04 35.11
CA THR K 230 -51.66 -10.08 36.20
C THR K 230 -50.94 -8.84 35.70
N ILE K 231 -51.50 -7.67 36.01
CA ILE K 231 -50.98 -6.40 35.54
C ILE K 231 -50.14 -5.76 36.63
N THR K 232 -50.54 -5.96 37.89
CA THR K 232 -49.80 -5.44 39.02
C THR K 232 -50.00 -6.38 40.20
N PRO K 233 -48.96 -6.61 41.03
CA PRO K 233 -47.59 -6.07 40.94
C PRO K 233 -46.77 -6.81 39.87
N PRO K 234 -45.55 -6.32 39.54
CA PRO K 234 -44.81 -5.16 40.05
C PRO K 234 -45.43 -3.82 39.71
N ARG K 235 -45.14 -2.81 40.53
CA ARG K 235 -45.64 -1.45 40.36
C ARG K 235 -44.47 -0.59 39.89
N GLU K 236 -44.45 -0.28 38.59
CA GLU K 236 -43.35 0.47 38.00
C GLU K 236 -43.62 1.98 37.98
N GLY K 237 -44.72 2.43 38.60
CA GLY K 237 -44.95 3.85 38.78
C GLY K 237 -45.15 4.65 37.52
N ILE K 238 -45.43 3.99 36.40
CA ILE K 238 -45.62 4.67 35.13
C ILE K 238 -46.94 4.22 34.52
N ILE K 239 -47.50 5.07 33.67
CA ILE K 239 -48.76 4.79 33.00
C ILE K 239 -48.48 3.97 31.74
N LYS K 240 -49.14 2.82 31.65
CA LYS K 240 -49.04 1.94 30.49
C LYS K 240 -50.34 1.97 29.72
N ARG K 241 -50.24 2.02 28.39
CA ARG K 241 -51.40 2.13 27.51
C ARG K 241 -51.29 1.10 26.41
N TRP K 242 -52.29 0.21 26.32
CA TRP K 242 -52.37 -0.78 25.26
C TRP K 242 -53.49 -0.42 24.29
N THR K 243 -53.36 -0.90 23.05
CA THR K 243 -54.35 -0.69 22.01
C THR K 243 -54.76 -2.03 21.42
N TRP K 244 -55.85 -2.03 20.67
CA TRP K 244 -56.39 -3.24 20.06
C TRP K 244 -57.13 -2.86 18.79
N PRO K 245 -57.26 -3.78 17.84
CA PRO K 245 -57.97 -3.47 16.61
C PRO K 245 -59.47 -3.39 16.83
N ALA K 246 -60.16 -2.76 15.89
CA ALA K 246 -61.58 -2.45 15.99
C ALA K 246 -62.49 -3.67 15.82
N GLY K 247 -62.08 -4.84 16.30
CA GLY K 247 -62.90 -6.03 16.13
C GLY K 247 -62.91 -6.53 14.71
N GLU K 248 -63.08 -7.84 14.53
CA GLU K 248 -63.06 -8.45 13.20
C GLU K 248 -61.80 -8.04 12.42
N ASN K 249 -60.67 -8.02 13.12
CA ASN K 249 -59.36 -7.81 12.51
C ASN K 249 -58.39 -8.80 13.14
N ASP K 250 -57.22 -8.93 12.53
CA ASP K 250 -56.21 -9.85 13.06
C ASP K 250 -55.71 -9.33 14.41
N GLY K 251 -55.90 -10.15 15.45
CA GLY K 251 -55.57 -9.77 16.80
C GLY K 251 -56.72 -9.23 17.63
N SER K 252 -57.95 -9.30 17.11
CA SER K 252 -59.11 -8.76 17.82
C SER K 252 -59.44 -9.62 19.03
N VAL K 253 -59.29 -9.05 20.22
CA VAL K 253 -59.68 -9.70 21.46
C VAL K 253 -61.08 -9.24 21.82
N ALA K 254 -61.99 -10.20 22.02
CA ALA K 254 -63.36 -9.91 22.42
C ALA K 254 -63.79 -10.95 23.45
N LEU K 255 -64.95 -10.72 24.05
CA LEU K 255 -65.49 -11.64 25.04
C LEU K 255 -66.97 -11.36 25.24
N LEU K 256 -67.68 -12.37 25.72
CA LEU K 256 -69.13 -12.37 25.73
C LEU K 256 -69.70 -11.63 26.93
N LYS K 257 -71.02 -11.47 26.92
CA LYS K 257 -71.74 -10.91 28.07
C LYS K 257 -71.73 -11.91 29.21
N GLY K 258 -71.21 -11.49 30.36
CA GLY K 258 -71.05 -12.38 31.49
C GLY K 258 -69.75 -13.15 31.53
N GLN K 259 -68.84 -12.88 30.59
CA GLN K 259 -67.54 -13.55 30.58
C GLN K 259 -66.60 -12.91 31.60
N GLU K 260 -65.88 -13.77 32.32
CA GLU K 260 -64.88 -13.31 33.28
C GLU K 260 -63.82 -12.45 32.58
N MET K 261 -63.79 -11.16 32.90
CA MET K 261 -62.86 -10.24 32.26
C MET K 261 -61.67 -9.89 33.15
N GLY K 262 -61.72 -10.24 34.42
CA GLY K 262 -60.63 -9.91 35.32
C GLY K 262 -61.00 -10.24 36.75
N ARG K 263 -60.09 -9.91 37.66
CA ARG K 263 -60.30 -10.17 39.07
C ARG K 263 -59.27 -9.39 39.89
N PHE K 264 -59.44 -9.46 41.22
CA PHE K 264 -58.57 -8.79 42.16
C PHE K 264 -57.83 -9.81 43.01
N LYS K 265 -56.70 -9.37 43.58
CA LYS K 265 -55.83 -10.29 44.31
C LYS K 265 -55.06 -9.51 45.37
N LEU K 266 -54.57 -10.24 46.37
CA LEU K 266 -53.79 -9.63 47.45
C LEU K 266 -52.33 -9.46 47.02
N GLY K 267 -51.76 -8.31 47.37
CA GLY K 267 -50.38 -8.01 47.02
C GLY K 267 -50.23 -6.79 46.14
N THR L 2 -63.00 -2.96 44.04
CA THR L 2 -63.99 -1.96 43.64
C THR L 2 -63.90 -1.64 42.14
N VAL L 3 -65.00 -1.89 41.42
CA VAL L 3 -65.04 -1.72 39.98
C VAL L 3 -65.87 -0.49 39.65
N ILE L 4 -65.68 0.02 38.43
CA ILE L 4 -66.34 1.23 37.96
C ILE L 4 -66.68 1.02 36.49
N ASN L 5 -67.92 1.34 36.12
CA ASN L 5 -68.38 1.22 34.75
C ASN L 5 -68.73 2.60 34.20
N LEU L 6 -68.27 2.88 32.98
CA LEU L 6 -68.59 4.11 32.28
C LEU L 6 -69.27 3.78 30.96
N PHE L 7 -70.27 4.59 30.59
CA PHE L 7 -71.09 4.33 29.41
C PHE L 7 -71.22 5.57 28.55
N ALA L 8 -71.50 5.36 27.27
CA ALA L 8 -71.75 6.45 26.36
C ALA L 8 -73.01 7.22 26.79
N PRO L 9 -73.07 8.52 26.51
CA PRO L 9 -74.21 9.33 26.96
C PRO L 9 -75.49 8.97 26.22
N GLY L 10 -76.49 8.51 26.99
CA GLY L 10 -77.79 8.21 26.45
C GLY L 10 -77.91 6.92 25.67
N LYS L 11 -76.81 6.17 25.50
CA LYS L 11 -76.91 4.88 24.84
C LYS L 11 -77.71 3.88 25.67
N VAL L 12 -77.70 4.02 26.99
CA VAL L 12 -78.28 3.03 27.89
C VAL L 12 -78.97 3.74 29.03
N ASN L 13 -80.05 3.13 29.53
CA ASN L 13 -80.68 3.53 30.78
C ASN L 13 -80.56 2.38 31.77
N LEU L 14 -80.37 2.72 33.04
CA LEU L 14 -80.23 1.72 34.09
C LEU L 14 -81.59 1.36 34.67
N VAL L 15 -81.62 0.26 35.43
CA VAL L 15 -82.83 -0.15 36.11
C VAL L 15 -83.23 0.91 37.12
N GLU L 16 -84.53 1.19 37.21
CA GLU L 16 -85.00 2.26 38.09
C GLU L 16 -84.90 1.90 39.57
N GLN L 17 -84.86 0.60 39.91
CA GLN L 17 -84.95 0.16 41.28
C GLN L 17 -83.60 -0.05 41.96
N LEU L 18 -82.51 0.38 41.34
CA LEU L 18 -81.17 0.22 41.90
C LEU L 18 -80.68 1.55 42.47
N GLU L 19 -80.28 1.54 43.74
CA GLU L 19 -79.68 2.71 44.37
C GLU L 19 -78.42 2.32 45.12
N SER L 20 -77.92 3.20 45.97
CA SER L 20 -76.72 2.91 46.74
C SER L 20 -77.00 1.83 47.78
N LEU L 21 -75.97 1.01 48.05
CA LEU L 21 -76.02 -0.10 49.00
C LEU L 21 -76.99 -1.20 48.59
N SER L 22 -77.48 -1.17 47.35
CA SER L 22 -78.31 -2.26 46.86
C SER L 22 -77.45 -3.51 46.67
N VAL L 23 -78.05 -4.68 46.94
CA VAL L 23 -77.33 -5.94 46.79
C VAL L 23 -77.10 -6.22 45.31
N THR L 24 -75.84 -6.44 44.94
CA THR L 24 -75.46 -6.66 43.56
C THR L 24 -74.97 -8.10 43.38
N LYS L 25 -75.53 -8.78 42.37
CA LYS L 25 -75.07 -10.09 41.95
C LYS L 25 -74.86 -10.07 40.44
N ILE L 26 -73.87 -10.83 39.98
CA ILE L 26 -73.43 -10.79 38.59
C ILE L 26 -74.60 -11.01 37.64
N GLY L 27 -75.14 -12.23 37.63
CA GLY L 27 -76.11 -12.64 36.63
C GLY L 27 -77.39 -11.84 36.55
N GLN L 28 -77.49 -10.74 37.32
CA GLN L 28 -78.73 -9.98 37.33
C GLN L 28 -78.65 -8.79 36.38
N PRO L 29 -79.78 -8.35 35.82
CA PRO L 29 -79.74 -7.24 34.86
C PRO L 29 -79.45 -5.91 35.54
N LEU L 30 -78.57 -5.13 34.91
CA LEU L 30 -78.12 -3.85 35.45
C LEU L 30 -78.71 -2.67 34.69
N ALA L 31 -78.60 -2.65 33.37
CA ALA L 31 -79.03 -1.50 32.59
C ALA L 31 -79.58 -1.98 31.25
N VAL L 32 -80.54 -1.23 30.71
CA VAL L 32 -81.26 -1.60 29.49
C VAL L 32 -80.99 -0.57 28.41
N SER L 33 -80.76 -1.06 27.19
CA SER L 33 -80.55 -0.17 26.06
C SER L 33 -81.79 0.70 25.84
N THR L 34 -81.57 1.85 25.20
CA THR L 34 -82.66 2.78 24.92
C THR L 34 -83.46 2.40 23.67
N GLU L 35 -82.98 1.44 22.89
CA GLU L 35 -83.70 1.02 21.69
C GLU L 35 -84.67 -0.12 22.02
N ASP M 13 -36.83 -39.25 -14.14
CA ASP M 13 -37.21 -39.14 -12.74
C ASP M 13 -36.12 -38.54 -11.83
N PRO M 14 -34.97 -39.21 -11.68
CA PRO M 14 -34.01 -38.76 -10.66
C PRO M 14 -33.38 -37.43 -10.96
N MET M 15 -33.48 -36.96 -12.21
CA MET M 15 -33.01 -35.64 -12.61
C MET M 15 -34.17 -34.73 -13.03
N LEU M 16 -35.36 -35.30 -13.23
CA LEU M 16 -36.56 -34.46 -13.32
C LEU M 16 -36.84 -33.79 -11.98
N ASN M 17 -36.42 -34.41 -10.88
CA ASN M 17 -36.51 -33.75 -9.58
C ASN M 17 -35.61 -32.52 -9.53
N SER M 18 -34.57 -32.48 -10.35
CA SER M 18 -33.75 -31.27 -10.44
C SER M 18 -34.54 -30.10 -10.97
N PHE M 19 -35.57 -30.35 -11.78
CA PHE M 19 -36.55 -29.30 -12.11
C PHE M 19 -37.17 -28.76 -10.82
N LYS M 20 -37.83 -29.64 -10.06
CA LYS M 20 -38.38 -29.28 -8.77
C LYS M 20 -37.32 -28.68 -7.84
N LEU M 21 -36.04 -28.95 -8.11
CA LEU M 21 -34.94 -28.32 -7.40
C LEU M 21 -34.54 -27.00 -8.06
N SER M 22 -34.37 -27.00 -9.39
CA SER M 22 -34.13 -25.74 -10.09
C SER M 22 -35.27 -24.77 -9.84
N LEU M 23 -36.50 -25.29 -9.72
CA LEU M 23 -37.63 -24.47 -9.33
C LEU M 23 -37.37 -23.80 -7.99
N GLN M 24 -36.83 -24.55 -7.02
CA GLN M 24 -36.54 -24.00 -5.70
C GLN M 24 -35.61 -22.80 -5.78
N TYR M 25 -34.73 -22.76 -6.78
CA TYR M 25 -33.81 -21.64 -6.93
C TYR M 25 -34.48 -20.47 -7.65
N ILE M 26 -35.08 -20.73 -8.81
CA ILE M 26 -35.46 -19.65 -9.71
C ILE M 26 -36.69 -18.90 -9.21
N LEU M 27 -37.55 -19.56 -8.44
CA LEU M 27 -38.75 -18.84 -8.03
C LEU M 27 -38.43 -17.89 -6.86
N PRO M 28 -39.14 -16.76 -6.78
CA PRO M 28 -38.91 -15.83 -5.67
C PRO M 28 -39.53 -16.31 -4.37
N LYS M 29 -38.71 -16.94 -3.52
CA LYS M 29 -39.24 -17.58 -2.32
C LYS M 29 -39.81 -16.56 -1.33
N LEU M 30 -39.26 -15.34 -1.31
CA LEU M 30 -39.76 -14.34 -0.37
C LEU M 30 -41.07 -13.72 -0.85
N TRP M 31 -41.08 -13.22 -2.09
CA TRP M 31 -42.27 -12.54 -2.61
C TRP M 31 -43.50 -13.43 -2.55
N LEU M 32 -43.32 -14.76 -2.68
CA LEU M 32 -44.46 -15.67 -2.57
C LEU M 32 -44.95 -15.82 -1.14
N THR M 33 -44.09 -15.57 -0.15
CA THR M 33 -44.49 -15.75 1.25
C THR M 33 -45.21 -14.51 1.78
N ARG M 34 -44.72 -13.31 1.45
CA ARG M 34 -45.45 -12.10 1.82
C ARG M 34 -46.79 -12.03 1.11
N LEU M 35 -46.91 -12.66 -0.06
CA LEU M 35 -48.20 -12.72 -0.74
C LEU M 35 -49.14 -13.69 -0.04
N ALA M 36 -48.69 -14.92 0.18
CA ALA M 36 -49.52 -15.91 0.87
C ALA M 36 -49.83 -15.49 2.30
N GLY M 37 -49.00 -14.63 2.89
CA GLY M 37 -49.30 -14.08 4.20
C GLY M 37 -50.28 -12.93 4.20
N TRP M 38 -50.50 -12.32 3.03
CA TRP M 38 -51.46 -11.22 2.91
C TRP M 38 -52.85 -11.71 2.55
N GLY M 39 -52.96 -12.87 1.90
CA GLY M 39 -54.25 -13.45 1.61
C GLY M 39 -54.78 -14.26 2.78
N ALA M 40 -53.91 -15.01 3.44
CA ALA M 40 -54.29 -15.76 4.63
C ALA M 40 -54.59 -14.86 5.82
N SER M 41 -54.35 -13.54 5.69
CA SER M 41 -54.62 -12.58 6.75
C SER M 41 -55.96 -11.89 6.55
N LYS M 42 -56.26 -11.45 5.33
CA LYS M 42 -57.54 -10.79 5.06
C LYS M 42 -58.69 -11.77 5.26
N ARG M 43 -59.77 -11.27 5.85
CA ARG M 43 -60.90 -12.12 6.23
C ARG M 43 -61.92 -12.19 5.11
N ALA M 44 -61.57 -12.94 4.08
CA ALA M 44 -62.56 -13.29 3.08
C ALA M 44 -63.60 -14.22 3.70
N GLY M 45 -64.79 -14.22 3.11
CA GLY M 45 -65.86 -15.04 3.65
C GLY M 45 -65.72 -16.49 3.26
N TRP M 46 -66.57 -16.94 2.34
CA TRP M 46 -66.49 -18.30 1.82
C TRP M 46 -65.13 -18.59 1.21
N LEU M 47 -64.46 -17.56 0.68
CA LEU M 47 -63.14 -17.76 0.07
C LEU M 47 -62.16 -18.34 1.08
N THR M 48 -62.03 -17.69 2.24
CA THR M 48 -61.21 -18.28 3.31
C THR M 48 -61.72 -19.66 3.68
N LYS M 49 -63.04 -19.82 3.73
CA LYS M 49 -63.61 -21.15 4.01
C LYS M 49 -63.30 -22.12 2.87
N LEU M 50 -63.38 -21.64 1.62
CA LEU M 50 -63.14 -22.52 0.48
C LEU M 50 -61.69 -22.99 0.43
N VAL M 51 -60.75 -22.08 0.68
CA VAL M 51 -59.34 -22.44 0.61
C VAL M 51 -59.00 -23.47 1.68
N ILE M 52 -59.53 -23.28 2.89
CA ILE M 52 -59.29 -24.24 3.97
C ILE M 52 -59.77 -25.63 3.56
N ASP M 53 -60.97 -25.70 2.99
CA ASP M 53 -61.52 -26.99 2.57
C ASP M 53 -60.61 -27.69 1.56
N LEU M 54 -60.04 -26.91 0.64
CA LEU M 54 -59.14 -27.50 -0.35
C LEU M 54 -57.86 -28.02 0.30
N PHE M 55 -57.34 -27.29 1.29
CA PHE M 55 -56.14 -27.73 1.99
C PHE M 55 -56.39 -29.03 2.74
N VAL M 56 -57.59 -29.20 3.28
CA VAL M 56 -57.91 -30.41 4.02
C VAL M 56 -58.00 -31.62 3.07
N LYS M 57 -58.41 -31.39 1.83
CA LYS M 57 -58.63 -32.51 0.92
C LYS M 57 -57.34 -32.98 0.25
N TYR M 58 -56.48 -32.04 -0.17
CA TYR M 58 -55.25 -32.45 -0.84
C TYR M 58 -54.20 -32.92 0.15
N TYR M 59 -54.06 -32.25 1.28
CA TYR M 59 -53.10 -32.63 2.30
C TYR M 59 -53.68 -33.60 3.33
N LYS M 60 -54.96 -33.97 3.20
CA LYS M 60 -55.59 -35.01 4.00
C LYS M 60 -55.46 -34.71 5.50
N VAL M 61 -56.21 -33.71 5.93
CA VAL M 61 -56.12 -33.19 7.29
C VAL M 61 -57.17 -33.86 8.17
N ASP M 62 -56.74 -34.33 9.34
CA ASP M 62 -57.64 -34.93 10.33
C ASP M 62 -58.24 -33.81 11.16
N MET M 63 -59.31 -33.22 10.63
CA MET M 63 -60.01 -32.14 11.32
C MET M 63 -60.74 -32.61 12.57
N LYS M 64 -60.85 -33.92 12.80
CA LYS M 64 -61.58 -34.41 13.96
C LYS M 64 -60.82 -34.19 15.26
N GLU M 65 -59.50 -34.16 15.20
CA GLU M 65 -58.70 -33.87 16.40
C GLU M 65 -58.77 -32.40 16.80
N ALA M 66 -59.34 -31.55 15.96
CA ALA M 66 -59.34 -30.12 16.23
C ALA M 66 -60.34 -29.77 17.33
N GLN M 67 -60.00 -28.72 18.10
CA GLN M 67 -60.94 -28.18 19.06
C GLN M 67 -62.19 -27.64 18.37
N LYS M 68 -62.04 -27.10 17.17
CA LYS M 68 -63.14 -26.57 16.37
C LYS M 68 -63.07 -27.21 14.99
N PRO M 69 -63.69 -28.39 14.81
CA PRO M 69 -63.52 -29.12 13.55
C PRO M 69 -64.21 -28.47 12.36
N ASP M 70 -65.16 -27.57 12.57
CA ASP M 70 -65.84 -26.93 11.45
C ASP M 70 -64.90 -25.95 10.75
N THR M 71 -65.05 -25.86 9.43
CA THR M 71 -64.17 -25.02 8.62
C THR M 71 -64.66 -23.59 8.49
N ALA M 72 -65.98 -23.37 8.56
CA ALA M 72 -66.49 -22.00 8.53
C ALA M 72 -66.18 -21.25 9.81
N SER M 73 -65.89 -21.95 10.90
CA SER M 73 -65.58 -21.34 12.18
C SER M 73 -64.17 -20.78 12.27
N TYR M 74 -63.48 -20.63 11.13
CA TYR M 74 -62.18 -19.98 11.07
C TYR M 74 -62.30 -18.76 10.17
N ARG M 75 -62.01 -17.59 10.75
CA ARG M 75 -62.22 -16.33 10.03
C ARG M 75 -61.30 -16.23 8.83
N THR M 76 -60.02 -16.53 9.00
CA THR M 76 -59.04 -16.50 7.93
C THR M 76 -58.31 -17.83 7.89
N PHE M 77 -57.43 -17.98 6.88
CA PHE M 77 -56.66 -19.22 6.78
C PHE M 77 -55.66 -19.35 7.92
N ASN M 78 -55.02 -18.24 8.32
CA ASN M 78 -53.99 -18.32 9.34
C ASN M 78 -54.54 -18.84 10.66
N GLU M 79 -55.75 -18.41 11.03
CA GLU M 79 -56.38 -18.96 12.23
C GLU M 79 -56.58 -20.47 12.09
N PHE M 80 -56.95 -20.92 10.89
CA PHE M 80 -57.06 -22.36 10.65
C PHE M 80 -55.70 -23.03 10.67
N PHE M 81 -54.66 -22.36 10.17
CA PHE M 81 -53.33 -22.95 10.20
C PHE M 81 -52.82 -23.10 11.62
N VAL M 82 -53.23 -22.23 12.53
CA VAL M 82 -52.81 -22.28 13.93
C VAL M 82 -53.96 -22.83 14.77
N ARG M 83 -54.78 -23.68 14.17
CA ARG M 83 -55.92 -24.23 14.86
C ARG M 83 -55.46 -24.99 16.11
N PRO M 84 -56.22 -24.93 17.21
CA PRO M 84 -55.88 -25.71 18.39
C PRO M 84 -56.59 -27.06 18.42
N LEU M 85 -55.91 -28.02 19.01
CA LEU M 85 -56.47 -29.35 19.17
C LEU M 85 -57.29 -29.44 20.45
N ARG M 86 -58.19 -30.42 20.47
CA ARG M 86 -58.79 -30.83 21.73
C ARG M 86 -57.69 -31.33 22.64
N ASP M 87 -57.57 -30.73 23.83
CA ASP M 87 -56.58 -31.19 24.79
C ASP M 87 -56.74 -32.67 25.11
N GLU M 88 -57.91 -33.23 24.82
CA GLU M 88 -58.19 -34.65 25.00
C GLU M 88 -57.68 -35.51 23.85
N VAL M 89 -56.93 -34.94 22.89
CA VAL M 89 -56.39 -35.72 21.79
C VAL M 89 -54.89 -35.97 21.94
N ARG M 90 -54.20 -35.18 22.74
CA ARG M 90 -52.76 -35.36 22.97
C ARG M 90 -52.49 -35.42 24.46
N PRO M 91 -52.10 -36.59 25.00
CA PRO M 91 -51.87 -36.71 26.45
C PRO M 91 -50.43 -36.42 26.82
N ILE M 92 -50.25 -35.73 27.93
CA ILE M 92 -48.94 -35.28 28.40
C ILE M 92 -48.40 -36.31 29.39
N ASP M 93 -47.22 -36.86 29.08
CA ASP M 93 -46.59 -37.84 29.96
C ASP M 93 -46.20 -37.17 31.28
N THR M 94 -46.32 -37.93 32.37
CA THR M 94 -46.06 -37.42 33.70
C THR M 94 -44.85 -38.06 34.36
N ASP M 95 -44.14 -38.94 33.68
CA ASP M 95 -42.89 -39.48 34.22
C ASP M 95 -41.86 -38.34 34.30
N PRO M 96 -41.45 -37.90 35.50
CA PRO M 96 -40.65 -36.67 35.59
C PRO M 96 -39.19 -36.87 35.19
N ASN M 97 -38.91 -37.90 34.39
CA ASN M 97 -37.54 -38.16 33.96
C ASN M 97 -37.42 -38.61 32.51
N VAL M 98 -38.53 -38.74 31.78
CA VAL M 98 -38.49 -38.96 30.34
C VAL M 98 -38.94 -37.67 29.65
N LEU M 99 -38.32 -37.36 28.52
CA LEU M 99 -38.60 -36.14 27.79
C LEU M 99 -39.56 -36.40 26.65
N VAL M 100 -40.54 -35.51 26.49
CA VAL M 100 -41.68 -35.75 25.61
C VAL M 100 -41.44 -35.01 24.29
N MET M 101 -42.15 -35.46 23.25
CA MET M 101 -41.95 -34.90 21.92
C MET M 101 -42.48 -33.47 21.87
N PRO M 102 -41.88 -32.60 21.04
CA PRO M 102 -42.26 -31.18 21.08
C PRO M 102 -43.46 -30.83 20.21
N ALA M 103 -43.60 -31.47 19.05
CA ALA M 103 -44.66 -31.10 18.11
C ALA M 103 -44.95 -32.28 17.19
N ASP M 104 -46.06 -32.16 16.45
CA ASP M 104 -46.47 -33.21 15.53
C ASP M 104 -45.64 -33.18 14.25
N GLY M 105 -45.70 -34.27 13.51
CA GLY M 105 -44.98 -34.40 12.26
C GLY M 105 -44.34 -35.75 12.10
N VAL M 106 -43.16 -35.77 11.47
CA VAL M 106 -42.32 -36.96 11.40
C VAL M 106 -40.93 -36.57 11.89
N ILE M 107 -40.30 -37.46 12.66
CA ILE M 107 -38.91 -37.27 13.00
C ILE M 107 -38.09 -37.43 11.72
N SER M 108 -37.17 -36.49 11.49
CA SER M 108 -36.37 -36.54 10.27
C SER M 108 -35.16 -37.43 10.51
N GLN M 109 -34.14 -36.87 11.14
CA GLN M 109 -33.01 -37.63 11.65
C GLN M 109 -32.73 -37.20 13.08
N LEU M 110 -32.35 -38.17 13.91
CA LEU M 110 -32.11 -37.91 15.32
C LEU M 110 -31.10 -38.91 15.83
N GLY M 111 -30.02 -38.40 16.41
CA GLY M 111 -29.01 -39.25 17.01
C GLY M 111 -28.16 -38.46 17.98
N LYS M 112 -26.85 -38.67 17.95
CA LYS M 112 -25.91 -37.87 18.70
C LYS M 112 -25.05 -37.09 17.73
N ILE M 113 -24.71 -35.85 18.10
CA ILE M 113 -23.76 -35.07 17.33
C ILE M 113 -22.37 -35.30 17.91
N GLU M 114 -21.34 -35.11 17.09
CA GLU M 114 -19.96 -35.32 17.53
C GLU M 114 -19.12 -34.13 17.10
N GLU M 115 -18.79 -33.26 18.07
CA GLU M 115 -17.90 -32.13 17.86
C GLU M 115 -18.40 -31.26 16.70
N ASP M 116 -19.63 -30.77 16.86
CA ASP M 116 -20.33 -29.83 15.97
C ASP M 116 -20.81 -30.45 14.67
N LYS M 117 -20.51 -31.72 14.39
CA LYS M 117 -20.96 -32.37 13.16
C LYS M 117 -22.35 -32.95 13.38
N ILE M 118 -23.37 -32.27 12.85
CA ILE M 118 -24.77 -32.67 12.99
C ILE M 118 -25.22 -33.25 11.66
N LEU M 119 -25.60 -34.53 11.66
CA LEU M 119 -26.09 -35.15 10.44
C LEU M 119 -27.42 -34.54 10.01
N GLN M 120 -27.61 -34.40 8.70
CA GLN M 120 -28.84 -33.88 8.11
C GLN M 120 -29.54 -34.93 7.26
N ALA M 121 -28.85 -35.45 6.24
CA ALA M 121 -29.36 -36.54 5.42
C ALA M 121 -28.16 -37.36 4.95
N LYS M 122 -28.43 -38.42 4.20
CA LYS M 122 -27.36 -39.27 3.71
C LYS M 122 -26.40 -38.48 2.83
N GLY M 123 -25.18 -38.27 3.31
CA GLY M 123 -24.18 -37.52 2.60
C GLY M 123 -24.15 -36.04 2.92
N HIS M 124 -24.80 -35.60 4.01
CA HIS M 124 -24.83 -34.19 4.36
C HIS M 124 -24.89 -34.06 5.88
N ASN M 125 -23.89 -33.39 6.45
CA ASN M 125 -23.93 -32.98 7.85
C ASN M 125 -23.48 -31.52 7.94
N TYR M 126 -24.04 -30.81 8.92
CA TYR M 126 -23.81 -29.38 9.05
C TYR M 126 -23.16 -29.06 10.40
N SER M 127 -22.73 -27.81 10.53
CA SER M 127 -21.99 -27.34 11.68
C SER M 127 -22.93 -26.89 12.80
N LEU M 128 -22.47 -27.09 14.04
CA LEU M 128 -23.23 -26.60 15.19
C LEU M 128 -23.10 -25.10 15.34
N GLU M 129 -21.90 -24.56 15.11
CA GLU M 129 -21.72 -23.11 15.09
C GLU M 129 -22.64 -22.46 14.07
N ALA M 130 -22.70 -23.04 12.86
CA ALA M 130 -23.55 -22.48 11.81
C ALA M 130 -25.02 -22.55 12.21
N LEU M 131 -25.45 -23.68 12.76
CA LEU M 131 -26.84 -23.82 13.19
C LEU M 131 -27.18 -22.79 14.28
N LEU M 132 -26.20 -22.42 15.09
CA LEU M 132 -26.38 -21.39 16.11
C LEU M 132 -25.82 -20.04 15.69
N ALA M 133 -25.53 -19.87 14.39
CA ALA M 133 -25.10 -18.60 13.81
C ALA M 133 -23.82 -18.09 14.48
N GLY M 134 -22.79 -18.94 14.47
CA GLY M 134 -21.49 -18.53 14.95
C GLY M 134 -21.41 -18.22 16.42
N ASN M 135 -22.36 -18.71 17.22
CA ASN M 135 -22.29 -18.56 18.67
C ASN M 135 -21.60 -19.81 19.22
N TYR M 136 -20.27 -19.81 19.07
CA TYR M 136 -19.46 -20.96 19.47
C TYR M 136 -19.61 -21.26 20.95
N LEU M 137 -19.79 -20.24 21.79
CA LEU M 137 -20.06 -20.46 23.20
C LEU M 137 -21.27 -21.37 23.38
N MET M 138 -22.38 -20.99 22.74
CA MET M 138 -23.56 -21.85 22.72
C MET M 138 -23.24 -23.18 22.06
N ALA M 139 -22.45 -23.16 20.99
CA ALA M 139 -22.08 -24.40 20.31
C ALA M 139 -21.24 -25.30 21.20
N ASP M 140 -20.41 -24.71 22.06
CA ASP M 140 -19.60 -25.50 22.97
C ASP M 140 -20.46 -26.34 23.91
N LEU M 141 -21.53 -25.74 24.44
CA LEU M 141 -22.36 -26.41 25.45
C LEU M 141 -22.98 -27.69 24.93
N PHE M 142 -23.06 -27.88 23.61
CA PHE M 142 -23.68 -29.05 23.03
C PHE M 142 -22.71 -29.93 22.26
N ARG M 143 -21.44 -29.56 22.17
CA ARG M 143 -20.47 -30.36 21.41
C ARG M 143 -20.46 -31.79 21.92
N ASN M 144 -20.50 -32.73 20.98
CA ASN M 144 -20.58 -34.17 21.21
C ASN M 144 -21.94 -34.61 21.75
N GLY M 145 -22.96 -33.74 21.67
CA GLY M 145 -24.25 -34.00 22.28
C GLY M 145 -25.20 -34.82 21.43
N THR M 146 -26.48 -34.76 21.79
CA THR M 146 -27.54 -35.48 21.11
C THR M 146 -28.60 -34.50 20.61
N PHE M 147 -29.27 -34.87 19.52
CA PHE M 147 -30.17 -33.96 18.81
C PHE M 147 -31.39 -34.73 18.30
N VAL M 148 -32.29 -33.99 17.66
CA VAL M 148 -33.50 -34.56 17.06
C VAL M 148 -34.07 -33.52 16.08
N THR M 149 -34.51 -33.99 14.92
CA THR M 149 -35.06 -33.14 13.88
C THR M 149 -36.46 -33.63 13.51
N THR M 150 -37.40 -32.69 13.36
CA THR M 150 -38.80 -33.00 13.10
C THR M 150 -39.30 -32.21 11.90
N TYR M 151 -39.92 -32.90 10.94
CA TYR M 151 -40.53 -32.27 9.78
C TYR M 151 -42.03 -32.12 10.02
N LEU M 152 -42.54 -30.91 9.83
CA LEU M 152 -43.98 -30.63 10.01
C LEU M 152 -44.61 -30.50 8.63
N SER M 153 -45.15 -31.60 8.13
CA SER M 153 -45.93 -31.55 6.89
C SER M 153 -47.04 -30.52 7.04
N PRO M 154 -47.50 -29.91 5.95
CA PRO M 154 -48.65 -29.01 6.06
C PRO M 154 -49.85 -29.65 6.73
N ARG M 155 -50.03 -30.95 6.52
CA ARG M 155 -51.10 -31.70 7.18
C ARG M 155 -50.99 -31.60 8.70
N ASP M 156 -49.78 -31.52 9.23
CA ASP M 156 -49.56 -31.69 10.66
C ASP M 156 -50.08 -30.50 11.46
N TYR M 157 -50.09 -30.68 12.78
CA TYR M 157 -50.47 -29.63 13.70
C TYR M 157 -49.30 -28.66 13.89
N HIS M 158 -49.55 -27.37 13.72
CA HIS M 158 -48.47 -26.40 13.61
C HIS M 158 -48.29 -25.57 14.87
N ARG M 159 -48.17 -26.23 16.03
CA ARG M 159 -47.70 -25.59 17.24
C ARG M 159 -46.70 -26.50 17.93
N VAL M 160 -45.82 -25.90 18.73
CA VAL M 160 -44.76 -26.63 19.43
C VAL M 160 -45.02 -26.54 20.92
N HIS M 161 -44.80 -27.66 21.61
CA HIS M 161 -44.96 -27.74 23.05
C HIS M 161 -43.65 -28.24 23.67
N MET M 162 -43.56 -28.13 24.99
CA MET M 162 -42.27 -28.32 25.63
C MET M 162 -41.94 -29.81 25.79
N PRO M 163 -40.65 -30.16 25.77
CA PRO M 163 -40.26 -31.54 26.08
C PRO M 163 -40.18 -31.84 27.57
N CYS M 164 -40.05 -30.82 28.41
CA CYS M 164 -39.95 -30.95 29.86
C CYS M 164 -40.09 -29.55 30.44
N ASN M 165 -39.92 -29.43 31.75
CA ASN M 165 -39.89 -28.13 32.40
C ASN M 165 -38.56 -27.45 32.13
N GLY M 166 -38.59 -26.12 32.02
CA GLY M 166 -37.38 -25.37 31.74
C GLY M 166 -37.57 -23.90 31.99
N ILE M 167 -36.43 -23.20 32.11
CA ILE M 167 -36.41 -21.76 32.35
C ILE M 167 -35.75 -21.10 31.16
N LEU M 168 -36.46 -20.15 30.53
CA LEU M 168 -35.93 -19.46 29.37
C LEU M 168 -34.72 -18.61 29.75
N ARG M 169 -33.67 -18.69 28.93
CA ARG M 169 -32.44 -17.95 29.16
C ARG M 169 -32.04 -17.05 28.00
N GLU M 170 -32.12 -17.55 26.77
CA GLU M 170 -31.77 -16.77 25.60
C GLU M 170 -32.73 -17.07 24.46
N MET M 171 -32.96 -16.07 23.62
CA MET M 171 -33.64 -16.26 22.34
C MET M 171 -32.92 -15.42 21.30
N ILE M 172 -32.63 -16.03 20.16
CA ILE M 172 -31.82 -15.43 19.11
C ILE M 172 -32.55 -15.58 17.78
N TYR M 173 -32.88 -14.46 17.15
CA TYR M 173 -33.50 -14.46 15.83
C TYR M 173 -32.42 -14.43 14.76
N VAL M 174 -32.46 -15.40 13.85
CA VAL M 174 -31.50 -15.51 12.77
C VAL M 174 -32.23 -15.24 11.45
N PRO M 175 -31.93 -14.15 10.76
CA PRO M 175 -32.51 -13.95 9.43
C PRO M 175 -31.91 -14.92 8.43
N GLY M 176 -32.70 -15.31 7.46
CA GLY M 176 -32.24 -16.28 6.49
C GLY M 176 -33.19 -16.44 5.32
N ASP M 177 -33.04 -17.57 4.65
CA ASP M 177 -33.77 -17.85 3.41
C ASP M 177 -35.07 -18.58 3.71
N LEU M 178 -35.76 -19.00 2.66
CA LEU M 178 -37.07 -19.64 2.80
C LEU M 178 -37.19 -20.74 1.75
N PHE M 179 -36.33 -21.74 1.83
CA PHE M 179 -36.45 -22.92 0.99
C PHE M 179 -37.57 -23.81 1.49
N SER M 180 -38.15 -24.59 0.57
CA SER M 180 -39.12 -25.59 0.96
C SER M 180 -38.46 -26.59 1.90
N VAL M 181 -39.13 -26.89 3.00
CA VAL M 181 -38.54 -27.72 4.04
C VAL M 181 -38.99 -29.18 3.89
N ASN M 182 -39.73 -29.50 2.82
CA ASN M 182 -39.99 -30.88 2.48
C ASN M 182 -38.68 -31.64 2.32
N HIS M 183 -38.78 -32.96 2.29
CA HIS M 183 -37.58 -33.78 2.41
C HIS M 183 -36.82 -33.94 1.09
N LEU M 184 -37.41 -33.58 -0.05
CA LEU M 184 -36.69 -33.66 -1.31
C LEU M 184 -35.55 -32.64 -1.33
N THR M 185 -35.84 -31.40 -0.94
CA THR M 185 -34.80 -30.39 -0.84
C THR M 185 -33.86 -30.65 0.33
N ALA M 186 -34.32 -31.39 1.34
CA ALA M 186 -33.45 -31.74 2.46
C ALA M 186 -32.35 -32.69 2.06
N GLN M 187 -32.53 -33.44 0.98
CA GLN M 187 -31.52 -34.36 0.47
C GLN M 187 -30.63 -33.72 -0.60
N ASN M 188 -30.73 -32.41 -0.80
CA ASN M 188 -29.95 -31.73 -1.83
C ASN M 188 -29.41 -30.37 -1.42
N VAL M 189 -30.03 -29.65 -0.50
CA VAL M 189 -29.62 -28.30 -0.14
C VAL M 189 -28.70 -28.39 1.07
N PRO M 190 -27.46 -27.92 0.98
CA PRO M 190 -26.55 -28.01 2.13
C PRO M 190 -26.84 -26.93 3.16
N ASN M 191 -26.65 -27.31 4.44
CA ASN M 191 -26.91 -26.41 5.57
C ASN M 191 -28.31 -25.82 5.50
N LEU M 192 -29.27 -26.60 5.02
CA LEU M 192 -30.62 -26.11 4.79
C LEU M 192 -31.20 -25.48 6.06
N PHE M 193 -31.06 -26.15 7.19
CA PHE M 193 -31.55 -25.62 8.45
C PHE M 193 -30.60 -24.61 9.06
N ALA M 194 -29.37 -24.52 8.58
CA ALA M 194 -28.42 -23.53 9.02
C ALA M 194 -28.48 -22.25 8.20
N ARG M 195 -29.42 -22.15 7.27
CA ARG M 195 -29.52 -20.97 6.39
C ARG M 195 -30.91 -20.39 6.42
N ASN M 196 -31.94 -21.23 6.34
CA ASN M 196 -33.32 -20.75 6.36
C ASN M 196 -33.59 -19.94 7.63
N GLU M 197 -34.41 -18.91 7.49
CA GLU M 197 -34.74 -18.04 8.62
C GLU M 197 -35.24 -18.87 9.80
N ARG M 198 -34.72 -18.55 10.99
CA ARG M 198 -34.96 -19.40 12.15
C ARG M 198 -34.83 -18.59 13.42
N VAL M 199 -35.34 -19.16 14.51
CA VAL M 199 -35.28 -18.57 15.84
C VAL M 199 -34.85 -19.64 16.82
N ILE M 200 -33.86 -19.32 17.67
CA ILE M 200 -33.30 -20.26 18.63
C ILE M 200 -33.83 -19.92 20.01
N CYS M 201 -34.14 -20.95 20.80
CA CYS M 201 -34.63 -20.79 22.15
C CYS M 201 -33.80 -21.63 23.10
N LEU M 202 -33.38 -21.02 24.22
CA LEU M 202 -32.49 -21.64 25.18
C LEU M 202 -33.20 -21.81 26.52
N PHE M 203 -32.93 -22.93 27.19
CA PHE M 203 -33.60 -23.23 28.44
C PHE M 203 -32.66 -23.98 29.38
N ASP M 204 -32.58 -23.50 30.63
CA ASP M 204 -31.97 -24.27 31.70
C ASP M 204 -33.00 -25.23 32.27
N THR M 205 -32.68 -26.52 32.26
CA THR M 205 -33.62 -27.55 32.69
C THR M 205 -32.90 -28.57 33.55
N GLU M 206 -33.68 -29.45 34.18
CA GLU M 206 -33.13 -30.48 35.05
C GLU M 206 -32.25 -31.47 34.31
N PHE M 207 -32.34 -31.51 32.97
CA PHE M 207 -31.46 -32.29 32.14
C PHE M 207 -30.30 -31.47 31.60
N GLY M 208 -30.00 -30.34 32.23
CA GLY M 208 -28.92 -29.48 31.79
C GLY M 208 -29.38 -28.43 30.81
N PRO M 209 -28.59 -28.18 29.77
CA PRO M 209 -28.98 -27.22 28.74
C PRO M 209 -29.82 -27.85 27.64
N MET M 210 -30.74 -27.04 27.11
CA MET M 210 -31.65 -27.48 26.07
C MET M 210 -31.86 -26.36 25.07
N ALA M 211 -31.60 -26.63 23.80
CA ALA M 211 -31.78 -25.68 22.71
C ALA M 211 -32.98 -26.12 21.88
N GLN M 212 -33.96 -25.24 21.73
CA GLN M 212 -35.15 -25.50 20.93
C GLN M 212 -35.21 -24.48 19.80
N ILE M 213 -35.13 -24.96 18.56
CA ILE M 213 -35.01 -24.10 17.40
C ILE M 213 -36.18 -24.37 16.45
N LEU M 214 -36.69 -23.31 15.84
CA LEU M 214 -37.81 -23.38 14.90
C LEU M 214 -37.35 -22.90 13.54
N VAL M 215 -37.69 -23.67 12.49
CA VAL M 215 -37.20 -23.41 11.14
C VAL M 215 -38.40 -23.14 10.24
N GLY M 216 -38.33 -22.03 9.49
CA GLY M 216 -39.41 -21.66 8.59
C GLY M 216 -39.27 -22.30 7.21
N ALA M 217 -40.33 -22.17 6.44
CA ALA M 217 -40.44 -22.83 5.13
C ALA M 217 -40.70 -21.80 4.05
N THR M 218 -40.85 -22.28 2.81
CA THR M 218 -41.06 -21.39 1.68
C THR M 218 -42.31 -20.53 1.87
N ILE M 219 -43.38 -21.12 2.39
CA ILE M 219 -44.60 -20.39 2.68
C ILE M 219 -44.92 -20.39 4.17
N VAL M 220 -44.74 -21.51 4.86
CA VAL M 220 -44.79 -21.53 6.30
C VAL M 220 -43.58 -20.74 6.81
N GLY M 221 -43.69 -19.42 6.79
CA GLY M 221 -42.55 -18.56 7.03
C GLY M 221 -42.53 -17.89 8.38
N SER M 222 -43.68 -17.40 8.85
CA SER M 222 -43.72 -16.65 10.09
C SER M 222 -43.44 -17.56 11.28
N ILE M 223 -42.83 -16.98 12.32
CA ILE M 223 -42.51 -17.69 13.55
C ILE M 223 -42.92 -16.81 14.73
N GLU M 224 -43.71 -17.38 15.64
CA GLU M 224 -44.15 -16.66 16.83
C GLU M 224 -44.09 -17.57 18.03
N THR M 225 -43.80 -16.98 19.19
CA THR M 225 -43.70 -17.70 20.44
C THR M 225 -44.76 -17.20 21.43
N VAL M 226 -45.05 -18.03 22.43
CA VAL M 226 -46.09 -17.66 23.40
C VAL M 226 -45.64 -16.47 24.25
N TRP M 227 -44.34 -16.36 24.52
CA TRP M 227 -43.86 -15.31 25.41
C TRP M 227 -43.52 -14.02 24.69
N ALA M 228 -43.15 -14.09 23.40
CA ALA M 228 -42.77 -12.91 22.64
C ALA M 228 -43.78 -12.55 21.56
N GLY M 229 -44.22 -13.52 20.77
CA GLY M 229 -45.17 -13.27 19.71
C GLY M 229 -44.53 -13.29 18.34
N THR M 230 -45.19 -12.64 17.39
CA THR M 230 -44.75 -12.62 15.99
C THR M 230 -43.38 -11.96 15.86
N ILE M 231 -42.33 -12.77 15.78
CA ILE M 231 -40.98 -12.24 15.57
C ILE M 231 -40.81 -11.76 14.14
N THR M 232 -41.10 -12.63 13.18
CA THR M 232 -41.02 -12.33 11.77
C THR M 232 -42.27 -12.84 11.05
N PRO M 233 -42.82 -12.08 10.09
CA PRO M 233 -42.43 -10.74 9.63
C PRO M 233 -42.60 -9.68 10.71
N PRO M 234 -41.94 -8.52 10.57
CA PRO M 234 -41.08 -8.12 9.44
C PRO M 234 -39.71 -8.78 9.47
N ARG M 235 -39.08 -8.88 8.30
CA ARG M 235 -37.74 -9.45 8.17
C ARG M 235 -36.75 -8.30 8.05
N GLU M 236 -35.96 -8.09 9.09
CA GLU M 236 -35.04 -6.95 9.17
C GLU M 236 -33.62 -7.30 8.78
N GLY M 237 -33.33 -8.57 8.51
CA GLY M 237 -32.03 -8.97 8.01
C GLY M 237 -30.90 -8.83 9.01
N ILE M 238 -31.24 -8.54 10.26
CA ILE M 238 -30.26 -8.41 11.33
C ILE M 238 -30.54 -9.49 12.37
N ILE M 239 -29.56 -9.70 13.24
CA ILE M 239 -29.65 -10.69 14.30
C ILE M 239 -30.02 -9.98 15.60
N LYS M 240 -31.05 -10.47 16.26
CA LYS M 240 -31.49 -9.97 17.55
C LYS M 240 -31.16 -10.99 18.64
N ARG M 241 -31.04 -10.50 19.87
CA ARG M 241 -30.69 -11.37 20.99
C ARG M 241 -31.40 -10.87 22.24
N TRP M 242 -31.95 -11.81 23.01
CA TRP M 242 -32.66 -11.49 24.23
C TRP M 242 -32.23 -12.43 25.34
N THR M 243 -32.19 -11.91 26.56
CA THR M 243 -31.68 -12.66 27.71
C THR M 243 -32.70 -12.65 28.84
N TRP M 244 -32.67 -13.70 29.64
CA TRP M 244 -33.52 -13.86 30.81
C TRP M 244 -32.69 -14.42 31.95
N PRO M 245 -32.92 -13.97 33.20
CA PRO M 245 -32.11 -14.43 34.32
C PRO M 245 -32.17 -15.93 34.59
N ALA M 246 -31.42 -16.39 35.59
CA ALA M 246 -31.22 -17.82 35.86
C ALA M 246 -32.47 -18.52 36.39
N GLY M 247 -33.56 -17.81 36.61
CA GLY M 247 -34.75 -18.42 37.18
C GLY M 247 -34.90 -18.10 38.66
N GLU M 248 -36.14 -18.21 39.13
CA GLU M 248 -36.50 -17.88 40.52
C GLU M 248 -36.12 -16.43 40.84
N ASN M 249 -36.24 -15.55 39.85
CA ASN M 249 -35.81 -14.17 39.97
C ASN M 249 -36.93 -13.23 39.53
N ASP M 250 -36.63 -11.93 39.54
CA ASP M 250 -37.57 -10.92 39.08
C ASP M 250 -37.55 -10.90 37.55
N GLY M 251 -38.73 -11.05 36.95
CA GLY M 251 -38.84 -11.06 35.50
C GLY M 251 -38.41 -12.33 34.82
N SER M 252 -38.23 -13.42 35.56
CA SER M 252 -37.85 -14.69 34.95
C SER M 252 -39.06 -15.33 34.26
N VAL M 253 -38.77 -16.23 33.33
CA VAL M 253 -39.79 -16.89 32.52
C VAL M 253 -39.48 -18.38 32.44
N ALA M 254 -40.48 -19.21 32.77
CA ALA M 254 -40.35 -20.65 32.67
C ALA M 254 -41.68 -21.22 32.15
N LEU M 255 -41.62 -22.47 31.71
CA LEU M 255 -42.82 -23.15 31.24
C LEU M 255 -42.61 -24.65 31.38
N LEU M 256 -43.71 -25.37 31.58
CA LEU M 256 -43.66 -26.74 32.06
C LEU M 256 -43.67 -27.74 30.90
N LYS M 257 -43.55 -29.02 31.26
CA LYS M 257 -43.55 -30.11 30.28
C LYS M 257 -44.82 -30.08 29.45
N GLY M 258 -44.64 -30.14 28.13
CA GLY M 258 -45.77 -30.15 27.23
C GLY M 258 -46.54 -28.85 27.13
N GLN M 259 -46.05 -27.77 27.76
CA GLN M 259 -46.72 -26.49 27.69
C GLN M 259 -46.42 -25.82 26.35
N GLU M 260 -47.45 -25.22 25.76
CA GLU M 260 -47.34 -24.60 24.45
C GLU M 260 -46.27 -23.52 24.45
N MET M 261 -45.31 -23.63 23.54
CA MET M 261 -44.20 -22.70 23.48
C MET M 261 -44.16 -21.85 22.21
N GLY M 262 -44.86 -22.26 21.16
CA GLY M 262 -44.85 -21.47 19.94
C GLY M 262 -45.68 -22.16 18.87
N ARG M 263 -45.67 -21.55 17.69
CA ARG M 263 -46.44 -22.05 16.56
C ARG M 263 -45.86 -21.47 15.27
N PHE M 264 -46.15 -22.14 14.17
CA PHE M 264 -45.75 -21.68 12.84
C PHE M 264 -46.94 -21.03 12.14
N LYS M 265 -46.63 -20.16 11.19
CA LYS M 265 -47.66 -19.39 10.51
C LYS M 265 -47.17 -19.07 9.09
N LEU M 266 -48.14 -18.75 8.22
CA LEU M 266 -47.85 -18.35 6.85
C LEU M 266 -47.60 -16.85 6.80
N GLY M 267 -46.47 -16.47 6.22
CA GLY M 267 -46.13 -15.06 6.09
C GLY M 267 -44.64 -14.76 6.19
N THR N 2 -41.00 -27.22 10.86
CA THR N 2 -39.81 -27.99 11.23
C THR N 2 -39.07 -27.41 12.44
N VAL N 3 -38.71 -28.29 13.38
CA VAL N 3 -38.03 -27.89 14.61
C VAL N 3 -36.92 -28.89 14.90
N ILE N 4 -35.94 -28.44 15.69
CA ILE N 4 -34.78 -29.25 16.10
C ILE N 4 -34.47 -28.94 17.55
N ASN N 5 -34.05 -29.96 18.30
CA ASN N 5 -33.70 -29.82 19.71
C ASN N 5 -32.28 -30.31 19.95
N LEU N 6 -31.60 -29.66 20.88
CA LEU N 6 -30.20 -29.95 21.19
C LEU N 6 -30.01 -30.14 22.69
N PHE N 7 -29.19 -31.12 23.06
CA PHE N 7 -28.95 -31.44 24.46
C PHE N 7 -27.47 -31.68 24.69
N ALA N 8 -27.07 -31.62 25.97
CA ALA N 8 -25.71 -31.97 26.36
C ALA N 8 -25.49 -33.47 26.17
N PRO N 9 -24.24 -33.90 25.93
CA PRO N 9 -24.04 -35.29 25.49
C PRO N 9 -24.49 -36.35 26.49
N GLY N 10 -24.06 -36.26 27.74
CA GLY N 10 -24.35 -37.30 28.70
C GLY N 10 -25.58 -37.02 29.55
N LYS N 11 -26.41 -36.08 29.10
CA LYS N 11 -27.57 -35.65 29.86
C LYS N 11 -28.88 -36.23 29.33
N VAL N 12 -28.85 -36.95 28.20
CA VAL N 12 -30.05 -37.52 27.57
C VAL N 12 -29.66 -38.75 26.77
N ASN N 13 -30.44 -39.81 26.91
CA ASN N 13 -30.40 -40.95 25.99
C ASN N 13 -31.78 -41.13 25.37
N LEU N 14 -31.82 -41.36 24.07
CA LEU N 14 -33.09 -41.38 23.35
C LEU N 14 -33.72 -42.77 23.39
N VAL N 15 -35.01 -42.81 23.02
CA VAL N 15 -35.67 -44.09 22.80
C VAL N 15 -34.96 -44.81 21.66
N GLU N 16 -34.47 -46.02 21.94
CA GLU N 16 -33.75 -46.78 20.92
C GLU N 16 -34.64 -47.26 19.79
N GLN N 17 -35.96 -47.06 19.88
CA GLN N 17 -36.88 -47.49 18.84
C GLN N 17 -37.08 -46.45 17.74
N LEU N 18 -36.71 -45.20 17.99
CA LEU N 18 -36.90 -44.15 17.00
C LEU N 18 -35.75 -44.11 16.01
N GLU N 19 -36.10 -44.05 14.73
CA GLU N 19 -35.14 -43.87 13.64
C GLU N 19 -35.73 -42.82 12.71
N SER N 20 -35.24 -42.75 11.47
CA SER N 20 -35.75 -41.78 10.52
C SER N 20 -37.23 -42.05 10.21
N LEU N 21 -37.94 -40.99 9.84
CA LEU N 21 -39.35 -41.02 9.46
C LEU N 21 -40.28 -41.53 10.55
N SER N 22 -39.82 -41.61 11.79
CA SER N 22 -40.69 -42.06 12.88
C SER N 22 -41.79 -41.02 13.12
N VAL N 23 -43.03 -41.51 13.24
CA VAL N 23 -44.17 -40.60 13.38
C VAL N 23 -44.06 -39.83 14.68
N THR N 24 -44.20 -38.52 14.60
CA THR N 24 -44.05 -37.63 15.74
C THR N 24 -45.40 -37.09 16.15
N LYS N 25 -45.88 -37.50 17.32
CA LYS N 25 -47.00 -36.87 18.00
C LYS N 25 -46.49 -36.24 19.29
N ILE N 26 -47.22 -35.23 19.76
CA ILE N 26 -46.68 -34.35 20.80
C ILE N 26 -46.44 -35.12 22.09
N GLY N 27 -47.51 -35.64 22.69
CA GLY N 27 -47.43 -36.12 24.05
C GLY N 27 -46.78 -37.49 24.27
N GLN N 28 -45.99 -37.95 23.32
CA GLN N 28 -45.37 -39.27 23.42
C GLN N 28 -43.90 -39.15 23.80
N PRO N 29 -43.33 -40.19 24.42
CA PRO N 29 -41.96 -40.08 24.93
C PRO N 29 -40.93 -40.04 23.81
N LEU N 30 -39.87 -39.28 24.05
CA LEU N 30 -38.78 -39.10 23.09
C LEU N 30 -37.44 -39.58 23.64
N ALA N 31 -37.10 -39.21 24.88
CA ALA N 31 -35.80 -39.55 25.43
C ALA N 31 -35.88 -39.51 26.95
N VAL N 32 -34.98 -40.25 27.59
CA VAL N 32 -34.99 -40.43 29.03
C VAL N 32 -33.61 -40.06 29.59
N SER N 33 -33.60 -39.43 30.76
CA SER N 33 -32.35 -39.07 31.43
C SER N 33 -31.56 -40.32 31.82
N THR N 34 -30.26 -40.27 31.62
CA THR N 34 -29.38 -41.38 31.97
C THR N 34 -29.15 -41.46 33.47
N ASP O 13 -16.34 4.59 46.21
CA ASP O 13 -16.76 3.79 47.35
C ASP O 13 -18.15 3.20 47.13
N PRO O 14 -18.23 2.14 46.31
CA PRO O 14 -19.54 1.53 46.02
C PRO O 14 -20.31 1.07 47.25
N MET O 15 -19.63 0.80 48.37
CA MET O 15 -20.35 0.37 49.57
C MET O 15 -21.10 1.53 50.22
N LEU O 16 -20.63 2.77 50.05
CA LEU O 16 -21.37 3.92 50.55
C LEU O 16 -22.44 4.36 49.55
N ASN O 17 -22.11 4.38 48.26
CA ASN O 17 -23.13 4.65 47.25
C ASN O 17 -24.25 3.63 47.32
N SER O 18 -23.91 2.37 47.61
CA SER O 18 -24.94 1.38 47.87
C SER O 18 -25.67 1.68 49.17
N PHE O 19 -24.96 2.20 50.17
CA PHE O 19 -25.59 2.60 51.42
C PHE O 19 -26.53 3.78 51.21
N LYS O 20 -26.20 4.67 50.28
CA LYS O 20 -27.04 5.84 50.01
C LYS O 20 -28.28 5.46 49.22
N LEU O 21 -28.10 4.68 48.14
CA LEU O 21 -29.23 4.25 47.32
C LEU O 21 -30.27 3.51 48.16
N SER O 22 -29.81 2.70 49.11
CA SER O 22 -30.72 1.96 49.99
C SER O 22 -31.52 2.90 50.87
N LEU O 23 -30.83 3.80 51.58
CA LEU O 23 -31.48 4.84 52.36
C LEU O 23 -32.61 5.48 51.57
N GLN O 24 -32.35 5.79 50.31
CA GLN O 24 -33.38 6.36 49.44
C GLN O 24 -34.54 5.38 49.23
N TYR O 25 -34.24 4.09 49.08
CA TYR O 25 -35.28 3.12 48.77
C TYR O 25 -36.23 2.92 49.95
N ILE O 26 -35.74 3.08 51.18
CA ILE O 26 -36.53 2.80 52.37
C ILE O 26 -36.96 4.06 53.11
N LEU O 27 -36.32 5.20 52.86
CA LEU O 27 -36.75 6.44 53.51
C LEU O 27 -38.17 6.78 53.07
N PRO O 28 -39.08 7.06 54.01
CA PRO O 28 -40.41 7.54 53.61
C PRO O 28 -40.29 8.90 52.94
N LYS O 29 -40.07 8.88 51.62
CA LYS O 29 -39.65 10.08 50.90
C LYS O 29 -40.67 11.20 51.01
N LEU O 30 -41.96 10.87 51.12
CA LEU O 30 -43.00 11.89 51.10
C LEU O 30 -43.00 12.68 52.41
N TRP O 31 -42.99 11.99 53.55
CA TRP O 31 -43.27 12.64 54.83
C TRP O 31 -42.24 13.71 55.15
N LEU O 32 -40.97 13.47 54.82
CA LEU O 32 -39.94 14.45 55.14
C LEU O 32 -40.06 15.69 54.27
N THR O 33 -40.50 15.55 53.03
CA THR O 33 -40.67 16.70 52.15
C THR O 33 -41.68 17.69 52.74
N ARG O 34 -42.72 17.17 53.39
CA ARG O 34 -43.66 18.04 54.09
C ARG O 34 -42.99 18.69 55.30
N LEU O 35 -42.19 17.93 56.05
CA LEU O 35 -41.47 18.50 57.18
C LEU O 35 -40.35 19.43 56.71
N ALA O 36 -39.67 19.07 55.61
CA ALA O 36 -38.69 19.97 55.03
C ALA O 36 -39.34 21.28 54.60
N GLY O 37 -40.54 21.21 54.04
CA GLY O 37 -41.26 22.42 53.71
C GLY O 37 -41.75 23.16 54.94
N TRP O 38 -42.27 22.43 55.93
CA TRP O 38 -42.74 23.05 57.16
C TRP O 38 -41.64 23.86 57.83
N GLY O 39 -40.41 23.34 57.83
CA GLY O 39 -39.29 24.07 58.38
C GLY O 39 -38.79 25.16 57.46
N ALA O 40 -38.70 24.87 56.16
CA ALA O 40 -38.28 25.88 55.19
C ALA O 40 -39.34 26.94 54.95
N SER O 41 -40.55 26.77 55.49
CA SER O 41 -41.56 27.80 55.44
C SER O 41 -41.73 28.55 56.77
N LYS O 42 -41.29 27.97 57.87
CA LYS O 42 -41.21 28.70 59.12
C LYS O 42 -40.07 29.72 59.05
N ARG O 43 -40.01 30.60 60.04
CA ARG O 43 -39.08 31.73 59.92
C ARG O 43 -38.55 32.09 61.32
N ALA O 44 -37.54 31.34 61.75
CA ALA O 44 -36.73 31.73 62.91
C ALA O 44 -35.47 32.42 62.38
N GLY O 45 -35.32 33.70 62.72
CA GLY O 45 -34.26 34.54 62.20
C GLY O 45 -32.85 33.99 62.31
N TRP O 46 -32.39 33.72 63.54
CA TRP O 46 -30.99 33.33 63.73
C TRP O 46 -30.76 31.86 63.37
N LEU O 47 -31.79 31.02 63.44
CA LEU O 47 -31.62 29.62 63.04
C LEU O 47 -31.46 29.49 61.53
N THR O 48 -32.26 30.22 60.76
CA THR O 48 -32.27 30.05 59.30
C THR O 48 -30.92 30.38 58.70
N LYS O 49 -30.27 31.45 59.17
CA LYS O 49 -28.95 31.81 58.65
C LYS O 49 -27.94 30.69 58.86
N LEU O 50 -28.00 30.02 60.02
CA LEU O 50 -27.13 28.89 60.27
C LEU O 50 -27.38 27.76 59.28
N VAL O 51 -28.65 27.54 58.92
CA VAL O 51 -28.97 26.54 57.91
C VAL O 51 -28.40 26.95 56.56
N ILE O 52 -28.39 28.24 56.26
CA ILE O 52 -27.94 28.71 54.96
C ILE O 52 -26.42 28.62 54.86
N ASP O 53 -25.71 29.05 55.91
CA ASP O 53 -24.25 29.09 55.84
C ASP O 53 -23.66 27.70 55.65
N LEU O 54 -24.08 26.73 56.47
CA LEU O 54 -23.60 25.37 56.29
C LEU O 54 -23.98 24.81 54.92
N PHE O 55 -25.14 25.23 54.39
CA PHE O 55 -25.50 24.87 53.03
C PHE O 55 -24.55 25.51 52.02
N VAL O 56 -24.18 26.77 52.25
CA VAL O 56 -23.16 27.41 51.41
C VAL O 56 -21.81 26.76 51.61
N LYS O 57 -21.52 26.30 52.83
CA LYS O 57 -20.24 25.64 53.10
C LYS O 57 -20.21 24.24 52.50
N TYR O 58 -21.28 23.46 52.71
CA TYR O 58 -21.26 22.06 52.30
C TYR O 58 -21.40 21.89 50.79
N TYR O 59 -22.14 22.77 50.13
CA TYR O 59 -22.36 22.67 48.69
C TYR O 59 -21.53 23.67 47.89
N LYS O 60 -20.70 24.48 48.56
CA LYS O 60 -19.86 25.48 47.89
C LYS O 60 -20.70 26.43 47.04
N VAL O 61 -21.81 26.90 47.63
CA VAL O 61 -22.72 27.79 46.92
C VAL O 61 -22.06 29.14 46.68
N ASP O 62 -22.20 29.66 45.46
CA ASP O 62 -21.59 30.92 45.07
C ASP O 62 -22.53 32.06 45.45
N MET O 63 -22.23 32.74 46.55
CA MET O 63 -22.99 33.92 46.94
C MET O 63 -22.50 35.19 46.25
N LYS O 64 -21.27 35.18 45.72
CA LYS O 64 -20.76 36.35 45.01
C LYS O 64 -21.56 36.66 43.75
N GLU O 65 -22.26 35.66 43.19
CA GLU O 65 -23.14 35.88 42.06
C GLU O 65 -24.53 36.34 42.47
N ALA O 66 -24.98 35.99 43.67
CA ALA O 66 -26.32 36.31 44.11
C ALA O 66 -26.52 37.82 44.19
N GLN O 67 -27.77 38.25 44.00
CA GLN O 67 -28.08 39.66 44.09
C GLN O 67 -28.04 40.16 45.54
N LYS O 68 -28.28 39.26 46.50
CA LYS O 68 -28.13 39.55 47.92
C LYS O 68 -27.15 38.54 48.50
N PRO O 69 -25.84 38.76 48.34
CA PRO O 69 -24.86 37.79 48.85
C PRO O 69 -24.93 37.59 50.36
N ASP O 70 -25.57 38.50 51.09
CA ASP O 70 -25.68 38.36 52.54
C ASP O 70 -26.61 37.20 52.89
N THR O 71 -26.09 36.25 53.67
CA THR O 71 -26.89 35.09 54.03
C THR O 71 -27.93 35.43 55.09
N ALA O 72 -27.66 36.46 55.91
CA ALA O 72 -28.61 36.90 56.93
C ALA O 72 -29.59 37.95 56.40
N SER O 73 -29.76 38.02 55.07
CA SER O 73 -30.70 38.95 54.44
C SER O 73 -31.90 38.24 53.86
N TYR O 74 -32.21 37.04 54.34
CA TYR O 74 -33.37 36.26 53.92
C TYR O 74 -34.17 35.87 55.15
N ARG O 75 -35.37 35.34 54.93
CA ARG O 75 -36.29 35.04 56.01
C ARG O 75 -36.58 33.56 56.18
N THR O 76 -36.71 32.81 55.10
CA THR O 76 -36.89 31.37 55.15
C THR O 76 -35.91 30.71 54.20
N PHE O 77 -35.58 29.44 54.49
CA PHE O 77 -34.65 28.73 53.61
C PHE O 77 -35.27 28.49 52.24
N ASN O 78 -36.59 28.37 52.16
CA ASN O 78 -37.25 28.30 50.85
C ASN O 78 -36.98 29.56 50.04
N GLU O 79 -36.91 30.72 50.71
CA GLU O 79 -36.60 31.96 50.02
C GLU O 79 -35.17 31.97 49.51
N PHE O 80 -34.22 31.55 50.35
CA PHE O 80 -32.83 31.44 49.89
C PHE O 80 -32.69 30.40 48.81
N PHE O 81 -33.53 29.36 48.83
CA PHE O 81 -33.50 28.35 47.80
C PHE O 81 -33.92 28.90 46.44
N VAL O 82 -34.69 29.98 46.42
CA VAL O 82 -35.11 30.65 45.19
C VAL O 82 -34.47 32.03 45.14
N ARG O 83 -33.22 32.12 45.57
CA ARG O 83 -32.54 33.40 45.69
C ARG O 83 -32.47 34.11 44.34
N PRO O 84 -32.48 35.45 44.32
CA PRO O 84 -32.39 36.18 43.06
C PRO O 84 -30.96 36.39 42.60
N LEU O 85 -30.70 36.12 41.32
CA LEU O 85 -29.38 36.35 40.75
C LEU O 85 -29.24 37.79 40.29
N ARG O 86 -28.02 38.31 40.35
CA ARG O 86 -27.73 39.63 39.82
C ARG O 86 -28.12 39.70 38.35
N ASP O 87 -28.81 40.78 37.98
CA ASP O 87 -29.35 40.92 36.63
C ASP O 87 -28.26 40.86 35.55
N GLU O 88 -27.02 41.19 35.91
CA GLU O 88 -25.93 41.22 34.93
C GLU O 88 -25.19 39.89 34.82
N VAL O 89 -25.21 39.07 35.87
CA VAL O 89 -24.36 37.88 35.93
C VAL O 89 -24.72 36.83 34.88
N ARG O 90 -25.86 36.96 34.22
CA ARG O 90 -26.26 36.02 33.17
C ARG O 90 -26.79 36.80 31.97
N PRO O 91 -25.92 37.24 31.07
CA PRO O 91 -26.39 37.92 29.85
C PRO O 91 -26.84 36.91 28.80
N ILE O 92 -28.08 37.04 28.36
CA ILE O 92 -28.68 36.10 27.42
C ILE O 92 -28.22 36.42 26.01
N ASP O 93 -28.02 35.38 25.20
CA ASP O 93 -27.62 35.56 23.81
C ASP O 93 -28.66 36.39 23.07
N THR O 94 -28.17 37.40 22.32
CA THR O 94 -29.05 38.31 21.60
C THR O 94 -29.51 37.76 20.25
N ASP O 95 -28.88 36.71 19.74
CA ASP O 95 -29.26 36.13 18.46
C ASP O 95 -30.69 35.61 18.53
N PRO O 96 -31.62 36.16 17.75
CA PRO O 96 -33.01 35.69 17.79
C PRO O 96 -33.29 34.41 17.03
N ASN O 97 -32.26 33.68 16.59
CA ASN O 97 -32.43 32.41 15.91
C ASN O 97 -31.67 31.29 16.59
N VAL O 98 -31.12 31.51 17.78
CA VAL O 98 -30.52 30.46 18.59
C VAL O 98 -31.36 30.32 19.86
N LEU O 99 -31.30 29.13 20.45
CA LEU O 99 -32.04 28.83 21.68
C LEU O 99 -31.09 28.77 22.86
N VAL O 100 -31.45 29.48 23.94
CA VAL O 100 -30.55 29.69 25.07
C VAL O 100 -30.86 28.67 26.15
N MET O 101 -29.88 28.44 27.04
CA MET O 101 -30.01 27.35 28.01
C MET O 101 -30.97 27.75 29.12
N PRO O 102 -31.78 26.80 29.62
CA PRO O 102 -32.84 27.15 30.58
C PRO O 102 -32.36 27.44 32.00
N ALA O 103 -31.50 26.59 32.56
CA ALA O 103 -31.17 26.69 33.98
C ALA O 103 -29.74 26.26 34.24
N ASP O 104 -29.15 26.82 35.30
CA ASP O 104 -27.81 26.45 35.73
C ASP O 104 -27.77 24.98 36.14
N GLY O 105 -26.75 24.28 35.70
CA GLY O 105 -26.61 22.87 36.05
C GLY O 105 -25.63 22.20 35.11
N VAL O 106 -25.92 20.94 34.83
CA VAL O 106 -25.11 20.11 33.93
C VAL O 106 -26.05 19.32 33.03
N ILE O 107 -25.46 18.71 32.00
CA ILE O 107 -26.20 17.91 31.03
C ILE O 107 -26.11 16.45 31.46
N SER O 108 -27.23 15.91 31.95
CA SER O 108 -27.28 14.49 32.27
C SER O 108 -27.17 13.65 31.00
N GLN O 109 -28.16 13.76 30.12
CA GLN O 109 -28.18 13.00 28.87
C GLN O 109 -28.81 13.85 27.79
N LEU O 110 -28.05 14.17 26.75
CA LEU O 110 -28.55 14.86 25.57
C LEU O 110 -28.51 13.91 24.38
N GLY O 111 -28.87 14.43 23.21
CA GLY O 111 -28.90 13.65 22.00
C GLY O 111 -30.28 13.65 21.36
N LYS O 112 -30.59 12.55 20.68
CA LYS O 112 -31.84 12.40 19.94
C LYS O 112 -32.70 11.32 20.57
N ILE O 113 -33.96 11.64 20.82
CA ILE O 113 -34.91 10.68 21.39
C ILE O 113 -35.43 9.82 20.23
N GLU O 114 -35.03 8.56 20.20
CA GLU O 114 -35.32 7.68 19.07
C GLU O 114 -36.66 7.00 19.26
N GLU O 115 -37.58 7.25 18.32
CA GLU O 115 -38.86 6.56 18.22
C GLU O 115 -39.49 6.25 19.56
N ASP O 116 -39.70 7.26 20.40
CA ASP O 116 -40.27 7.11 21.73
C ASP O 116 -39.39 6.24 22.62
N LYS O 117 -38.07 6.46 22.54
CA LYS O 117 -37.12 5.84 23.46
C LYS O 117 -36.08 6.90 23.80
N ILE O 118 -36.06 7.33 25.07
CA ILE O 118 -35.26 8.46 25.51
C ILE O 118 -34.19 7.93 26.44
N LEU O 119 -32.93 8.24 26.12
CA LEU O 119 -31.76 7.73 26.85
C LEU O 119 -31.74 8.30 28.27
N GLN O 120 -32.19 7.50 29.23
CA GLN O 120 -32.12 7.88 30.64
C GLN O 120 -30.68 7.86 31.13
N ALA O 121 -30.09 6.68 31.16
CA ALA O 121 -28.67 6.52 31.47
C ALA O 121 -28.16 5.31 30.70
N LYS O 122 -26.90 4.95 30.95
CA LYS O 122 -26.30 3.83 30.23
C LYS O 122 -27.04 2.54 30.55
N GLY O 123 -27.59 1.90 29.52
CA GLY O 123 -28.38 0.71 29.71
C GLY O 123 -29.78 0.96 30.25
N HIS O 124 -30.28 2.19 30.15
CA HIS O 124 -31.60 2.52 30.66
C HIS O 124 -32.21 3.60 29.78
N ASN O 125 -33.34 3.29 29.15
CA ASN O 125 -34.16 4.27 28.46
C ASN O 125 -35.61 4.08 28.89
N TYR O 126 -36.46 5.04 28.52
CA TYR O 126 -37.86 5.02 28.90
C TYR O 126 -38.71 5.48 27.74
N SER O 127 -39.98 5.11 27.77
CA SER O 127 -40.90 5.44 26.71
C SER O 127 -41.35 6.89 26.81
N LEU O 128 -41.55 7.51 25.64
CA LEU O 128 -42.02 8.89 25.61
C LEU O 128 -43.42 9.01 26.21
N GLU O 129 -44.23 7.95 26.10
CA GLU O 129 -45.55 7.97 26.72
C GLU O 129 -45.45 7.93 28.24
N ALA O 130 -44.52 7.13 28.76
CA ALA O 130 -44.38 7.02 30.22
C ALA O 130 -44.00 8.35 30.84
N LEU O 131 -43.11 9.10 30.19
CA LEU O 131 -42.77 10.44 30.67
C LEU O 131 -43.96 11.37 30.60
N LEU O 132 -44.75 11.28 29.53
CA LEU O 132 -45.90 12.15 29.31
C LEU O 132 -47.22 11.50 29.71
N ALA O 133 -47.18 10.49 30.59
CA ALA O 133 -48.35 9.92 31.23
C ALA O 133 -49.36 9.33 30.24
N GLY O 134 -48.93 9.00 29.03
CA GLY O 134 -49.81 8.39 28.06
C GLY O 134 -50.54 9.35 27.13
N ASN O 135 -50.18 10.63 27.16
CA ASN O 135 -50.78 11.63 26.27
C ASN O 135 -50.20 11.41 24.87
N TYR O 136 -50.76 10.41 24.17
CA TYR O 136 -50.21 10.03 22.88
C TYR O 136 -50.41 11.08 21.81
N LEU O 137 -51.40 11.96 21.95
CA LEU O 137 -51.46 13.14 21.08
C LEU O 137 -50.21 13.99 21.24
N MET O 138 -49.70 14.09 22.47
CA MET O 138 -48.47 14.82 22.73
C MET O 138 -47.23 13.98 22.47
N ALA O 139 -47.35 12.65 22.52
CA ALA O 139 -46.21 11.80 22.23
C ALA O 139 -45.85 11.84 20.75
N ASP O 140 -46.86 11.80 19.87
CA ASP O 140 -46.61 11.84 18.44
C ASP O 140 -45.99 13.16 18.01
N LEU O 141 -46.12 14.21 18.81
CA LEU O 141 -45.54 15.51 18.46
C LEU O 141 -44.04 15.54 18.64
N PHE O 142 -43.47 14.64 19.44
CA PHE O 142 -42.06 14.68 19.77
C PHE O 142 -41.29 13.40 19.44
N ARG O 143 -41.96 12.37 18.93
CA ARG O 143 -41.24 11.13 18.61
C ARG O 143 -40.21 11.38 17.52
N ASN O 144 -39.05 10.74 17.66
CA ASN O 144 -37.90 10.87 16.77
C ASN O 144 -37.23 12.25 16.87
N GLY O 145 -37.55 13.03 17.90
CA GLY O 145 -36.94 14.33 18.10
C GLY O 145 -35.61 14.23 18.84
N THR O 146 -35.06 15.40 19.16
CA THR O 146 -33.85 15.50 19.95
C THR O 146 -34.21 15.90 21.38
N PHE O 147 -33.46 15.36 22.35
CA PHE O 147 -33.75 15.57 23.75
C PHE O 147 -32.52 16.11 24.46
N VAL O 148 -32.75 16.63 25.67
CA VAL O 148 -31.68 17.15 26.52
C VAL O 148 -32.12 17.04 27.98
N THR O 149 -31.35 16.30 28.77
CA THR O 149 -31.67 16.09 30.18
C THR O 149 -30.76 16.94 31.04
N THR O 150 -31.35 17.80 31.87
CA THR O 150 -30.61 18.71 32.72
C THR O 150 -30.93 18.41 34.18
N TYR O 151 -29.95 18.65 35.04
CA TYR O 151 -30.06 18.39 36.47
C TYR O 151 -29.63 19.64 37.23
N LEU O 152 -30.44 20.06 38.20
CA LEU O 152 -30.16 21.23 39.01
C LEU O 152 -29.62 20.76 40.36
N SER O 153 -28.37 21.06 40.63
CA SER O 153 -27.73 20.69 41.89
C SER O 153 -28.12 21.68 42.98
N PRO O 154 -28.13 21.23 44.25
CA PRO O 154 -28.45 22.16 45.35
C PRO O 154 -27.57 23.40 45.40
N ARG O 155 -26.40 23.38 44.77
CA ARG O 155 -25.55 24.56 44.71
C ARG O 155 -26.04 25.58 43.70
N ASP O 156 -26.77 25.14 42.67
CA ASP O 156 -27.07 25.97 41.52
C ASP O 156 -28.23 26.93 41.80
N TYR O 157 -28.76 27.51 40.74
CA TYR O 157 -29.85 28.48 40.80
C TYR O 157 -31.12 27.78 40.36
N HIS O 158 -32.12 27.75 41.25
CA HIS O 158 -33.26 26.84 41.11
C HIS O 158 -34.49 27.50 40.48
N ARG O 159 -34.31 28.59 39.76
CA ARG O 159 -35.39 29.19 38.96
C ARG O 159 -35.12 28.89 37.49
N VAL O 160 -36.07 28.25 36.83
CA VAL O 160 -35.94 27.91 35.43
C VAL O 160 -36.57 29.02 34.59
N HIS O 161 -35.90 29.38 33.50
CA HIS O 161 -36.39 30.38 32.57
C HIS O 161 -36.74 29.74 31.24
N MET O 162 -36.95 30.58 30.21
CA MET O 162 -37.38 30.11 28.91
C MET O 162 -36.22 30.03 27.93
N PRO O 163 -36.26 29.08 26.99
CA PRO O 163 -35.22 29.01 25.96
C PRO O 163 -35.45 29.88 24.74
N CYS O 164 -36.66 30.40 24.54
CA CYS O 164 -37.00 31.24 23.40
C CYS O 164 -38.35 31.90 23.67
N ASN O 165 -38.87 32.59 22.66
CA ASN O 165 -40.20 33.18 22.75
C ASN O 165 -41.26 32.14 22.42
N GLY O 166 -42.33 32.11 23.21
CA GLY O 166 -43.39 31.16 22.97
C GLY O 166 -44.68 31.54 23.67
N ILE O 167 -45.78 31.04 23.14
CA ILE O 167 -47.12 31.28 23.69
C ILE O 167 -47.54 30.03 24.46
N LEU O 168 -48.02 30.23 25.68
CA LEU O 168 -48.39 29.12 26.55
C LEU O 168 -49.63 28.41 26.01
N ARG O 169 -49.58 27.08 25.98
CA ARG O 169 -50.70 26.27 25.46
C ARG O 169 -51.21 25.31 26.53
N GLU O 170 -50.47 24.27 26.87
CA GLU O 170 -50.91 23.25 27.81
C GLU O 170 -50.10 23.31 29.11
N MET O 171 -50.53 22.51 30.08
CA MET O 171 -49.80 22.33 31.34
C MET O 171 -50.37 21.14 32.09
N ILE O 172 -49.53 20.17 32.45
CA ILE O 172 -49.96 18.93 33.07
C ILE O 172 -49.14 18.68 34.33
N TYR O 173 -49.84 18.48 35.45
CA TYR O 173 -49.23 17.95 36.67
C TYR O 173 -49.50 16.46 36.75
N VAL O 174 -48.46 15.68 37.03
CA VAL O 174 -48.57 14.23 37.14
C VAL O 174 -48.26 13.84 38.58
N PRO O 175 -49.18 13.16 39.28
CA PRO O 175 -48.86 12.68 40.62
C PRO O 175 -47.84 11.56 40.55
N GLY O 176 -46.74 11.71 41.28
CA GLY O 176 -45.68 10.74 41.22
C GLY O 176 -44.95 10.58 42.53
N ASP O 177 -44.04 9.62 42.54
CA ASP O 177 -43.22 9.38 43.72
C ASP O 177 -42.21 10.51 43.89
N LEU O 178 -41.33 10.37 44.89
CA LEU O 178 -40.38 11.42 45.21
C LEU O 178 -38.99 10.82 45.48
N PHE O 179 -38.42 10.18 44.46
CA PHE O 179 -37.01 9.82 44.51
C PHE O 179 -36.16 11.03 44.20
N SER O 180 -34.90 10.98 44.64
CA SER O 180 -33.96 12.03 44.29
C SER O 180 -33.57 11.88 42.82
N VAL O 181 -32.59 12.67 42.39
CA VAL O 181 -32.25 12.71 40.97
C VAL O 181 -30.74 12.90 40.86
N ASN O 182 -30.02 12.52 41.91
CA ASN O 182 -28.56 12.49 41.83
C ASN O 182 -28.12 11.51 40.75
N HIS O 183 -26.95 11.78 40.19
CA HIS O 183 -26.50 10.94 39.08
C HIS O 183 -26.11 9.53 39.51
N LEU O 184 -26.44 9.09 40.72
CA LEU O 184 -26.37 7.68 41.07
C LEU O 184 -27.70 6.98 40.78
N THR O 185 -28.80 7.55 41.27
CA THR O 185 -30.11 6.97 41.03
C THR O 185 -30.50 7.03 39.56
N ALA O 186 -29.99 8.03 38.82
CA ALA O 186 -30.33 8.15 37.42
C ALA O 186 -29.88 6.96 36.59
N GLN O 187 -28.93 6.16 37.10
CA GLN O 187 -28.40 5.02 36.39
C GLN O 187 -29.00 3.69 36.83
N ASN O 188 -29.89 3.70 37.83
CA ASN O 188 -30.39 2.44 38.37
C ASN O 188 -31.92 2.38 38.36
N VAL O 189 -32.58 3.42 38.85
CA VAL O 189 -34.03 3.42 38.99
C VAL O 189 -34.69 3.42 37.62
N PRO O 190 -35.54 2.45 37.31
CA PRO O 190 -36.15 2.40 35.98
C PRO O 190 -37.26 3.43 35.85
N ASN O 191 -37.21 4.20 34.76
CA ASN O 191 -38.19 5.25 34.48
C ASN O 191 -38.32 6.20 35.67
N LEU O 192 -37.16 6.73 36.10
CA LEU O 192 -37.15 7.67 37.21
C LEU O 192 -37.99 8.90 36.91
N PHE O 193 -37.76 9.51 35.76
CA PHE O 193 -38.47 10.74 35.40
C PHE O 193 -39.89 10.49 34.95
N ALA O 194 -40.24 9.25 34.63
CA ALA O 194 -41.60 8.91 34.24
C ALA O 194 -42.46 8.47 35.42
N ARG O 195 -41.87 8.36 36.61
CA ARG O 195 -42.59 7.95 37.82
C ARG O 195 -42.65 9.05 38.87
N ASN O 196 -41.58 9.82 39.01
CA ASN O 196 -41.52 10.84 40.05
C ASN O 196 -42.52 11.96 39.79
N GLU O 197 -42.78 12.75 40.84
CA GLU O 197 -43.64 13.91 40.71
C GLU O 197 -43.04 14.92 39.74
N ARG O 198 -43.88 15.46 38.86
CA ARG O 198 -43.38 16.32 37.80
C ARG O 198 -44.54 17.13 37.23
N VAL O 199 -44.20 18.30 36.68
CA VAL O 199 -45.16 19.18 36.01
C VAL O 199 -44.72 19.38 34.58
N ILE O 200 -45.67 19.31 33.65
CA ILE O 200 -45.39 19.40 32.22
C ILE O 200 -45.87 20.76 31.70
N CYS O 201 -45.12 21.29 30.74
CA CYS O 201 -45.44 22.57 30.12
C CYS O 201 -45.15 22.48 28.62
N LEU O 202 -46.07 23.01 27.81
CA LEU O 202 -45.98 22.95 26.36
C LEU O 202 -46.31 24.31 25.77
N PHE O 203 -45.42 24.83 24.94
CA PHE O 203 -45.55 26.14 24.31
C PHE O 203 -45.71 26.02 22.81
N ASP O 204 -46.10 27.13 22.19
CA ASP O 204 -46.09 27.30 20.74
C ASP O 204 -45.06 28.39 20.43
N THR O 205 -43.86 27.97 20.07
CA THR O 205 -42.79 28.90 19.69
C THR O 205 -42.67 28.95 18.18
N GLU O 206 -42.06 30.04 17.69
CA GLU O 206 -41.84 30.20 16.26
C GLU O 206 -40.92 29.14 15.68
N PHE O 207 -40.23 28.38 16.53
CA PHE O 207 -39.41 27.26 16.11
C PHE O 207 -40.17 25.94 16.10
N GLY O 208 -41.45 25.95 16.45
CA GLY O 208 -42.26 24.76 16.43
C GLY O 208 -42.94 24.47 17.77
N PRO O 209 -43.40 23.24 17.95
CA PRO O 209 -43.95 22.83 19.25
C PRO O 209 -42.82 22.45 20.20
N MET O 210 -42.77 23.12 21.36
CA MET O 210 -41.69 22.94 22.31
C MET O 210 -42.27 22.71 23.70
N ALA O 211 -41.65 21.80 24.45
CA ALA O 211 -42.13 21.41 25.77
C ALA O 211 -41.04 21.58 26.81
N GLN O 212 -41.46 21.90 28.03
CA GLN O 212 -40.54 22.10 29.16
C GLN O 212 -41.10 21.38 30.38
N ILE O 213 -40.31 20.48 30.96
CA ILE O 213 -40.74 19.65 32.07
C ILE O 213 -39.87 19.97 33.29
N LEU O 214 -40.49 19.99 34.46
CA LEU O 214 -39.82 20.17 35.73
C LEU O 214 -40.06 18.95 36.60
N VAL O 215 -38.98 18.36 37.12
CA VAL O 215 -39.04 17.14 37.91
C VAL O 215 -38.59 17.47 39.33
N GLY O 216 -39.36 17.00 40.31
CA GLY O 216 -39.05 17.25 41.71
C GLY O 216 -38.23 16.13 42.32
N ALA O 217 -37.27 16.51 43.16
CA ALA O 217 -36.40 15.56 43.82
C ALA O 217 -37.07 15.05 45.10
N THR O 218 -36.31 14.35 45.94
CA THR O 218 -36.87 13.84 47.19
C THR O 218 -37.04 14.91 48.25
N ILE O 219 -36.27 15.99 48.18
CA ILE O 219 -36.41 17.13 49.08
C ILE O 219 -37.05 18.32 48.37
N VAL O 220 -36.50 18.70 47.22
CA VAL O 220 -37.11 19.69 46.36
C VAL O 220 -38.36 19.08 45.75
N GLY O 221 -39.52 19.32 46.38
CA GLY O 221 -40.76 18.73 45.92
C GLY O 221 -41.81 19.75 45.53
N SER O 222 -41.69 20.97 46.04
CA SER O 222 -42.63 22.02 45.71
C SER O 222 -42.28 22.64 44.36
N ILE O 223 -43.25 22.68 43.46
CA ILE O 223 -43.08 23.20 42.12
C ILE O 223 -44.06 24.35 41.91
N GLU O 224 -43.57 25.46 41.37
CA GLU O 224 -44.44 26.60 41.09
C GLU O 224 -43.96 27.30 39.83
N THR O 225 -44.92 27.78 39.05
CA THR O 225 -44.68 28.57 37.84
C THR O 225 -45.13 30.02 38.08
N VAL O 226 -44.88 30.87 37.08
CA VAL O 226 -45.10 32.30 37.28
C VAL O 226 -46.54 32.73 37.04
N TRP O 227 -47.33 31.93 36.31
CA TRP O 227 -48.70 32.31 36.01
C TRP O 227 -49.74 31.68 36.94
N ALA O 228 -49.50 30.45 37.40
CA ALA O 228 -50.47 29.73 38.21
C ALA O 228 -49.97 29.46 39.63
N GLY O 229 -48.81 30.01 40.01
CA GLY O 229 -48.32 29.83 41.36
C GLY O 229 -47.94 28.39 41.69
N THR O 230 -47.98 28.08 42.98
CA THR O 230 -47.63 26.76 43.47
C THR O 230 -48.66 25.74 43.02
N ILE O 231 -48.26 24.83 42.14
CA ILE O 231 -49.15 23.75 41.71
C ILE O 231 -49.12 22.60 42.71
N THR O 232 -47.96 22.34 43.31
CA THR O 232 -47.79 21.32 44.32
C THR O 232 -46.75 21.84 45.32
N PRO O 233 -46.99 21.74 46.63
CA PRO O 233 -48.16 21.17 47.32
C PRO O 233 -49.42 22.01 47.15
N PRO O 234 -50.60 21.45 47.48
CA PRO O 234 -50.86 20.08 47.96
C PRO O 234 -50.77 19.02 46.87
N ARG O 235 -50.62 17.77 47.29
CA ARG O 235 -50.50 16.63 46.38
C ARG O 235 -51.83 15.88 46.42
N GLU O 236 -52.56 15.90 45.32
CA GLU O 236 -53.90 15.32 45.25
C GLU O 236 -53.94 13.98 44.53
N GLY O 237 -52.78 13.43 44.17
CA GLY O 237 -52.71 12.09 43.62
C GLY O 237 -53.41 11.89 42.29
N ILE O 238 -53.78 13.00 41.63
CA ILE O 238 -54.50 12.94 40.37
C ILE O 238 -53.76 13.79 39.34
N ILE O 239 -54.04 13.52 38.08
CA ILE O 239 -53.46 14.27 36.97
C ILE O 239 -54.35 15.48 36.70
N LYS O 240 -53.73 16.66 36.66
CA LYS O 240 -54.43 17.90 36.32
C LYS O 240 -53.98 18.35 34.94
N ARG O 241 -54.78 19.25 34.34
CA ARG O 241 -54.47 19.74 33.01
C ARG O 241 -55.18 21.07 32.78
N TRP O 242 -54.46 22.02 32.20
CA TRP O 242 -54.98 23.35 31.90
C TRP O 242 -54.59 23.72 30.48
N THR O 243 -55.47 24.44 29.79
CA THR O 243 -55.26 24.86 28.42
C THR O 243 -55.26 26.38 28.31
N TRP O 244 -54.87 26.87 27.14
CA TRP O 244 -54.74 28.30 26.89
C TRP O 244 -54.96 28.57 25.41
N PRO O 245 -55.33 29.80 25.04
CA PRO O 245 -55.54 30.12 23.61
C PRO O 245 -54.25 30.17 22.81
N ALA O 246 -54.35 30.52 21.52
CA ALA O 246 -53.24 30.48 20.58
C ALA O 246 -52.61 31.86 20.36
N GLY O 247 -52.37 32.62 21.43
CA GLY O 247 -51.68 33.90 21.29
C GLY O 247 -52.52 35.02 20.73
N GLU O 248 -52.23 36.25 21.15
CA GLU O 248 -52.93 37.45 20.70
C GLU O 248 -54.44 37.30 20.90
N ASN O 249 -54.82 36.86 22.10
CA ASN O 249 -56.22 36.61 22.44
C ASN O 249 -56.49 37.10 23.85
N ASP O 250 -57.77 37.09 24.22
CA ASP O 250 -58.18 37.47 25.57
C ASP O 250 -57.63 36.47 26.57
N GLY O 251 -56.87 36.98 27.54
CA GLY O 251 -56.23 36.12 28.52
C GLY O 251 -55.04 35.33 28.02
N SER O 252 -54.66 35.49 26.74
CA SER O 252 -53.53 34.77 26.21
C SER O 252 -52.24 35.18 26.91
N VAL O 253 -51.51 34.20 27.42
CA VAL O 253 -50.28 34.42 28.17
C VAL O 253 -49.11 33.89 27.35
N ALA O 254 -48.05 34.69 27.25
CA ALA O 254 -46.82 34.30 26.57
C ALA O 254 -45.66 35.01 27.26
N LEU O 255 -44.45 34.63 26.87
CA LEU O 255 -43.26 35.27 27.44
C LEU O 255 -42.07 35.09 26.51
N LEU O 256 -41.05 35.90 26.75
CA LEU O 256 -39.96 36.10 25.80
C LEU O 256 -38.84 35.08 26.03
N LYS O 257 -37.73 35.29 25.31
CA LYS O 257 -36.53 34.46 25.46
C LYS O 257 -35.81 34.84 26.75
N GLY O 258 -35.79 33.91 27.71
CA GLY O 258 -35.09 34.11 28.96
C GLY O 258 -35.94 34.61 30.12
N GLN O 259 -37.24 34.80 29.91
CA GLN O 259 -38.08 35.27 31.01
C GLN O 259 -38.34 34.13 32.00
N GLU O 260 -38.42 34.49 33.28
CA GLU O 260 -38.69 33.51 34.32
C GLU O 260 -40.07 32.88 34.13
N MET O 261 -40.12 31.56 34.15
CA MET O 261 -41.36 30.83 33.96
C MET O 261 -41.71 29.89 35.11
N GLY O 262 -40.72 29.36 35.82
CA GLY O 262 -40.98 28.45 36.93
C GLY O 262 -39.77 28.34 37.83
N ARG O 263 -39.99 27.71 38.98
CA ARG O 263 -38.93 27.57 39.96
C ARG O 263 -39.23 26.38 40.87
N PHE O 264 -38.18 25.89 41.52
CA PHE O 264 -38.28 24.77 42.44
C PHE O 264 -38.27 25.26 43.89
N LYS O 265 -38.90 24.50 44.76
CA LYS O 265 -39.04 24.88 46.16
C LYS O 265 -39.14 23.63 47.02
N LEU O 266 -38.76 23.76 48.29
CA LEU O 266 -38.90 22.67 49.23
C LEU O 266 -40.31 22.62 49.79
N GLY O 267 -40.88 21.41 49.85
CA GLY O 267 -42.22 21.23 50.36
C GLY O 267 -43.00 20.14 49.64
N THR P 2 -33.98 19.48 38.45
CA THR P 2 -33.87 18.68 37.23
C THR P 2 -34.98 19.00 36.23
N VAL P 3 -34.57 19.47 35.05
CA VAL P 3 -35.49 19.81 33.97
C VAL P 3 -35.05 19.10 32.70
N ILE P 4 -36.00 18.92 31.79
CA ILE P 4 -35.74 18.34 30.48
C ILE P 4 -36.56 19.10 29.45
N ASN P 5 -36.00 19.25 28.25
CA ASN P 5 -36.65 19.96 27.17
C ASN P 5 -36.77 19.02 25.98
N LEU P 6 -38.01 18.80 25.52
CA LEU P 6 -38.31 17.89 24.43
C LEU P 6 -38.48 18.69 23.14
N PHE P 7 -37.71 18.33 22.12
CA PHE P 7 -37.66 19.08 20.87
C PHE P 7 -38.21 18.24 19.72
N ALA P 8 -39.01 18.88 18.86
CA ALA P 8 -39.58 18.21 17.69
C ALA P 8 -38.52 18.04 16.61
N PRO P 9 -38.55 16.94 15.88
CA PRO P 9 -37.47 16.65 14.92
C PRO P 9 -37.56 17.51 13.67
N GLY P 10 -36.38 17.85 13.13
CA GLY P 10 -36.26 18.47 11.83
C GLY P 10 -36.04 19.96 11.86
N LYS P 11 -36.51 20.65 12.90
CA LYS P 11 -36.48 22.11 12.91
C LYS P 11 -35.33 22.70 13.71
N VAL P 12 -34.59 21.89 14.47
CA VAL P 12 -33.54 22.38 15.36
C VAL P 12 -32.39 21.39 15.39
N ASN P 13 -31.17 21.89 15.22
CA ASN P 13 -29.95 21.16 15.50
C ASN P 13 -29.26 21.76 16.71
N LEU P 14 -28.59 20.92 17.49
CA LEU P 14 -27.97 21.32 18.74
C LEU P 14 -26.47 21.48 18.59
N VAL P 15 -25.84 22.03 19.62
CA VAL P 15 -24.38 22.17 19.64
C VAL P 15 -23.76 20.78 19.74
N GLU P 16 -23.03 20.39 18.69
CA GLU P 16 -22.41 19.07 18.68
C GLU P 16 -21.33 18.94 19.74
N GLN P 17 -20.63 20.03 20.05
CA GLN P 17 -19.59 19.99 21.08
C GLN P 17 -20.18 19.72 22.45
N LEU P 18 -21.40 20.18 22.71
CA LEU P 18 -22.06 19.89 23.98
C LEU P 18 -22.35 18.41 24.10
N GLU P 19 -21.94 17.83 25.23
CA GLU P 19 -22.14 16.41 25.50
C GLU P 19 -22.65 16.27 26.93
N SER P 20 -22.68 15.05 27.42
CA SER P 20 -23.07 14.82 28.81
C SER P 20 -22.06 15.46 29.75
N LEU P 21 -22.54 15.84 30.93
CA LEU P 21 -21.77 16.46 32.01
C LEU P 21 -21.26 17.85 31.66
N SER P 22 -21.55 18.37 30.47
CA SER P 22 -21.11 19.71 30.11
C SER P 22 -21.76 20.73 31.03
N VAL P 23 -20.93 21.58 31.63
CA VAL P 23 -21.43 22.57 32.58
C VAL P 23 -22.39 23.52 31.87
N THR P 24 -23.53 23.77 32.51
CA THR P 24 -24.63 24.52 31.91
C THR P 24 -24.89 25.78 32.71
N LYS P 25 -24.73 26.93 32.06
CA LYS P 25 -25.16 28.22 32.60
C LYS P 25 -26.30 28.76 31.74
N ILE P 26 -27.08 29.67 32.33
CA ILE P 26 -28.37 30.04 31.73
C ILE P 26 -28.17 30.88 30.47
N GLY P 27 -27.63 32.09 30.62
CA GLY P 27 -27.51 32.98 29.48
C GLY P 27 -26.51 32.54 28.44
N GLN P 28 -26.54 31.28 28.04
CA GLN P 28 -25.52 30.72 27.16
C GLN P 28 -26.18 29.84 26.11
N PRO P 29 -25.59 29.70 24.92
CA PRO P 29 -26.30 29.09 23.80
C PRO P 29 -26.47 27.59 23.95
N LEU P 30 -27.58 27.08 23.39
CA LEU P 30 -27.87 25.66 23.43
C LEU P 30 -28.03 25.05 22.03
N ALA P 31 -28.79 25.70 21.14
CA ALA P 31 -29.06 25.15 19.82
C ALA P 31 -29.44 26.29 18.88
N VAL P 32 -29.61 25.94 17.61
CA VAL P 32 -29.91 26.90 16.55
C VAL P 32 -30.89 26.28 15.57
N SER P 33 -31.76 27.12 15.00
CA SER P 33 -32.72 26.68 14.00
C SER P 33 -32.02 26.08 12.78
N THR P 34 -32.81 25.39 11.96
CA THR P 34 -32.32 24.76 10.75
C THR P 34 -32.80 25.45 9.47
N GLU P 35 -33.42 26.62 9.60
CA GLU P 35 -33.91 27.35 8.43
C GLU P 35 -32.95 28.47 8.05
#